data_7MYC
#
_entry.id   7MYC
#
_cell.length_a   100.932
_cell.length_b   101.496
_cell.length_c   125.741
_cell.angle_alpha   90.000
_cell.angle_beta   106.540
_cell.angle_gamma   90.000
#
_symmetry.space_group_name_H-M   'P 1 21 1'
#
loop_
_entity.id
_entity.type
_entity.pdbx_description
1 polymer 'Bifunctional protein PutA'
2 non-polymer '[(2R,3S,4R,5R)-5-(6-amino-9H-purin-9-yl)-3,4-dihydroxytetrahydrofuran-2-yl]methyl (2R,3S,4S)-5-{7,8-dimethyl-2,4-dioxo-5-[(2R)-tetrahydrothiophen-2-yl]-1,3,4,5-tetrahydrobenzo[g]pteridin-10(2H)-yl}-2,3,4-trihydroxypentyl dihydrogen diphosphate (non-preferred name)'
3 non-polymer '1,4-DIHYDRONICOTINAMIDE ADENINE DINUCLEOTIDE'
4 non-polymer 'SULFATE ION'
5 non-polymer 'TRIETHYLENE GLYCOL'
6 non-polymer 'FORMIC ACID'
7 non-polymer 'MAGNESIUM ION'
8 non-polymer DI(HYDROXYETHYL)ETHER
9 water water
#
_entity_poly.entity_id   1
_entity_poly.type   'polypeptide(L)'
_entity_poly.pdbx_seq_one_letter_code
;SMMSPNPLQKPAIDAAPAPFADFAPPVRPQSTLRRAITAAYRRPETECLPPLVEAATQSKEIRDAAASTARKLIEALRGK
HSGSGVEGLVQEYSLSSQEGVALMCLAEALLRIPDTATRDALIRDKIADGNWKSHLGGSRSLFVNAATWGLVVTGKLTST
VNDRSLAAALTRLISRCGEPVIRRGVDMAMRMMGEQFVTGETIREALKRSKELEEKGFSYSYDMLGEAATTAADAERYYR
DYESAIHAIGKASAGRGIYEGPGISIKLSALHPRYSRAQAARVMGELLPRVKALALLAKNYDIGLNIDAEEADRLELSLD
LLEVLCLDGDLSGWNGMGFVVQAYGKRCPFVLDFIIDLARRSGRRIMVRLVKGAYWDAEIKRAQLDGLADFPVFTRKIHT
DVSYIACAAKLLAATDVVFPQFATHNAQTLAAIYHMAGKDFHVGKYEFQCLHGMGEPLYEEVVGRGKLDRPCRIYAPVGT
HETLLAYLVRRLLENGANSSFVHRINDPKVSIDELIADPVEVVRAMPVVGAKHDRIALPAELFGDARTNSAGLDLSNEET
LASLTEALRESAAMKWTALPQLATGPAAGETRTVLNPGDHRDVVGSVTETSEEDARRAVRLAADAAPDWAAVPPSERAAC
LDRAAELMQARMPTLLGLIIREAGKSALNAIAEVREAIDFLRYYAEQTRRTLGPGHGPLGPIVCISPWNFPLAIFTGQIA
AALVAGNPVLAKPAEETPLIAAEGVRILREAGIPASALQLLPGDGRVGAALVAAAETAGVMFTGSTEVARLIQAQLADRL
SPAGRPIPLIAETGGQNAMIVDSSALAEQVVGDVITSAFDSAGQRCSALRVLCLQEDVADRILTMLKGALHELHIGRTDR
LSVDVGPVITSEAKDNIEKHIERMRGLGRKVEQIGLASETGVGTFVPPTIIELEKLSDLQREVFGPVLHVIRYRRDDLDR
LVDDVNATGYGLTFGLHTRLDETIAHVTSRIKAGNLYINRNIIGAVVGVQPFGGRGLSGTGPKAGGPLYLGRLVTTAPVP
PQHSSVHTDPVLLDFAKWLDGKGARAEAEAARNAGSSSALGLDLELPGPVGERNLYTLHARGRILLVPATESGLYHQLAA
ALATGNSVAIDAASGLQASLKNLPQTVGLRVSWSKDWAADGPFAGALVEGDAERIRAVNKAIAALPGPLLLVQAASSGEI
ARNPDAYCLNWLVEEVSASINTAAAGGNASLMAIG
;
_entity_poly.pdbx_strand_id   A,B
#
# COMPACT_ATOMS: atom_id res chain seq x y z
N ALA A 16 40.19 27.83 -36.14
CA ALA A 16 39.67 27.34 -34.88
C ALA A 16 38.75 28.37 -34.24
N PRO A 17 37.44 28.10 -34.23
CA PRO A 17 36.50 29.05 -33.62
C PRO A 17 36.81 29.24 -32.14
N ALA A 18 36.57 30.45 -31.65
CA ALA A 18 36.83 30.73 -30.25
C ALA A 18 35.85 29.96 -29.37
N PRO A 19 36.30 29.39 -28.27
CA PRO A 19 35.42 28.53 -27.46
C PRO A 19 34.21 29.32 -26.96
N PHE A 20 33.02 28.75 -27.16
CA PHE A 20 31.76 29.31 -26.68
C PHE A 20 31.37 30.63 -27.33
N ALA A 21 32.01 31.01 -28.43
CA ALA A 21 31.64 32.24 -29.12
C ALA A 21 30.24 32.16 -29.74
N ASP A 22 29.74 30.96 -29.99
CA ASP A 22 28.42 30.80 -30.59
C ASP A 22 27.59 29.83 -29.77
N PHE A 23 27.70 29.90 -28.45
CA PHE A 23 27.12 28.89 -27.56
C PHE A 23 25.60 28.81 -27.70
N ALA A 24 24.90 29.92 -27.46
CA ALA A 24 23.45 29.94 -27.55
C ALA A 24 22.90 31.33 -27.88
N PRO A 25 23.32 31.96 -28.97
CA PRO A 25 22.81 33.31 -29.27
C PRO A 25 21.30 33.27 -29.47
N PRO A 26 20.57 34.24 -28.91
CA PRO A 26 19.11 34.26 -29.08
C PRO A 26 18.71 34.50 -30.53
N VAL A 27 17.48 34.12 -30.84
CA VAL A 27 16.98 34.31 -32.20
C VAL A 27 16.99 35.78 -32.57
N ARG A 28 16.67 36.65 -31.62
CA ARG A 28 16.71 38.09 -31.83
C ARG A 28 17.08 38.74 -30.53
N PRO A 29 17.56 39.98 -30.56
CA PRO A 29 17.77 40.72 -29.31
C PRO A 29 16.46 40.80 -28.54
N GLN A 30 16.54 40.57 -27.24
CA GLN A 30 15.36 40.49 -26.39
C GLN A 30 14.87 41.90 -26.08
N SER A 31 13.66 42.22 -26.54
CA SER A 31 13.07 43.50 -26.23
C SER A 31 12.70 43.61 -24.75
N THR A 32 12.39 44.83 -24.33
CA THR A 32 11.89 45.06 -22.98
C THR A 32 10.70 44.16 -22.67
N LEU A 33 9.77 44.04 -23.62
CA LEU A 33 8.61 43.17 -23.40
C LEU A 33 8.99 41.70 -23.31
N ARG A 34 9.92 41.25 -24.18
CA ARG A 34 10.38 39.87 -24.10
C ARG A 34 11.10 39.60 -22.79
N ARG A 35 11.92 40.56 -22.34
CA ARG A 35 12.67 40.35 -21.11
C ARG A 35 11.73 40.27 -19.91
N ALA A 36 10.64 41.03 -19.93
CA ALA A 36 9.67 40.96 -18.85
C ALA A 36 9.01 39.58 -18.78
N ILE A 37 8.83 38.92 -19.94
CA ILE A 37 8.35 37.54 -19.95
C ILE A 37 9.37 36.62 -19.25
N THR A 38 10.63 36.68 -19.68
CA THR A 38 11.64 35.77 -19.14
C THR A 38 11.81 35.97 -17.65
N ALA A 39 11.73 37.23 -17.19
CA ALA A 39 11.90 37.51 -15.78
C ALA A 39 10.87 36.82 -14.91
N ALA A 40 9.66 36.55 -15.44
CA ALA A 40 8.59 35.91 -14.69
C ALA A 40 8.62 34.37 -14.72
N TYR A 41 9.56 33.79 -15.47
CA TYR A 41 9.50 32.35 -15.80
C TYR A 41 9.25 31.50 -14.55
N ARG A 42 10.02 31.72 -13.49
CA ARG A 42 9.86 30.94 -12.27
C ARG A 42 9.69 31.84 -11.06
N ARG A 43 8.99 32.95 -11.25
CA ARG A 43 8.78 33.89 -10.16
C ARG A 43 8.08 33.19 -8.99
N PRO A 44 8.45 33.48 -7.75
CA PRO A 44 7.77 32.88 -6.61
C PRO A 44 6.26 33.09 -6.68
N GLU A 45 5.53 32.09 -6.21
CA GLU A 45 4.08 32.08 -6.40
C GLU A 45 3.42 33.20 -5.59
N THR A 46 3.94 33.50 -4.39
CA THR A 46 3.44 34.61 -3.57
C THR A 46 3.65 35.96 -4.23
N GLU A 47 4.63 36.07 -5.13
CA GLU A 47 4.84 37.33 -5.83
C GLU A 47 3.95 37.45 -7.07
N CYS A 48 3.58 36.33 -7.69
CA CYS A 48 2.78 36.40 -8.92
C CYS A 48 1.35 36.82 -8.64
N LEU A 49 0.79 36.36 -7.52
CA LEU A 49 -0.65 36.45 -7.31
C LEU A 49 -1.17 37.86 -7.03
N PRO A 50 -0.50 38.70 -6.23
CA PRO A 50 -1.12 40.00 -5.85
C PRO A 50 -1.48 40.86 -7.05
N PRO A 51 -0.60 41.04 -8.06
CA PRO A 51 -1.04 41.79 -9.25
C PRO A 51 -2.20 41.11 -9.97
N LEU A 52 -2.25 39.78 -9.96
CA LEU A 52 -3.36 39.07 -10.60
C LEU A 52 -4.66 39.28 -9.82
N VAL A 53 -4.60 39.15 -8.48
CA VAL A 53 -5.78 39.44 -7.67
C VAL A 53 -6.32 40.83 -7.99
N GLU A 54 -5.42 41.82 -8.10
CA GLU A 54 -5.89 43.19 -8.33
C GLU A 54 -6.50 43.35 -9.71
N ALA A 55 -5.87 42.76 -10.73
CA ALA A 55 -6.39 42.87 -12.09
C ALA A 55 -7.74 42.17 -12.25
N ALA A 56 -7.97 41.10 -11.48
CA ALA A 56 -9.17 40.29 -11.59
C ALA A 56 -10.33 40.78 -10.71
N THR A 57 -10.09 41.79 -9.87
CA THR A 57 -11.14 42.27 -8.98
C THR A 57 -12.23 42.98 -9.78
N GLN A 58 -13.49 42.66 -9.45
CA GLN A 58 -14.65 43.32 -10.03
C GLN A 58 -15.54 43.84 -8.90
N SER A 59 -16.51 44.67 -9.26
CA SER A 59 -17.35 45.31 -8.25
C SER A 59 -18.26 44.28 -7.58
N LYS A 60 -18.78 44.66 -6.41
CA LYS A 60 -19.75 43.81 -5.72
C LYS A 60 -20.95 43.51 -6.62
N GLU A 61 -21.46 44.55 -7.30
CA GLU A 61 -22.57 44.35 -8.22
C GLU A 61 -22.24 43.32 -9.30
N ILE A 62 -21.03 43.42 -9.88
CA ILE A 62 -20.63 42.44 -10.89
C ILE A 62 -20.52 41.05 -10.28
N ARG A 63 -19.88 40.95 -9.11
CA ARG A 63 -19.66 39.63 -8.51
C ARG A 63 -20.98 38.95 -8.18
N ASP A 64 -21.94 39.70 -7.61
CA ASP A 64 -23.27 39.14 -7.37
C ASP A 64 -23.93 38.71 -8.67
N ALA A 65 -23.86 39.55 -9.71
CA ALA A 65 -24.45 39.18 -10.99
C ALA A 65 -23.79 37.94 -11.56
N ALA A 66 -22.48 37.82 -11.37
CA ALA A 66 -21.77 36.68 -11.95
C ALA A 66 -22.15 35.39 -11.23
N ALA A 67 -22.30 35.43 -9.90
CA ALA A 67 -22.71 34.24 -9.17
C ALA A 67 -24.10 33.78 -9.57
N SER A 68 -25.02 34.73 -9.80
CA SER A 68 -26.36 34.36 -10.22
C SER A 68 -26.33 33.70 -11.59
N THR A 69 -25.58 34.26 -12.54
CA THR A 69 -25.45 33.65 -13.86
C THR A 69 -24.77 32.28 -13.77
N ALA A 70 -23.70 32.18 -12.99
CA ALA A 70 -23.03 30.89 -12.81
C ALA A 70 -23.97 29.87 -12.14
N ARG A 71 -24.75 30.32 -11.16
CA ARG A 71 -25.72 29.42 -10.54
C ARG A 71 -26.76 28.94 -11.56
N LYS A 72 -27.29 29.86 -12.36
CA LYS A 72 -28.27 29.48 -13.39
C LYS A 72 -27.68 28.45 -14.35
N LEU A 73 -26.43 28.64 -14.77
CA LEU A 73 -25.81 27.71 -15.71
C LEU A 73 -25.63 26.34 -15.08
N ILE A 74 -25.21 26.29 -13.81
CA ILE A 74 -24.95 25.01 -13.16
C ILE A 74 -26.27 24.26 -12.92
N GLU A 75 -27.31 24.97 -12.48
CA GLU A 75 -28.62 24.33 -12.34
C GLU A 75 -29.09 23.76 -13.67
N ALA A 76 -28.85 24.46 -14.78
CA ALA A 76 -29.17 23.89 -16.09
C ALA A 76 -28.34 22.64 -16.36
N LEU A 77 -27.03 22.70 -16.11
CA LEU A 77 -26.17 21.54 -16.35
C LEU A 77 -26.62 20.34 -15.54
N ARG A 78 -26.83 20.53 -14.24
CA ARG A 78 -27.23 19.41 -13.39
C ARG A 78 -28.65 18.97 -13.65
N GLY A 79 -29.46 19.78 -14.34
CA GLY A 79 -30.85 19.47 -14.52
C GLY A 79 -31.16 18.61 -15.74
N LYS A 80 -30.34 18.69 -16.78
CA LYS A 80 -30.62 17.92 -17.98
C LYS A 80 -29.87 16.59 -17.95
N HIS A 81 -30.30 15.69 -18.82
CA HIS A 81 -30.03 14.26 -18.74
C HIS A 81 -28.56 13.91 -18.56
N SER A 82 -28.20 13.47 -17.35
CA SER A 82 -26.93 12.81 -17.11
C SER A 82 -27.16 11.31 -17.23
N GLY A 83 -26.16 10.51 -16.86
CA GLY A 83 -26.26 9.06 -17.00
C GLY A 83 -25.52 8.54 -18.21
N SER A 84 -24.20 8.38 -18.06
CA SER A 84 -23.34 8.02 -19.17
C SER A 84 -23.80 6.72 -19.82
N GLY A 85 -23.57 6.63 -21.13
CA GLY A 85 -23.83 5.38 -21.83
C GLY A 85 -23.08 4.21 -21.21
N VAL A 86 -21.79 4.39 -20.96
CA VAL A 86 -21.01 3.34 -20.30
C VAL A 86 -21.62 3.01 -18.95
N GLU A 87 -22.07 4.02 -18.22
CA GLU A 87 -22.65 3.76 -16.89
C GLU A 87 -23.93 2.95 -17.02
N GLY A 88 -24.76 3.26 -18.03
CA GLY A 88 -25.96 2.49 -18.23
C GLY A 88 -25.67 1.07 -18.67
N LEU A 89 -24.55 0.87 -19.39
CA LEU A 89 -24.18 -0.46 -19.81
C LEU A 89 -23.69 -1.29 -18.64
N VAL A 90 -22.90 -0.68 -17.76
CA VAL A 90 -22.45 -1.34 -16.53
C VAL A 90 -23.65 -1.68 -15.66
N GLN A 91 -24.62 -0.76 -15.55
CA GLN A 91 -25.81 -1.04 -14.77
C GLN A 91 -26.62 -2.19 -15.36
N GLU A 92 -26.87 -2.14 -16.67
CA GLU A 92 -27.78 -3.10 -17.29
C GLU A 92 -27.27 -4.54 -17.15
N TYR A 93 -25.96 -4.74 -17.24
CA TYR A 93 -25.39 -6.08 -17.19
C TYR A 93 -24.64 -6.37 -15.90
N SER A 94 -24.79 -5.51 -14.87
CA SER A 94 -24.20 -5.72 -13.55
C SER A 94 -22.70 -5.98 -13.63
N LEU A 95 -22.01 -5.16 -14.42
CA LEU A 95 -20.59 -5.33 -14.63
C LEU A 95 -19.79 -4.73 -13.48
N SER A 96 -18.75 -5.44 -13.07
CA SER A 96 -17.73 -4.81 -12.25
C SER A 96 -16.95 -3.79 -13.09
N SER A 97 -16.19 -2.93 -12.41
CA SER A 97 -15.33 -1.99 -13.11
C SER A 97 -14.41 -2.70 -14.10
N GLN A 98 -13.72 -3.77 -13.66
CA GLN A 98 -12.81 -4.47 -14.54
C GLN A 98 -13.52 -5.12 -15.72
N GLU A 99 -14.74 -5.60 -15.53
CA GLU A 99 -15.48 -6.14 -16.67
C GLU A 99 -15.85 -5.03 -17.64
N GLY A 100 -16.29 -3.87 -17.13
CA GLY A 100 -16.54 -2.74 -17.99
C GLY A 100 -15.32 -2.37 -18.84
N VAL A 101 -14.16 -2.23 -18.19
CA VAL A 101 -12.93 -1.91 -18.91
C VAL A 101 -12.60 -3.00 -19.92
N ALA A 102 -12.63 -4.27 -19.48
CA ALA A 102 -12.32 -5.39 -20.37
C ALA A 102 -13.25 -5.41 -21.58
N LEU A 103 -14.55 -5.20 -21.34
CA LEU A 103 -15.52 -5.16 -22.43
C LEU A 103 -15.19 -4.05 -23.43
N MET A 104 -14.82 -2.87 -22.95
CA MET A 104 -14.50 -1.79 -23.88
C MET A 104 -13.23 -2.10 -24.66
N CYS A 105 -12.23 -2.69 -24.01
CA CYS A 105 -11.05 -3.15 -24.74
C CYS A 105 -11.44 -4.16 -25.80
N LEU A 106 -12.38 -5.05 -25.50
CA LEU A 106 -12.82 -6.00 -26.50
C LEU A 106 -13.51 -5.29 -27.66
N ALA A 107 -14.37 -4.33 -27.34
CA ALA A 107 -15.08 -3.60 -28.38
C ALA A 107 -14.10 -2.88 -29.29
N GLU A 108 -13.14 -2.15 -28.70
CA GLU A 108 -12.09 -1.49 -29.49
C GLU A 108 -11.43 -2.48 -30.45
N ALA A 109 -11.10 -3.68 -29.97
CA ALA A 109 -10.43 -4.66 -30.83
C ALA A 109 -11.36 -5.14 -31.93
N LEU A 110 -12.62 -5.43 -31.60
CA LEU A 110 -13.59 -5.86 -32.60
C LEU A 110 -13.78 -4.80 -33.69
N LEU A 111 -13.74 -3.53 -33.29
CA LEU A 111 -13.90 -2.45 -34.27
C LEU A 111 -12.68 -2.29 -35.17
N ARG A 112 -11.51 -2.78 -34.76
CA ARG A 112 -10.36 -2.82 -35.67
C ARG A 112 -10.62 -3.73 -36.87
N ILE A 113 -11.67 -4.55 -36.84
CA ILE A 113 -12.06 -5.37 -37.97
C ILE A 113 -12.96 -4.54 -38.88
N PRO A 114 -12.54 -4.24 -40.12
CA PRO A 114 -13.29 -3.30 -40.97
C PRO A 114 -14.60 -3.85 -41.52
N ASP A 115 -14.59 -5.08 -42.00
CA ASP A 115 -15.78 -5.68 -42.61
C ASP A 115 -16.83 -5.91 -41.53
N THR A 116 -17.87 -5.07 -41.51
CA THR A 116 -18.87 -5.11 -40.44
C THR A 116 -19.51 -6.50 -40.32
N ALA A 117 -19.72 -7.18 -41.44
CA ALA A 117 -20.29 -8.52 -41.37
C ALA A 117 -19.27 -9.53 -40.85
N THR A 118 -17.99 -9.35 -41.20
CA THR A 118 -16.96 -10.24 -40.68
C THR A 118 -16.86 -10.13 -39.17
N ARG A 119 -16.99 -8.91 -38.65
CA ARG A 119 -16.99 -8.69 -37.21
C ARG A 119 -18.18 -9.39 -36.55
N ASP A 120 -19.35 -9.32 -37.19
CA ASP A 120 -20.55 -9.90 -36.58
C ASP A 120 -20.45 -11.42 -36.51
N ALA A 121 -19.92 -12.06 -37.55
CA ALA A 121 -19.73 -13.50 -37.51
C ALA A 121 -18.70 -13.90 -36.46
N LEU A 122 -17.63 -13.11 -36.32
CA LEU A 122 -16.67 -13.40 -35.27
C LEU A 122 -17.32 -13.32 -33.90
N ILE A 123 -18.14 -12.31 -33.67
CA ILE A 123 -18.83 -12.16 -32.40
C ILE A 123 -19.74 -13.36 -32.15
N ARG A 124 -20.53 -13.73 -33.16
CA ARG A 124 -21.54 -14.77 -32.98
C ARG A 124 -20.93 -16.17 -32.94
N ASP A 125 -19.92 -16.43 -33.76
CA ASP A 125 -19.43 -17.79 -33.94
C ASP A 125 -18.18 -18.11 -33.13
N LYS A 126 -17.47 -17.11 -32.61
CA LYS A 126 -16.20 -17.38 -31.96
C LYS A 126 -16.07 -16.66 -30.62
N ILE A 127 -16.35 -15.36 -30.59
CA ILE A 127 -16.14 -14.57 -29.37
C ILE A 127 -17.15 -14.98 -28.31
N ALA A 128 -18.44 -14.87 -28.62
CA ALA A 128 -19.48 -15.17 -27.65
C ALA A 128 -19.49 -16.65 -27.27
N ASP A 129 -18.98 -17.52 -28.14
CA ASP A 129 -19.04 -18.95 -27.90
C ASP A 129 -18.02 -19.42 -26.86
N GLY A 130 -16.90 -18.71 -26.75
CA GLY A 130 -15.91 -19.11 -25.78
C GLY A 130 -14.60 -18.35 -25.88
N ASN A 131 -13.52 -19.06 -26.22
CA ASN A 131 -12.18 -18.50 -26.23
C ASN A 131 -12.07 -17.27 -27.13
N TRP A 132 -12.21 -16.09 -26.52
CA TRP A 132 -11.94 -14.85 -27.23
C TRP A 132 -10.44 -14.67 -27.48
N LYS A 133 -9.60 -15.29 -26.63
CA LYS A 133 -8.16 -15.15 -26.77
C LYS A 133 -7.67 -15.69 -28.12
N SER A 134 -8.28 -16.78 -28.59
CA SER A 134 -7.82 -17.49 -29.77
C SER A 134 -7.81 -16.63 -31.04
N HIS A 135 -8.47 -15.46 -31.03
CA HIS A 135 -8.66 -14.71 -32.26
C HIS A 135 -8.05 -13.32 -32.20
N LEU A 136 -8.46 -12.47 -31.27
CA LEU A 136 -8.03 -11.08 -31.28
C LEU A 136 -6.78 -10.86 -30.43
N ARG A 140 -0.30 -8.53 -29.93
CA ARG A 140 -0.72 -7.31 -29.24
C ARG A 140 -1.88 -7.59 -28.27
N SER A 141 -1.66 -7.30 -26.98
CA SER A 141 -2.67 -7.53 -25.97
C SER A 141 -3.96 -6.79 -26.31
N LEU A 142 -5.09 -7.44 -26.03
CA LEU A 142 -6.39 -6.77 -26.17
C LEU A 142 -6.45 -5.52 -25.29
N PHE A 143 -5.67 -5.50 -24.21
CA PHE A 143 -5.81 -4.50 -23.15
C PHE A 143 -4.74 -3.41 -23.24
N VAL A 144 -4.11 -3.22 -24.40
CA VAL A 144 -3.05 -2.20 -24.50
C VAL A 144 -3.56 -0.83 -24.06
N ASN A 145 -4.80 -0.48 -24.40
CA ASN A 145 -5.34 0.84 -24.09
C ASN A 145 -6.24 0.85 -22.86
N ALA A 146 -6.13 -0.17 -21.99
CA ALA A 146 -7.07 -0.29 -20.88
C ALA A 146 -6.98 0.87 -19.90
N ALA A 147 -5.79 1.50 -19.80
CA ALA A 147 -5.66 2.69 -18.95
C ALA A 147 -6.65 3.76 -19.37
N THR A 148 -6.85 3.92 -20.67
CA THR A 148 -7.80 4.89 -21.17
C THR A 148 -9.22 4.48 -20.87
N TRP A 149 -9.55 3.21 -21.14
CA TRP A 149 -10.90 2.75 -20.84
C TRP A 149 -11.16 2.72 -19.35
N GLY A 150 -10.12 2.42 -18.56
CA GLY A 150 -10.26 2.52 -17.12
C GLY A 150 -10.67 3.92 -16.69
N LEU A 151 -10.11 4.94 -17.36
CA LEU A 151 -10.54 6.31 -17.10
C LEU A 151 -11.99 6.51 -17.51
N VAL A 152 -12.38 5.98 -18.67
CA VAL A 152 -13.76 6.10 -19.12
C VAL A 152 -14.70 5.44 -18.12
N VAL A 153 -14.32 4.28 -17.60
CA VAL A 153 -15.22 3.49 -16.79
C VAL A 153 -15.20 3.96 -15.33
N THR A 154 -14.01 4.16 -14.76
CA THR A 154 -13.91 4.41 -13.33
C THR A 154 -13.62 5.85 -12.95
N GLY A 155 -13.30 6.72 -13.93
CA GLY A 155 -12.81 8.05 -13.64
C GLY A 155 -11.42 8.11 -13.05
N LYS A 156 -10.74 6.97 -12.90
CA LYS A 156 -9.44 6.90 -12.27
C LYS A 156 -8.40 6.43 -13.27
N LEU A 157 -7.21 6.99 -13.19
CA LEU A 157 -6.12 6.66 -14.09
C LEU A 157 -5.14 5.71 -13.41
N THR A 158 -4.87 4.58 -14.04
CA THR A 158 -3.80 3.67 -13.64
C THR A 158 -2.70 3.72 -14.69
N SER A 159 -1.45 3.86 -14.24
CA SER A 159 -0.33 3.98 -15.16
C SER A 159 -0.19 2.74 -16.04
N THR A 160 -0.37 1.56 -15.46
CA THR A 160 -0.22 0.31 -16.19
C THR A 160 -1.48 -0.54 -15.99
N VAL A 161 -1.52 -1.65 -16.71
CA VAL A 161 -2.73 -2.41 -16.95
C VAL A 161 -2.57 -3.77 -16.30
N ASN A 162 -3.48 -4.10 -15.38
CA ASN A 162 -3.49 -5.46 -14.84
C ASN A 162 -4.16 -6.35 -15.87
N ASP A 163 -3.38 -6.85 -16.83
CA ASP A 163 -3.97 -7.59 -17.93
C ASP A 163 -4.49 -8.95 -17.50
N ARG A 164 -3.95 -9.54 -16.41
CA ARG A 164 -4.52 -10.81 -15.96
C ARG A 164 -5.89 -10.61 -15.34
N SER A 165 -6.07 -9.54 -14.56
CA SER A 165 -7.39 -9.19 -14.03
C SER A 165 -8.40 -8.95 -15.15
N LEU A 166 -7.98 -8.21 -16.19
CA LEU A 166 -8.88 -7.89 -17.29
C LEU A 166 -9.26 -9.13 -18.09
N ALA A 167 -8.29 -10.03 -18.32
CA ALA A 167 -8.58 -11.26 -19.03
C ALA A 167 -9.57 -12.12 -18.26
N ALA A 168 -9.37 -12.23 -16.94
CA ALA A 168 -10.32 -12.95 -16.08
C ALA A 168 -11.70 -12.31 -16.15
N ALA A 169 -11.77 -10.99 -16.10
CA ALA A 169 -13.06 -10.32 -16.13
C ALA A 169 -13.75 -10.46 -17.48
N LEU A 170 -12.97 -10.41 -18.57
CA LEU A 170 -13.57 -10.57 -19.89
C LEU A 170 -14.12 -11.97 -20.07
N THR A 171 -13.35 -12.99 -19.65
CA THR A 171 -13.84 -14.36 -19.68
C THR A 171 -15.11 -14.49 -18.86
N ARG A 172 -15.10 -13.93 -17.65
CA ARG A 172 -16.25 -14.04 -16.77
C ARG A 172 -17.50 -13.42 -17.39
N LEU A 173 -17.36 -12.22 -17.95
CA LEU A 173 -18.54 -11.51 -18.46
C LEU A 173 -19.08 -12.18 -19.72
N ILE A 174 -18.20 -12.69 -20.57
CA ILE A 174 -18.68 -13.36 -21.77
C ILE A 174 -19.38 -14.66 -21.40
N SER A 175 -18.79 -15.44 -20.50
CA SER A 175 -19.41 -16.69 -20.10
C SER A 175 -20.73 -16.46 -19.38
N ARG A 176 -20.91 -15.30 -18.76
CA ARG A 176 -22.14 -14.98 -18.03
C ARG A 176 -23.22 -14.40 -18.94
N CYS A 177 -22.86 -13.46 -19.82
CA CYS A 177 -23.85 -12.73 -20.61
C CYS A 177 -23.73 -12.90 -22.11
N GLY A 178 -22.64 -13.47 -22.61
CA GLY A 178 -22.60 -13.88 -24.01
C GLY A 178 -22.70 -12.75 -25.01
N GLU A 179 -23.32 -13.07 -26.15
CA GLU A 179 -23.34 -12.13 -27.28
C GLU A 179 -24.02 -10.80 -26.97
N PRO A 180 -25.16 -10.74 -26.28
CA PRO A 180 -25.80 -9.43 -26.06
C PRO A 180 -24.89 -8.37 -25.45
N VAL A 181 -24.12 -8.73 -24.42
CA VAL A 181 -23.27 -7.72 -23.81
C VAL A 181 -22.15 -7.30 -24.76
N ILE A 182 -21.65 -8.23 -25.59
CA ILE A 182 -20.61 -7.87 -26.54
C ILE A 182 -21.14 -6.87 -27.57
N ARG A 183 -22.31 -7.15 -28.12
CA ARG A 183 -22.94 -6.24 -29.06
C ARG A 183 -23.14 -4.86 -28.43
N ARG A 184 -23.68 -4.81 -27.21
CA ARG A 184 -23.86 -3.53 -26.54
C ARG A 184 -22.53 -2.82 -26.31
N GLY A 185 -21.46 -3.57 -26.04
CA GLY A 185 -20.17 -2.95 -25.88
C GLY A 185 -19.63 -2.38 -27.18
N VAL A 186 -19.77 -3.13 -28.28
CA VAL A 186 -19.30 -2.67 -29.58
C VAL A 186 -20.01 -1.38 -29.98
N ASP A 187 -21.34 -1.36 -29.86
CA ASP A 187 -22.08 -0.15 -30.22
C ASP A 187 -21.68 1.03 -29.35
N MET A 188 -21.44 0.78 -28.06
CA MET A 188 -21.06 1.85 -27.14
C MET A 188 -19.71 2.44 -27.50
N ALA A 189 -18.70 1.59 -27.74
CA ALA A 189 -17.39 2.10 -28.13
C ALA A 189 -17.47 2.82 -29.47
N MET A 190 -18.25 2.28 -30.41
CA MET A 190 -18.41 2.92 -31.72
C MET A 190 -18.91 4.36 -31.59
N ARG A 191 -19.87 4.58 -30.69
CA ARG A 191 -20.39 5.93 -30.46
C ARG A 191 -19.33 6.81 -29.79
N MET A 192 -18.59 6.28 -28.83
CA MET A 192 -17.61 7.09 -28.11
C MET A 192 -16.42 7.44 -29.01
N MET A 193 -15.85 6.46 -29.68
CA MET A 193 -14.63 6.67 -30.46
C MET A 193 -14.88 7.37 -31.80
N GLY A 194 -16.06 7.17 -32.39
CA GLY A 194 -16.35 7.75 -33.68
C GLY A 194 -17.06 9.10 -33.60
N GLU A 195 -17.74 9.35 -32.48
CA GLU A 195 -18.63 10.51 -32.37
C GLU A 195 -18.43 11.35 -31.11
N GLN A 196 -17.85 10.82 -30.04
CA GLN A 196 -17.69 11.54 -28.78
C GLN A 196 -16.27 12.00 -28.50
N PHE A 197 -15.27 11.14 -28.74
CA PHE A 197 -13.89 11.55 -28.51
C PHE A 197 -13.35 12.37 -29.67
N VAL A 198 -13.86 12.13 -30.87
CA VAL A 198 -13.49 12.92 -32.03
C VAL A 198 -14.77 13.39 -32.69
N THR A 199 -14.71 14.58 -33.28
CA THR A 199 -15.81 15.02 -34.12
C THR A 199 -15.95 14.13 -35.35
N GLY A 200 -14.82 13.58 -35.81
CA GLY A 200 -14.84 12.68 -36.95
C GLY A 200 -13.48 12.05 -37.13
N GLU A 201 -13.46 10.95 -37.90
CA GLU A 201 -12.20 10.24 -38.16
C GLU A 201 -11.36 10.97 -39.19
N THR A 202 -11.99 11.68 -40.12
CA THR A 202 -11.30 12.48 -41.12
C THR A 202 -11.90 13.87 -41.12
N ILE A 203 -11.16 14.82 -41.68
CA ILE A 203 -11.64 16.20 -41.71
C ILE A 203 -12.96 16.29 -42.47
N ARG A 204 -13.12 15.52 -43.54
CA ARG A 204 -14.36 15.59 -44.32
C ARG A 204 -15.54 15.09 -43.49
N GLU A 205 -15.33 14.04 -42.70
CA GLU A 205 -16.37 13.53 -41.81
C GLU A 205 -16.66 14.52 -40.69
N ALA A 206 -15.61 15.05 -40.06
CA ALA A 206 -15.82 16.05 -39.01
C ALA A 206 -16.59 17.26 -39.51
N LEU A 207 -16.28 17.72 -40.73
CA LEU A 207 -16.98 18.85 -41.31
C LEU A 207 -18.46 18.54 -41.51
N LYS A 208 -18.79 17.36 -42.02
CA LYS A 208 -20.19 16.97 -42.16
C LYS A 208 -20.91 17.06 -40.82
N ARG A 209 -20.35 16.46 -39.79
CA ARG A 209 -21.02 16.45 -38.49
C ARG A 209 -21.08 17.81 -37.81
N SER A 210 -20.32 18.80 -38.29
CA SER A 210 -20.34 20.11 -37.65
C SER A 210 -21.48 21.01 -38.12
N LYS A 211 -22.23 20.61 -39.15
CA LYS A 211 -23.31 21.45 -39.65
C LYS A 211 -24.39 21.65 -38.59
N GLU A 212 -24.69 20.62 -37.81
CA GLU A 212 -25.80 20.70 -36.85
C GLU A 212 -25.60 21.87 -35.89
N LEU A 213 -24.44 21.94 -35.22
CA LEU A 213 -24.22 22.98 -34.23
C LEU A 213 -23.86 24.32 -34.85
N GLU A 214 -23.26 24.35 -36.04
CA GLU A 214 -23.03 25.64 -36.69
C GLU A 214 -24.35 26.35 -36.94
N GLU A 215 -25.41 25.59 -37.27
CA GLU A 215 -26.71 26.21 -37.47
C GLU A 215 -27.28 26.76 -36.16
N LYS A 216 -26.79 26.31 -35.01
CA LYS A 216 -27.26 26.81 -33.73
C LYS A 216 -26.39 27.93 -33.17
N GLY A 217 -25.45 28.43 -33.96
CA GLY A 217 -24.62 29.54 -33.54
C GLY A 217 -23.22 29.18 -33.09
N PHE A 218 -22.84 27.90 -33.11
CA PHE A 218 -21.47 27.54 -32.78
C PHE A 218 -20.57 27.72 -34.00
N SER A 219 -19.27 27.79 -33.73
CA SER A 219 -18.26 27.65 -34.77
C SER A 219 -17.30 26.55 -34.34
N TYR A 220 -16.28 26.29 -35.17
CA TYR A 220 -15.41 25.14 -34.98
C TYR A 220 -13.97 25.51 -35.22
N SER A 221 -13.09 24.80 -34.53
CA SER A 221 -11.65 24.80 -34.79
C SER A 221 -11.19 23.35 -34.75
N TYR A 222 -10.59 22.87 -35.85
CA TYR A 222 -10.27 21.46 -35.99
C TYR A 222 -8.83 21.19 -35.60
N ASP A 223 -8.64 20.17 -34.76
CA ASP A 223 -7.31 19.70 -34.39
C ASP A 223 -7.08 18.35 -35.06
N MET A 224 -6.18 18.34 -36.04
CA MET A 224 -5.71 17.08 -36.59
C MET A 224 -4.81 16.43 -35.55
N LEU A 225 -5.39 15.56 -34.71
CA LEU A 225 -4.71 15.03 -33.54
C LEU A 225 -3.31 14.57 -33.88
N GLY A 226 -2.36 15.50 -33.80
CA GLY A 226 -1.00 15.28 -34.25
C GLY A 226 -0.03 16.07 -33.38
N GLU A 227 1.02 15.40 -32.92
CA GLU A 227 1.82 15.95 -31.83
C GLU A 227 3.15 15.24 -31.77
N ALA A 228 4.20 15.97 -31.40
CA ALA A 228 5.53 15.43 -31.18
C ALA A 228 6.04 14.57 -32.35
N ALA A 229 6.45 15.20 -33.44
CA ALA A 229 7.18 14.45 -34.46
C ALA A 229 8.52 13.99 -33.89
N THR A 230 8.89 12.75 -34.17
CA THR A 230 10.20 12.27 -33.80
C THR A 230 11.12 12.11 -35.00
N THR A 231 10.58 12.15 -36.22
CA THR A 231 11.39 12.02 -37.41
C THR A 231 10.97 13.08 -38.43
N ALA A 232 11.84 13.34 -39.39
CA ALA A 232 11.51 14.24 -40.48
C ALA A 232 10.31 13.72 -41.26
N ALA A 233 10.24 12.40 -41.48
CA ALA A 233 9.12 11.84 -42.23
C ALA A 233 7.82 12.04 -41.48
N ASP A 234 7.85 11.92 -40.15
CA ASP A 234 6.62 12.13 -39.39
C ASP A 234 6.24 13.60 -39.40
N ALA A 235 7.24 14.49 -39.39
CA ALA A 235 6.94 15.91 -39.47
C ALA A 235 6.30 16.25 -40.81
N GLU A 236 6.79 15.62 -41.88
CA GLU A 236 6.21 15.84 -43.21
C GLU A 236 4.80 15.28 -43.28
N ARG A 237 4.57 14.11 -42.68
CA ARG A 237 3.22 13.56 -42.65
C ARG A 237 2.26 14.50 -41.94
N TYR A 238 2.65 15.01 -40.77
CA TYR A 238 1.79 15.97 -40.08
C TYR A 238 1.58 17.23 -40.90
N TYR A 239 2.62 17.68 -41.60
CA TYR A 239 2.44 18.86 -42.45
C TYR A 239 1.39 18.60 -43.52
N ARG A 240 1.51 17.49 -44.24
CA ARG A 240 0.54 17.27 -45.30
C ARG A 240 -0.85 17.02 -44.74
N ASP A 241 -0.96 16.51 -43.51
CA ASP A 241 -2.27 16.41 -42.85
C ASP A 241 -2.89 17.78 -42.62
N TYR A 242 -2.10 18.71 -42.07
CA TYR A 242 -2.58 20.06 -41.82
C TYR A 242 -2.94 20.77 -43.12
N GLU A 243 -2.10 20.63 -44.14
CA GLU A 243 -2.33 21.30 -45.41
C GLU A 243 -3.63 20.84 -46.04
N SER A 244 -3.85 19.52 -46.07
CA SER A 244 -5.08 18.99 -46.63
C SER A 244 -6.29 19.37 -45.78
N ALA A 245 -6.13 19.40 -44.45
CA ALA A 245 -7.23 19.86 -43.61
C ALA A 245 -7.53 21.35 -43.87
N ILE A 246 -6.51 22.19 -44.05
CA ILE A 246 -6.78 23.59 -44.33
C ILE A 246 -7.59 23.73 -45.63
N HIS A 247 -7.25 22.94 -46.66
CA HIS A 247 -8.03 23.00 -47.88
C HIS A 247 -9.49 22.62 -47.63
N ALA A 248 -9.71 21.52 -46.89
CA ALA A 248 -11.08 21.06 -46.69
C ALA A 248 -11.88 22.02 -45.82
N ILE A 249 -11.24 22.61 -44.81
CA ILE A 249 -11.92 23.60 -43.96
C ILE A 249 -12.17 24.87 -44.74
N GLY A 250 -11.20 25.32 -45.52
CA GLY A 250 -11.38 26.53 -46.29
C GLY A 250 -12.45 26.38 -47.35
N LYS A 251 -12.51 25.20 -47.99
CA LYS A 251 -13.58 24.92 -48.94
C LYS A 251 -14.94 24.95 -48.27
N ALA A 252 -15.05 24.34 -47.09
CA ALA A 252 -16.31 24.34 -46.37
C ALA A 252 -16.61 25.71 -45.78
N SER A 253 -15.58 26.46 -45.37
CA SER A 253 -15.82 27.79 -44.83
C SER A 253 -16.57 28.65 -45.84
N ALA A 254 -16.15 28.58 -47.09
CA ALA A 254 -16.86 29.19 -48.21
C ALA A 254 -17.09 30.68 -47.99
N GLY A 255 -16.03 31.38 -47.57
CA GLY A 255 -16.11 32.82 -47.42
C GLY A 255 -16.73 33.33 -46.13
N ARG A 256 -17.07 32.45 -45.18
CA ARG A 256 -17.65 32.92 -43.94
C ARG A 256 -16.70 33.75 -43.07
N GLY A 257 -15.40 33.72 -43.34
CA GLY A 257 -14.49 34.55 -42.58
C GLY A 257 -14.02 33.91 -41.29
N ILE A 258 -13.12 34.60 -40.61
CA ILE A 258 -12.41 33.98 -39.50
C ILE A 258 -13.24 33.91 -38.22
N TYR A 259 -14.29 34.71 -38.09
CA TYR A 259 -15.06 34.64 -36.84
C TYR A 259 -16.25 33.70 -36.95
N GLU A 260 -17.03 33.82 -38.02
CA GLU A 260 -18.20 32.95 -38.16
C GLU A 260 -17.83 31.59 -38.74
N GLY A 261 -16.75 31.52 -39.52
CA GLY A 261 -16.36 30.31 -40.18
C GLY A 261 -15.37 29.51 -39.38
N PRO A 262 -15.14 28.26 -39.80
CA PRO A 262 -14.27 27.37 -39.03
C PRO A 262 -12.80 27.68 -39.29
N GLY A 263 -11.97 27.24 -38.34
CA GLY A 263 -10.54 27.39 -38.43
C GLY A 263 -9.82 26.10 -38.13
N ILE A 264 -8.50 26.19 -38.10
CA ILE A 264 -7.67 25.04 -37.77
C ILE A 264 -6.76 25.43 -36.60
N SER A 265 -6.35 24.42 -35.84
CA SER A 265 -5.37 24.55 -34.77
C SER A 265 -4.22 23.61 -35.08
N ILE A 266 -2.98 24.10 -34.92
CA ILE A 266 -1.81 23.26 -35.15
C ILE A 266 -0.92 23.26 -33.90
N LYS A 267 -0.11 22.22 -33.79
CA LYS A 267 0.92 22.14 -32.77
C LYS A 267 2.27 22.21 -33.45
N LEU A 268 3.12 23.13 -33.01
CA LEU A 268 4.40 23.29 -33.68
C LEU A 268 5.27 22.06 -33.54
N SER A 269 5.14 21.33 -32.41
CA SER A 269 5.94 20.12 -32.21
C SER A 269 5.62 19.06 -33.25
N ALA A 270 4.47 19.17 -33.92
CA ALA A 270 4.11 18.22 -34.98
C ALA A 270 4.90 18.46 -36.24
N LEU A 271 5.42 19.67 -36.42
CA LEU A 271 5.90 20.09 -37.72
C LEU A 271 7.42 20.08 -37.82
N HIS A 272 8.10 19.63 -36.77
CA HIS A 272 9.55 19.53 -36.80
C HIS A 272 9.99 18.60 -35.67
N PRO A 273 10.85 17.62 -35.95
CA PRO A 273 11.22 16.64 -34.92
C PRO A 273 12.15 17.19 -33.86
N ARG A 274 12.72 18.38 -34.07
CA ARG A 274 13.60 18.98 -33.08
C ARG A 274 13.13 20.37 -32.69
N TYR A 275 11.88 20.47 -32.24
CA TYR A 275 11.31 21.77 -31.87
C TYR A 275 11.70 22.07 -30.43
N SER A 276 12.77 22.85 -30.24
CA SER A 276 13.24 23.21 -28.90
C SER A 276 14.17 24.40 -29.00
N ARG A 277 14.32 25.12 -27.87
CA ARG A 277 15.27 26.22 -27.81
C ARG A 277 16.68 25.78 -28.22
N ALA A 278 17.10 24.58 -27.80
CA ALA A 278 18.47 24.16 -28.12
C ALA A 278 18.69 24.12 -29.63
N GLN A 279 17.63 23.88 -30.40
CA GLN A 279 17.70 23.78 -31.85
C GLN A 279 17.07 25.01 -32.52
N ALA A 280 17.23 26.17 -31.89
CA ALA A 280 16.50 27.35 -32.35
C ALA A 280 16.82 27.70 -33.79
N ALA A 281 18.09 27.56 -34.19
CA ALA A 281 18.45 27.89 -35.57
C ALA A 281 17.71 26.99 -36.56
N ARG A 282 17.58 25.71 -36.25
CA ARG A 282 16.85 24.82 -37.15
C ARG A 282 15.36 25.14 -37.11
N VAL A 283 14.84 25.52 -35.94
CA VAL A 283 13.43 25.83 -35.83
C VAL A 283 13.09 27.03 -36.71
N MET A 284 13.90 28.10 -36.62
CA MET A 284 13.65 29.28 -37.46
C MET A 284 13.93 29.00 -38.94
N GLY A 285 14.93 28.18 -39.24
CA GLY A 285 15.26 27.89 -40.62
C GLY A 285 14.34 26.89 -41.30
N GLU A 286 13.80 25.94 -40.55
CA GLU A 286 13.05 24.84 -41.15
C GLU A 286 11.60 24.77 -40.70
N LEU A 287 11.32 25.01 -39.42
CA LEU A 287 9.93 24.96 -38.99
C LEU A 287 9.16 26.20 -39.46
N LEU A 288 9.75 27.38 -39.31
CA LEU A 288 9.06 28.63 -39.67
C LEU A 288 8.55 28.65 -41.11
N PRO A 289 9.34 28.28 -42.14
CA PRO A 289 8.78 28.27 -43.50
C PRO A 289 7.58 27.36 -43.66
N ARG A 290 7.55 26.26 -42.92
CA ARG A 290 6.40 25.36 -42.98
C ARG A 290 5.17 26.01 -42.39
N VAL A 291 5.30 26.66 -41.24
CA VAL A 291 4.15 27.33 -40.66
C VAL A 291 3.69 28.46 -41.58
N LYS A 292 4.64 29.20 -42.14
CA LYS A 292 4.30 30.26 -43.10
C LYS A 292 3.50 29.71 -44.27
N ALA A 293 3.89 28.54 -44.78
CA ALA A 293 3.20 27.98 -45.94
C ALA A 293 1.77 27.61 -45.59
N LEU A 294 1.56 27.04 -44.40
CA LEU A 294 0.19 26.75 -43.95
C LEU A 294 -0.58 28.03 -43.72
N ALA A 295 0.06 29.02 -43.08
CA ALA A 295 -0.64 30.29 -42.84
C ALA A 295 -1.03 30.97 -44.16
N LEU A 296 -0.17 30.87 -45.18
CA LEU A 296 -0.51 31.46 -46.48
C LEU A 296 -1.77 30.82 -47.07
N LEU A 297 -1.95 29.53 -46.82
CA LEU A 297 -3.14 28.82 -47.27
C LEU A 297 -4.37 29.25 -46.47
N ALA A 298 -4.23 29.33 -45.15
CA ALA A 298 -5.32 29.84 -44.34
C ALA A 298 -5.69 31.27 -44.73
N LYS A 299 -4.69 32.08 -45.07
CA LYS A 299 -4.96 33.43 -45.55
C LYS A 299 -5.79 33.40 -46.85
N ASN A 300 -5.45 32.53 -47.79
CA ASN A 300 -6.19 32.52 -49.05
C ASN A 300 -7.65 32.15 -48.84
N TYR A 301 -7.94 31.22 -47.93
CA TYR A 301 -9.32 30.85 -47.65
C TYR A 301 -9.99 31.75 -46.61
N ASP A 302 -9.22 32.62 -45.95
CA ASP A 302 -9.67 33.48 -44.86
C ASP A 302 -10.27 32.66 -43.71
N ILE A 303 -9.49 31.70 -43.20
CA ILE A 303 -9.87 30.94 -42.03
C ILE A 303 -8.87 31.20 -40.92
N GLY A 304 -9.29 30.90 -39.69
CA GLY A 304 -8.36 31.02 -38.56
C GLY A 304 -7.33 29.90 -38.58
N LEU A 305 -6.11 30.26 -38.20
CA LEU A 305 -5.04 29.29 -37.95
C LEU A 305 -4.47 29.60 -36.58
N ASN A 306 -4.69 28.70 -35.63
CA ASN A 306 -4.30 28.91 -34.25
C ASN A 306 -3.11 28.03 -33.90
N ILE A 307 -2.09 28.61 -33.26
CA ILE A 307 -0.91 27.89 -32.81
C ILE A 307 -1.14 27.49 -31.35
N ASP A 308 -1.32 26.18 -31.12
CA ASP A 308 -1.56 25.63 -29.80
C ASP A 308 -0.34 25.86 -28.92
N ALA A 309 -0.56 25.94 -27.60
CA ALA A 309 0.54 26.08 -26.66
C ALA A 309 0.89 24.73 -26.06
N GLU A 310 2.20 24.48 -25.87
CA GLU A 310 2.65 23.18 -25.38
C GLU A 310 3.43 23.35 -24.07
N GLU A 311 4.58 22.67 -23.95
CA GLU A 311 5.28 22.71 -22.67
C GLU A 311 5.86 24.10 -22.42
N ALA A 312 6.15 24.37 -21.14
CA ALA A 312 6.61 25.69 -20.73
C ALA A 312 7.93 26.07 -21.41
N ASP A 313 8.79 25.09 -21.70
CA ASP A 313 10.08 25.42 -22.30
C ASP A 313 9.98 25.65 -23.81
N ARG A 314 8.78 25.61 -24.37
CA ARG A 314 8.55 26.00 -25.75
C ARG A 314 7.81 27.33 -25.87
N LEU A 315 7.43 27.95 -24.75
CA LEU A 315 6.61 29.15 -24.81
C LEU A 315 7.34 30.27 -25.55
N GLU A 316 8.50 30.67 -25.07
CA GLU A 316 9.14 31.85 -25.65
C GLU A 316 9.68 31.58 -27.05
N LEU A 317 10.20 30.37 -27.30
CA LEU A 317 10.58 30.02 -28.67
C LEU A 317 9.39 30.20 -29.64
N SER A 318 8.18 29.81 -29.22
CA SER A 318 7.04 30.00 -30.11
C SER A 318 6.75 31.48 -30.38
N LEU A 319 7.08 32.35 -29.44
CA LEU A 319 6.89 33.78 -29.68
C LEU A 319 7.76 34.27 -30.82
N ASP A 320 8.97 33.70 -30.96
CA ASP A 320 9.82 34.12 -32.06
C ASP A 320 9.18 33.77 -33.38
N LEU A 321 8.56 32.60 -33.47
CA LEU A 321 7.85 32.28 -34.70
C LEU A 321 6.65 33.19 -34.90
N LEU A 322 5.87 33.44 -33.83
CA LEU A 322 4.72 34.33 -33.97
C LEU A 322 5.15 35.72 -34.45
N GLU A 323 6.28 36.21 -33.92
CA GLU A 323 6.73 37.55 -34.31
C GLU A 323 7.08 37.63 -35.80
N VAL A 324 7.89 36.68 -36.29
CA VAL A 324 8.26 36.68 -37.70
C VAL A 324 7.02 36.59 -38.58
N LEU A 325 6.14 35.64 -38.26
CA LEU A 325 4.94 35.46 -39.06
C LEU A 325 4.10 36.73 -39.10
N CYS A 326 3.87 37.35 -37.94
CA CYS A 326 3.07 38.57 -37.91
C CYS A 326 3.73 39.75 -38.61
N LEU A 327 5.05 39.72 -38.74
CA LEU A 327 5.76 40.79 -39.44
C LEU A 327 6.02 40.46 -40.90
N ASP A 328 5.69 39.24 -41.35
CA ASP A 328 5.94 38.83 -42.72
C ASP A 328 4.87 39.43 -43.63
N GLY A 329 5.29 40.32 -44.54
CA GLY A 329 4.34 41.00 -45.39
C GLY A 329 3.53 40.06 -46.29
N ASP A 330 4.09 38.89 -46.63
CA ASP A 330 3.34 37.94 -47.46
C ASP A 330 2.04 37.50 -46.81
N LEU A 331 1.92 37.64 -45.50
CA LEU A 331 0.73 37.25 -44.75
C LEU A 331 -0.20 38.43 -44.45
N SER A 332 0.12 39.63 -44.94
CA SER A 332 -0.71 40.79 -44.64
C SER A 332 -2.09 40.68 -45.29
N GLY A 333 -3.05 41.38 -44.69
CA GLY A 333 -4.42 41.36 -45.16
C GLY A 333 -5.28 40.27 -44.56
N TRP A 334 -4.71 39.43 -43.70
CA TRP A 334 -5.39 38.32 -43.07
C TRP A 334 -5.24 38.47 -41.57
N ASN A 335 -6.35 38.41 -40.83
CA ASN A 335 -6.35 38.50 -39.36
C ASN A 335 -6.60 37.15 -38.69
N GLY A 336 -6.40 36.05 -39.42
CA GLY A 336 -6.71 34.74 -38.86
C GLY A 336 -5.63 34.06 -38.04
N MET A 337 -4.43 34.62 -37.95
CA MET A 337 -3.39 33.99 -37.14
CA MET A 337 -3.40 33.99 -37.15
C MET A 337 -3.78 34.05 -35.67
N GLY A 338 -3.76 32.89 -35.01
CA GLY A 338 -4.13 32.81 -33.61
C GLY A 338 -3.04 32.14 -32.78
N PHE A 339 -3.12 32.35 -31.47
CA PHE A 339 -2.04 31.97 -30.58
C PHE A 339 -2.60 31.69 -29.19
N VAL A 340 -2.25 30.55 -28.64
CA VAL A 340 -2.73 30.13 -27.32
C VAL A 340 -1.78 30.67 -26.25
N VAL A 341 -2.35 31.16 -25.14
CA VAL A 341 -1.59 31.47 -23.94
C VAL A 341 -2.23 30.75 -22.76
N GLN A 342 -1.40 30.18 -21.87
CA GLN A 342 -1.88 29.32 -20.80
C GLN A 342 -1.90 30.08 -19.48
N ALA A 343 -3.09 30.28 -18.92
CA ALA A 343 -3.22 31.05 -17.67
C ALA A 343 -2.59 30.36 -16.47
N TYR A 344 -2.39 29.04 -16.52
CA TYR A 344 -1.67 28.46 -15.39
C TYR A 344 -0.19 28.81 -15.39
N GLY A 345 0.27 29.60 -16.36
CA GLY A 345 1.68 29.92 -16.50
C GLY A 345 1.99 31.27 -15.88
N LYS A 346 3.12 31.34 -15.16
CA LYS A 346 3.48 32.56 -14.47
C LYS A 346 3.77 33.72 -15.41
N ARG A 347 4.08 33.43 -16.67
CA ARG A 347 4.44 34.45 -17.64
C ARG A 347 3.23 34.98 -18.41
N CYS A 348 2.06 34.34 -18.25
CA CYS A 348 0.88 34.64 -19.07
C CYS A 348 0.58 36.13 -19.23
N PRO A 349 0.47 36.95 -18.17
CA PRO A 349 0.15 38.38 -18.40
C PRO A 349 1.23 39.10 -19.19
N PHE A 350 2.50 38.75 -18.99
CA PHE A 350 3.57 39.39 -19.74
C PHE A 350 3.63 38.92 -21.18
N VAL A 351 3.24 37.66 -21.43
CA VAL A 351 3.11 37.19 -22.81
C VAL A 351 1.99 37.94 -23.52
N LEU A 352 0.87 38.18 -22.82
CA LEU A 352 -0.23 38.93 -23.41
C LEU A 352 0.19 40.35 -23.76
N ASP A 353 0.95 41.01 -22.87
CA ASP A 353 1.45 42.34 -23.19
C ASP A 353 2.27 42.31 -24.47
N PHE A 354 3.13 41.30 -24.62
CA PHE A 354 3.95 41.18 -25.82
C PHE A 354 3.08 40.98 -27.05
N ILE A 355 2.11 40.06 -26.96
CA ILE A 355 1.23 39.76 -28.09
C ILE A 355 0.41 40.99 -28.48
N ILE A 356 -0.18 41.66 -27.49
CA ILE A 356 -1.00 42.84 -27.79
C ILE A 356 -0.14 43.90 -28.45
N ASP A 357 1.09 44.07 -27.98
CA ASP A 357 2.02 45.00 -28.63
C ASP A 357 2.36 44.54 -30.05
N LEU A 358 2.65 43.26 -30.23
CA LEU A 358 2.90 42.74 -31.57
C LEU A 358 1.69 42.96 -32.47
N ALA A 359 0.48 42.85 -31.93
CA ALA A 359 -0.70 43.13 -32.74
C ALA A 359 -0.72 44.58 -33.19
N ARG A 360 -0.37 45.51 -32.29
CA ARG A 360 -0.31 46.93 -32.67
C ARG A 360 0.76 47.17 -33.73
N ARG A 361 1.97 46.64 -33.51
CA ARG A 361 3.07 46.86 -34.46
C ARG A 361 2.72 46.32 -35.85
N SER A 362 2.17 45.11 -35.91
CA SER A 362 1.94 44.47 -37.18
C SER A 362 0.65 44.94 -37.83
N GLY A 363 -0.27 45.49 -37.04
CA GLY A 363 -1.59 45.81 -37.52
C GLY A 363 -2.47 44.60 -37.75
N ARG A 364 -2.10 43.45 -37.17
CA ARG A 364 -2.88 42.22 -37.28
C ARG A 364 -3.65 42.01 -35.99
N ARG A 365 -4.94 41.69 -36.11
CA ARG A 365 -5.78 41.47 -34.93
C ARG A 365 -5.61 40.02 -34.50
N ILE A 366 -4.61 39.78 -33.65
CA ILE A 366 -4.22 38.40 -33.35
C ILE A 366 -5.32 37.71 -32.56
N MET A 367 -5.66 36.49 -32.97
CA MET A 367 -6.64 35.72 -32.22
C MET A 367 -5.92 35.10 -31.02
N VAL A 368 -6.37 35.44 -29.82
CA VAL A 368 -5.69 35.00 -28.61
C VAL A 368 -6.61 34.03 -27.88
N ARG A 369 -6.28 32.73 -27.91
CA ARG A 369 -7.03 31.74 -27.16
C ARG A 369 -6.44 31.63 -25.76
N LEU A 370 -7.19 32.08 -24.76
CA LEU A 370 -6.78 31.98 -23.36
C LEU A 370 -7.27 30.65 -22.81
N VAL A 371 -6.33 29.79 -22.41
CA VAL A 371 -6.67 28.49 -21.81
C VAL A 371 -6.04 28.47 -20.42
N LYS A 372 -6.39 27.46 -19.64
CA LYS A 372 -5.71 27.33 -18.36
C LYS A 372 -4.39 26.59 -18.54
N GLY A 373 -4.43 25.38 -19.08
CA GLY A 373 -3.19 24.69 -19.43
C GLY A 373 -3.31 23.18 -19.28
N ALA A 374 -2.72 22.45 -20.22
CA ALA A 374 -2.96 21.01 -20.35
C ALA A 374 -1.82 20.15 -19.83
N TYR A 375 -0.72 20.75 -19.35
CA TYR A 375 0.49 19.97 -19.05
C TYR A 375 0.88 20.05 -17.58
N TRP A 376 -0.09 20.33 -16.69
CA TRP A 376 0.27 20.70 -15.33
C TRP A 376 1.11 19.63 -14.65
N ASP A 377 0.61 18.39 -14.65
CA ASP A 377 1.34 17.26 -14.08
C ASP A 377 2.77 17.23 -14.59
N ALA A 378 2.94 17.32 -15.91
CA ALA A 378 4.25 17.17 -16.51
C ALA A 378 5.17 18.31 -16.12
N GLU A 379 4.62 19.52 -15.93
CA GLU A 379 5.49 20.64 -15.57
C GLU A 379 5.98 20.49 -14.14
N ILE A 380 5.14 20.00 -13.23
CA ILE A 380 5.61 19.75 -11.86
C ILE A 380 6.77 18.77 -11.88
N LYS A 381 6.59 17.65 -12.58
CA LYS A 381 7.62 16.62 -12.61
C LYS A 381 8.90 17.15 -13.24
N ARG A 382 8.78 17.90 -14.33
CA ARG A 382 9.96 18.33 -15.06
C ARG A 382 10.80 19.30 -14.24
N ALA A 383 10.16 20.26 -13.55
CA ALA A 383 10.92 21.21 -12.76
C ALA A 383 11.62 20.51 -11.61
N GLN A 384 10.97 19.52 -11.01
CA GLN A 384 11.59 18.76 -9.93
C GLN A 384 12.81 17.98 -10.45
N LEU A 385 12.65 17.27 -11.57
CA LEU A 385 13.75 16.52 -12.16
C LEU A 385 14.95 17.41 -12.44
N ASP A 386 14.69 18.60 -12.97
CA ASP A 386 15.78 19.47 -13.40
C ASP A 386 16.33 20.32 -12.26
N GLY A 387 15.76 20.20 -11.06
CA GLY A 387 16.28 20.95 -9.92
C GLY A 387 16.25 22.44 -10.11
N LEU A 388 15.20 22.97 -10.76
CA LEU A 388 15.14 24.39 -11.07
C LEU A 388 14.55 25.16 -9.89
N ALA A 389 14.65 26.49 -9.97
CA ALA A 389 14.40 27.29 -8.79
C ALA A 389 12.95 27.22 -8.34
N ASP A 390 12.02 27.06 -9.25
CA ASP A 390 10.60 27.05 -8.92
C ASP A 390 9.85 26.49 -10.13
N PHE A 391 8.56 26.46 -10.04
CA PHE A 391 7.78 25.93 -11.15
C PHE A 391 7.44 27.05 -12.14
N PRO A 392 7.21 26.72 -13.41
CA PRO A 392 6.74 27.72 -14.38
C PRO A 392 5.22 27.81 -14.46
N VAL A 393 4.53 27.06 -13.61
CA VAL A 393 3.08 27.09 -13.52
C VAL A 393 2.72 27.28 -12.05
N PHE A 394 1.47 27.68 -11.83
CA PHE A 394 1.01 27.72 -10.44
C PHE A 394 0.85 26.29 -9.93
N THR A 395 0.77 26.17 -8.59
CA THR A 395 0.64 24.88 -7.92
C THR A 395 -0.68 24.73 -7.16
N ARG A 396 -1.45 25.80 -6.99
CA ARG A 396 -2.82 25.70 -6.52
C ARG A 396 -3.75 26.02 -7.67
N LYS A 397 -4.74 25.15 -7.89
CA LYS A 397 -5.69 25.33 -9.00
C LYS A 397 -6.35 26.70 -8.94
N ILE A 398 -6.66 27.17 -7.74
CA ILE A 398 -7.33 28.47 -7.60
C ILE A 398 -6.46 29.61 -8.11
N HIS A 399 -5.13 29.45 -8.07
CA HIS A 399 -4.27 30.50 -8.62
C HIS A 399 -4.43 30.61 -10.13
N THR A 400 -4.53 29.47 -10.81
CA THR A 400 -4.78 29.49 -12.25
C THR A 400 -6.09 30.20 -12.58
N ASP A 401 -7.13 29.99 -11.76
CA ASP A 401 -8.41 30.65 -12.04
C ASP A 401 -8.29 32.16 -11.89
N VAL A 402 -7.60 32.62 -10.84
CA VAL A 402 -7.39 34.06 -10.70
C VAL A 402 -6.59 34.58 -11.88
N SER A 403 -5.49 33.90 -12.22
CA SER A 403 -4.68 34.29 -13.37
C SER A 403 -5.53 34.40 -14.63
N TYR A 404 -6.38 33.40 -14.86
CA TYR A 404 -7.24 33.42 -16.05
C TYR A 404 -8.13 34.66 -16.06
N ILE A 405 -8.78 34.95 -14.93
CA ILE A 405 -9.70 36.07 -14.87
C ILE A 405 -8.93 37.40 -14.99
N ALA A 406 -7.78 37.48 -14.32
CA ALA A 406 -6.92 38.66 -14.47
C ALA A 406 -6.50 38.86 -15.92
N CYS A 407 -6.14 37.78 -16.60
CA CYS A 407 -5.69 37.89 -17.99
C CYS A 407 -6.84 38.19 -18.92
N ALA A 408 -8.05 37.74 -18.58
CA ALA A 408 -9.23 38.09 -19.38
C ALA A 408 -9.49 39.59 -19.33
N ALA A 409 -9.31 40.21 -18.15
CA ALA A 409 -9.46 41.65 -18.04
C ALA A 409 -8.50 42.39 -18.95
N LYS A 410 -7.26 41.91 -19.03
CA LYS A 410 -6.29 42.53 -19.92
C LYS A 410 -6.73 42.39 -21.36
N LEU A 411 -7.20 41.20 -21.75
CA LEU A 411 -7.63 40.98 -23.12
C LEU A 411 -8.88 41.81 -23.47
N LEU A 412 -9.83 41.89 -22.54
CA LEU A 412 -11.05 42.64 -22.82
C LEU A 412 -10.80 44.12 -22.95
N ALA A 413 -9.71 44.63 -22.38
CA ALA A 413 -9.35 46.02 -22.60
C ALA A 413 -8.67 46.26 -23.94
N ALA A 414 -8.45 45.22 -24.74
CA ALA A 414 -7.69 45.36 -25.98
C ALA A 414 -8.41 44.71 -27.16
N THR A 415 -9.76 44.67 -27.13
CA THR A 415 -10.49 43.99 -28.18
C THR A 415 -10.40 44.72 -29.51
N ASP A 416 -9.97 45.99 -29.52
CA ASP A 416 -9.74 46.67 -30.79
C ASP A 416 -8.52 46.11 -31.52
N VAL A 417 -7.54 45.53 -30.82
CA VAL A 417 -6.33 45.05 -31.47
C VAL A 417 -6.13 43.54 -31.39
N VAL A 418 -6.77 42.82 -30.47
CA VAL A 418 -6.75 41.36 -30.47
C VAL A 418 -8.18 40.85 -30.40
N PHE A 419 -8.34 39.58 -30.75
CA PHE A 419 -9.63 38.89 -30.65
C PHE A 419 -9.53 37.89 -29.53
N PRO A 420 -10.07 38.17 -28.34
CA PRO A 420 -9.95 37.21 -27.23
C PRO A 420 -10.88 36.02 -27.41
N GLN A 421 -10.36 34.85 -27.07
CA GLN A 421 -11.12 33.60 -27.17
C GLN A 421 -11.01 32.91 -25.83
N PHE A 422 -12.09 32.91 -25.05
CA PHE A 422 -12.04 32.39 -23.68
C PHE A 422 -12.45 30.92 -23.70
N ALA A 423 -11.45 30.06 -23.70
CA ALA A 423 -11.64 28.62 -23.76
C ALA A 423 -11.77 28.10 -22.33
N THR A 424 -12.97 27.65 -21.97
CA THR A 424 -13.14 27.13 -20.61
C THR A 424 -14.47 26.39 -20.50
N HIS A 425 -14.47 25.35 -19.65
CA HIS A 425 -15.69 24.64 -19.30
C HIS A 425 -16.20 24.99 -17.92
N ASN A 426 -15.58 25.97 -17.27
CA ASN A 426 -15.88 26.33 -15.88
C ASN A 426 -16.96 27.40 -15.89
N ALA A 427 -18.16 27.05 -15.41
CA ALA A 427 -19.28 27.98 -15.46
C ALA A 427 -19.03 29.24 -14.63
N GLN A 428 -18.23 29.15 -13.57
CA GLN A 428 -17.91 30.34 -12.79
C GLN A 428 -16.98 31.26 -13.57
N THR A 429 -15.93 30.69 -14.17
CA THR A 429 -15.02 31.47 -15.01
C THR A 429 -15.80 32.14 -16.14
N LEU A 430 -16.67 31.37 -16.81
CA LEU A 430 -17.48 31.93 -17.89
C LEU A 430 -18.29 33.12 -17.41
N ALA A 431 -19.04 32.94 -16.31
CA ALA A 431 -19.92 34.00 -15.83
C ALA A 431 -19.14 35.26 -15.48
N ALA A 432 -18.00 35.10 -14.82
CA ALA A 432 -17.20 36.27 -14.44
C ALA A 432 -16.78 37.07 -15.66
N ILE A 433 -16.39 36.38 -16.74
CA ILE A 433 -15.95 37.06 -17.95
C ILE A 433 -17.14 37.65 -18.70
N TYR A 434 -18.22 36.88 -18.81
CA TYR A 434 -19.45 37.37 -19.43
C TYR A 434 -19.88 38.71 -18.83
N HIS A 435 -19.90 38.81 -17.51
CA HIS A 435 -20.25 40.08 -16.90
C HIS A 435 -19.11 41.10 -16.97
N MET A 436 -17.86 40.63 -16.93
CA MET A 436 -16.74 41.53 -17.11
C MET A 436 -16.79 42.21 -18.47
N ALA A 437 -17.15 41.46 -19.51
CA ALA A 437 -17.21 42.02 -20.86
C ALA A 437 -18.28 43.09 -21.01
N GLY A 438 -19.26 43.14 -20.12
CA GLY A 438 -20.26 44.18 -20.21
C GLY A 438 -21.34 43.90 -21.24
N LYS A 439 -22.13 44.93 -21.51
CA LYS A 439 -23.37 44.77 -22.26
C LYS A 439 -23.20 44.89 -23.78
N ASP A 440 -22.15 45.55 -24.24
CA ASP A 440 -21.95 45.74 -25.67
C ASP A 440 -21.31 44.51 -26.27
N PHE A 441 -21.96 43.92 -27.26
CA PHE A 441 -21.37 42.78 -27.94
C PHE A 441 -21.66 42.86 -29.43
N HIS A 442 -20.73 42.32 -30.20
CA HIS A 442 -20.95 42.07 -31.61
C HIS A 442 -20.06 40.89 -31.98
N VAL A 443 -20.53 40.09 -32.95
CA VAL A 443 -19.72 38.97 -33.39
C VAL A 443 -18.39 39.50 -33.90
N GLY A 444 -17.29 38.96 -33.38
CA GLY A 444 -15.96 39.47 -33.67
C GLY A 444 -15.32 40.24 -32.53
N LYS A 445 -16.07 40.64 -31.51
CA LYS A 445 -15.45 41.32 -30.38
C LYS A 445 -14.63 40.32 -29.56
N TYR A 446 -15.26 39.22 -29.16
CA TYR A 446 -14.58 38.11 -28.50
C TYR A 446 -15.49 36.90 -28.65
N GLU A 447 -15.02 35.75 -28.18
CA GLU A 447 -15.84 34.55 -28.23
C GLU A 447 -15.42 33.68 -27.06
N PHE A 448 -16.26 32.70 -26.75
CA PHE A 448 -15.88 31.62 -25.87
C PHE A 448 -15.48 30.42 -26.71
N GLN A 449 -14.85 29.43 -26.06
CA GLN A 449 -14.48 28.19 -26.71
C GLN A 449 -14.64 27.03 -25.74
N CYS A 450 -14.82 25.83 -26.31
CA CYS A 450 -15.03 24.61 -25.54
C CYS A 450 -14.53 23.43 -26.38
N LEU A 451 -14.47 22.27 -25.75
CA LEU A 451 -14.00 21.05 -26.40
C LEU A 451 -15.18 20.22 -26.86
N HIS A 452 -15.06 19.64 -28.06
CA HIS A 452 -16.09 18.76 -28.60
C HIS A 452 -16.46 17.66 -27.60
N GLY A 453 -17.75 17.37 -27.51
CA GLY A 453 -18.25 16.33 -26.63
C GLY A 453 -18.11 16.61 -25.16
N MET A 454 -17.72 17.83 -24.77
CA MET A 454 -17.45 18.15 -23.38
C MET A 454 -18.14 19.45 -22.99
N GLY A 455 -18.00 20.48 -23.83
CA GLY A 455 -18.54 21.77 -23.47
C GLY A 455 -19.92 22.09 -23.99
N GLU A 456 -20.47 21.27 -24.88
CA GLU A 456 -21.77 21.59 -25.47
C GLU A 456 -22.89 21.69 -24.44
N PRO A 457 -22.99 20.82 -23.43
CA PRO A 457 -23.99 21.04 -22.37
C PRO A 457 -23.96 22.46 -21.80
N LEU A 458 -22.78 22.95 -21.41
CA LEU A 458 -22.68 24.29 -20.85
C LEU A 458 -23.01 25.35 -21.90
N TYR A 459 -22.42 25.24 -23.08
CA TYR A 459 -22.54 26.30 -24.06
C TYR A 459 -23.86 26.27 -24.81
N GLU A 460 -24.61 25.16 -24.75
CA GLU A 460 -26.00 25.24 -25.16
C GLU A 460 -26.80 26.20 -24.28
N GLU A 461 -26.31 26.51 -23.08
CA GLU A 461 -26.92 27.52 -22.22
C GLU A 461 -26.35 28.92 -22.46
N VAL A 462 -25.48 29.09 -23.45
CA VAL A 462 -24.77 30.34 -23.70
C VAL A 462 -25.09 30.90 -25.07
N VAL A 463 -24.97 30.08 -26.11
CA VAL A 463 -25.08 30.55 -27.49
C VAL A 463 -26.56 30.80 -27.82
N GLY A 464 -26.80 31.82 -28.61
CA GLY A 464 -28.13 32.09 -29.13
C GLY A 464 -28.84 33.19 -28.36
N ARG A 465 -29.79 33.83 -29.05
CA ARG A 465 -30.49 34.97 -28.49
C ARG A 465 -31.28 34.58 -27.24
N GLY A 466 -31.72 33.33 -27.14
CA GLY A 466 -32.49 32.91 -26.00
C GLY A 466 -31.70 32.57 -24.77
N LYS A 467 -30.37 32.65 -24.84
CA LYS A 467 -29.52 32.31 -23.71
C LYS A 467 -28.72 33.56 -23.37
N LEU A 468 -27.39 33.50 -23.37
CA LEU A 468 -26.57 34.67 -23.14
C LEU A 468 -26.16 35.38 -24.42
N ASP A 469 -26.47 34.80 -25.59
CA ASP A 469 -26.21 35.40 -26.90
C ASP A 469 -24.72 35.71 -27.09
N ARG A 470 -23.88 34.73 -26.77
CA ARG A 470 -22.44 34.83 -26.97
C ARG A 470 -21.96 33.61 -27.73
N PRO A 471 -21.14 33.77 -28.75
CA PRO A 471 -20.74 32.63 -29.57
C PRO A 471 -19.72 31.77 -28.85
N CYS A 472 -19.66 30.51 -29.28
CA CYS A 472 -18.69 29.54 -28.76
C CYS A 472 -18.10 28.79 -29.92
N ARG A 473 -16.77 28.71 -29.97
CA ARG A 473 -16.07 27.89 -30.94
C ARG A 473 -15.75 26.54 -30.33
N ILE A 474 -16.14 25.48 -31.00
CA ILE A 474 -15.85 24.12 -30.55
C ILE A 474 -14.52 23.67 -31.12
N TYR A 475 -13.63 23.22 -30.24
CA TYR A 475 -12.35 22.63 -30.63
C TYR A 475 -12.60 21.15 -30.94
N ALA A 476 -12.44 20.78 -32.21
CA ALA A 476 -12.91 19.51 -32.73
C ALA A 476 -11.74 18.59 -33.05
N PRO A 477 -11.46 17.58 -32.23
CA PRO A 477 -10.37 16.66 -32.56
C PRO A 477 -10.77 15.83 -33.78
N VAL A 478 -9.79 15.53 -34.61
CA VAL A 478 -10.00 14.78 -35.84
C VAL A 478 -8.92 13.70 -35.93
N GLY A 479 -9.34 12.48 -36.23
CA GLY A 479 -8.38 11.39 -36.31
C GLY A 479 -9.03 10.05 -36.11
N THR A 480 -8.29 9.01 -36.49
CA THR A 480 -8.80 7.66 -36.32
C THR A 480 -8.69 7.20 -34.87
N HIS A 481 -9.29 6.04 -34.60
CA HIS A 481 -9.30 5.48 -33.26
C HIS A 481 -7.88 5.31 -32.71
N GLU A 482 -6.98 4.78 -33.52
CA GLU A 482 -5.58 4.66 -33.11
C GLU A 482 -5.02 6.01 -32.68
N THR A 483 -5.19 7.03 -33.53
CA THR A 483 -4.65 8.35 -33.24
C THR A 483 -5.27 8.96 -31.99
N LEU A 484 -6.58 8.77 -31.79
CA LEU A 484 -7.30 9.48 -30.74
C LEU A 484 -6.90 9.03 -29.33
N LEU A 485 -6.32 7.85 -29.18
CA LEU A 485 -6.01 7.29 -27.86
C LEU A 485 -4.79 7.94 -27.19
N ALA A 486 -4.61 9.25 -27.36
CA ALA A 486 -3.50 9.99 -26.76
C ALA A 486 -4.03 11.22 -26.03
N TYR A 487 -4.56 12.19 -26.79
CA TYR A 487 -5.30 13.29 -26.19
C TYR A 487 -6.53 12.82 -25.41
N LEU A 488 -6.93 11.56 -25.60
CA LEU A 488 -8.04 11.00 -24.82
C LEU A 488 -7.68 10.89 -23.35
N VAL A 489 -6.44 10.51 -23.03
CA VAL A 489 -6.04 10.40 -21.64
C VAL A 489 -5.96 11.78 -20.99
N ARG A 490 -5.33 12.74 -21.67
CA ARG A 490 -5.21 14.09 -21.13
C ARG A 490 -6.58 14.69 -20.82
N ARG A 491 -7.50 14.62 -21.78
CA ARG A 491 -8.83 15.20 -21.58
C ARG A 491 -9.58 14.48 -20.46
N LEU A 492 -9.58 13.15 -20.48
CA LEU A 492 -10.31 12.38 -19.47
C LEU A 492 -9.68 12.55 -18.09
N LEU A 493 -8.35 12.73 -18.03
CA LEU A 493 -7.70 12.93 -16.74
C LEU A 493 -7.91 14.35 -16.23
N GLU A 494 -7.72 15.34 -17.10
CA GLU A 494 -8.00 16.72 -16.71
C GLU A 494 -9.46 16.89 -16.29
N ASN A 495 -10.38 16.21 -16.98
CA ASN A 495 -11.80 16.34 -16.65
C ASN A 495 -12.12 15.65 -15.33
N GLY A 496 -11.47 14.52 -15.05
CA GLY A 496 -11.73 13.74 -13.86
C GLY A 496 -10.87 14.05 -12.66
N ALA A 497 -10.01 15.06 -12.74
CA ALA A 497 -9.21 15.45 -11.59
C ALA A 497 -10.12 16.01 -10.49
N ASN A 498 -9.74 15.77 -9.23
CA ASN A 498 -10.59 16.14 -8.10
C ASN A 498 -10.83 17.64 -8.02
N SER A 499 -9.96 18.46 -8.63
CA SER A 499 -10.11 19.91 -8.64
C SER A 499 -10.76 20.45 -9.91
N SER A 500 -11.00 19.58 -10.90
CA SER A 500 -11.54 20.02 -12.20
C SER A 500 -13.02 20.32 -12.11
N PHE A 501 -13.42 21.44 -12.72
CA PHE A 501 -14.81 21.88 -12.63
C PHE A 501 -15.78 20.79 -13.07
N VAL A 502 -15.46 20.10 -14.17
CA VAL A 502 -16.40 19.12 -14.71
C VAL A 502 -16.49 17.88 -13.82
N HIS A 503 -15.47 17.60 -13.03
CA HIS A 503 -15.60 16.55 -12.02
C HIS A 503 -16.44 17.04 -10.84
N ARG A 504 -16.24 18.29 -10.42
CA ARG A 504 -16.96 18.78 -9.24
C ARG A 504 -18.45 18.94 -9.52
N ILE A 505 -18.81 19.36 -10.74
CA ILE A 505 -20.23 19.53 -11.02
C ILE A 505 -20.93 18.18 -11.04
N ASN A 506 -20.25 17.12 -11.48
CA ASN A 506 -20.80 15.78 -11.41
C ASN A 506 -20.79 15.20 -10.00
N ASP A 507 -19.98 15.76 -9.11
CA ASP A 507 -19.83 15.30 -7.74
C ASP A 507 -21.00 15.78 -6.88
N PRO A 508 -21.87 14.87 -6.44
CA PRO A 508 -23.08 15.30 -5.72
C PRO A 508 -22.78 15.94 -4.37
N LYS A 509 -21.66 15.60 -3.73
CA LYS A 509 -21.32 16.23 -2.46
C LYS A 509 -20.94 17.70 -2.63
N VAL A 510 -20.64 18.13 -3.86
CA VAL A 510 -20.24 19.50 -4.14
C VAL A 510 -21.49 20.32 -4.44
N SER A 511 -21.71 21.37 -3.65
CA SER A 511 -22.89 22.22 -3.81
C SER A 511 -22.64 23.30 -4.86
N ILE A 512 -23.74 23.90 -5.31
CA ILE A 512 -23.64 25.01 -6.26
C ILE A 512 -22.96 26.21 -5.61
N ASP A 513 -23.17 26.42 -4.30
CA ASP A 513 -22.47 27.49 -3.59
C ASP A 513 -20.96 27.28 -3.63
N GLU A 514 -20.50 26.04 -3.43
CA GLU A 514 -19.10 25.73 -3.64
C GLU A 514 -18.68 26.02 -5.07
N LEU A 515 -19.55 25.71 -6.04
CA LEU A 515 -19.14 25.81 -7.44
C LEU A 515 -19.09 27.25 -7.93
N ILE A 516 -19.87 28.16 -7.34
CA ILE A 516 -19.90 29.55 -7.79
C ILE A 516 -19.06 30.45 -6.90
N ALA A 517 -18.34 29.88 -5.93
CA ALA A 517 -17.44 30.67 -5.09
C ALA A 517 -16.40 31.37 -5.94
N ASP A 518 -16.24 32.67 -5.71
CA ASP A 518 -15.32 33.52 -6.45
C ASP A 518 -13.87 33.19 -6.13
N PRO A 519 -13.08 32.65 -7.07
CA PRO A 519 -11.68 32.35 -6.74
C PRO A 519 -10.87 33.59 -6.39
N VAL A 520 -11.23 34.76 -6.94
CA VAL A 520 -10.54 36.01 -6.62
C VAL A 520 -10.68 36.34 -5.14
N GLU A 521 -11.89 36.22 -4.60
CA GLU A 521 -12.11 36.58 -3.20
C GLU A 521 -11.59 35.51 -2.26
N VAL A 522 -11.57 34.24 -2.68
CA VAL A 522 -11.00 33.19 -1.84
C VAL A 522 -9.49 33.36 -1.73
N VAL A 523 -8.83 33.67 -2.84
CA VAL A 523 -7.39 33.91 -2.78
C VAL A 523 -7.09 35.14 -1.92
N ARG A 524 -7.83 36.24 -2.17
CA ARG A 524 -7.58 37.48 -1.42
C ARG A 524 -7.66 37.26 0.08
N ALA A 525 -8.59 36.43 0.52
CA ALA A 525 -8.83 36.21 1.94
C ALA A 525 -7.92 35.17 2.56
N MET A 526 -6.98 34.60 1.80
CA MET A 526 -6.08 33.61 2.36
C MET A 526 -5.07 34.28 3.29
N PRO A 527 -4.50 33.52 4.23
CA PRO A 527 -3.52 34.13 5.16
C PRO A 527 -2.30 34.66 4.44
N VAL A 528 -1.74 33.86 3.54
CA VAL A 528 -0.61 34.26 2.70
C VAL A 528 -1.08 34.14 1.26
N VAL A 529 -1.21 35.28 0.57
CA VAL A 529 -1.70 35.26 -0.79
C VAL A 529 -0.67 34.59 -1.69
N GLY A 530 -1.11 33.65 -2.51
CA GLY A 530 -0.23 33.01 -3.46
C GLY A 530 0.73 31.99 -2.90
N ALA A 531 0.51 31.51 -1.67
CA ALA A 531 1.38 30.47 -1.13
C ALA A 531 1.36 29.22 -2.00
N LYS A 532 2.54 28.62 -2.15
CA LYS A 532 2.69 27.34 -2.85
C LYS A 532 1.80 26.28 -2.24
N HIS A 533 1.40 25.31 -3.07
CA HIS A 533 0.64 24.17 -2.57
C HIS A 533 1.43 23.46 -1.46
N ASP A 534 0.76 23.19 -0.34
CA ASP A 534 1.42 22.54 0.80
C ASP A 534 2.01 21.18 0.46
N ARG A 535 1.39 20.43 -0.44
CA ARG A 535 1.78 19.04 -0.68
C ARG A 535 2.67 18.88 -1.90
N ILE A 536 3.24 19.97 -2.42
CA ILE A 536 4.14 19.87 -3.58
C ILE A 536 5.47 20.50 -3.20
N ALA A 537 6.54 19.72 -3.35
CA ALA A 537 7.85 20.19 -2.96
C ALA A 537 8.47 21.03 -4.08
N LEU A 538 9.03 22.18 -3.72
CA LEU A 538 9.95 22.84 -4.61
C LEU A 538 11.07 21.86 -4.96
N PRO A 539 11.68 21.96 -6.15
CA PRO A 539 12.77 21.04 -6.49
C PRO A 539 13.86 20.99 -5.42
N ALA A 540 14.19 22.12 -4.81
CA ALA A 540 15.28 22.12 -3.82
C ALA A 540 14.92 21.35 -2.56
N GLU A 541 13.64 21.06 -2.33
CA GLU A 541 13.19 20.45 -1.10
C GLU A 541 12.73 19.01 -1.31
N LEU A 542 13.10 18.42 -2.45
CA LEU A 542 12.64 17.07 -2.78
C LEU A 542 12.91 16.08 -1.66
N PHE A 543 14.05 16.22 -0.99
CA PHE A 543 14.47 15.27 0.03
C PHE A 543 14.17 15.73 1.45
N GLY A 544 13.42 16.82 1.60
CA GLY A 544 13.02 17.26 2.93
C GLY A 544 14.19 17.59 3.83
N ASP A 545 14.08 17.15 5.09
CA ASP A 545 15.09 17.45 6.10
C ASP A 545 16.39 16.67 5.92
N ALA A 546 16.42 15.66 5.04
CA ALA A 546 17.62 14.86 4.91
C ALA A 546 18.77 15.66 4.33
N ARG A 547 18.50 16.44 3.28
CA ARG A 547 19.54 17.16 2.58
C ARG A 547 18.92 18.04 1.51
N THR A 548 19.69 19.02 1.07
CA THR A 548 19.27 19.97 0.04
C THR A 548 19.55 19.38 -1.33
N ASN A 549 18.53 19.37 -2.18
CA ASN A 549 18.70 18.92 -3.54
C ASN A 549 19.68 19.86 -4.24
N SER A 550 20.52 19.30 -5.11
CA SER A 550 21.36 20.13 -5.97
C SER A 550 20.46 20.93 -6.92
N ALA A 551 20.96 22.10 -7.34
CA ALA A 551 20.23 23.00 -8.22
C ALA A 551 20.77 22.91 -9.63
N GLY A 552 19.86 22.86 -10.60
CA GLY A 552 20.23 22.83 -11.99
C GLY A 552 20.15 24.22 -12.62
N LEU A 553 20.18 24.22 -13.95
CA LEU A 553 20.15 25.44 -14.73
C LEU A 553 19.20 25.23 -15.90
N ASP A 554 18.41 26.25 -16.22
CA ASP A 554 17.35 26.13 -17.23
C ASP A 554 17.93 26.63 -18.55
N LEU A 555 18.27 25.70 -19.43
CA LEU A 555 18.80 26.08 -20.73
C LEU A 555 17.73 26.59 -21.70
N SER A 556 16.47 26.73 -21.27
CA SER A 556 15.47 27.42 -22.06
C SER A 556 15.29 28.87 -21.64
N ASN A 557 16.02 29.31 -20.61
CA ASN A 557 15.90 30.65 -20.06
C ASN A 557 16.97 31.57 -20.65
N GLU A 558 16.53 32.59 -21.40
CA GLU A 558 17.47 33.45 -22.12
C GLU A 558 18.43 34.15 -21.17
N GLU A 559 17.95 34.56 -19.99
CA GLU A 559 18.86 35.14 -19.00
C GLU A 559 19.91 34.12 -18.59
N THR A 560 19.48 32.88 -18.33
CA THR A 560 20.44 31.84 -17.98
C THR A 560 21.45 31.60 -19.10
N LEU A 561 20.96 31.54 -20.35
CA LEU A 561 21.86 31.30 -21.47
C LEU A 561 22.85 32.45 -21.64
N ALA A 562 22.39 33.67 -21.42
CA ALA A 562 23.27 34.83 -21.58
C ALA A 562 24.34 34.85 -20.49
N SER A 563 23.94 34.65 -19.23
CA SER A 563 24.91 34.55 -18.14
C SER A 563 25.87 33.38 -18.34
N LEU A 564 25.35 32.25 -18.84
CA LEU A 564 26.17 31.06 -18.98
C LEU A 564 27.18 31.20 -20.10
N THR A 565 26.76 31.85 -21.20
CA THR A 565 27.68 32.16 -22.30
C THR A 565 28.89 32.93 -21.79
N GLU A 566 28.66 33.96 -20.98
CA GLU A 566 29.75 34.73 -20.41
C GLU A 566 30.61 33.88 -19.50
N ALA A 567 30.00 33.07 -18.63
CA ALA A 567 30.79 32.30 -17.70
C ALA A 567 31.54 31.18 -18.41
N LEU A 568 30.97 30.62 -19.47
CA LEU A 568 31.65 29.56 -20.21
C LEU A 568 32.87 30.09 -20.96
N ARG A 569 32.71 31.24 -21.61
CA ARG A 569 33.83 31.91 -22.27
C ARG A 569 34.97 32.17 -21.29
N GLU A 570 34.65 32.70 -20.11
CA GLU A 570 35.67 33.00 -19.11
C GLU A 570 36.37 31.73 -18.63
N SER A 571 35.64 30.62 -18.51
CA SER A 571 36.26 29.37 -18.11
C SER A 571 37.27 28.89 -19.15
N ALA A 572 37.06 29.23 -20.42
CA ALA A 572 37.98 28.84 -21.48
C ALA A 572 39.19 29.77 -21.57
N ALA A 573 39.15 30.93 -20.92
CA ALA A 573 40.33 31.77 -20.80
C ALA A 573 41.25 31.36 -19.65
N MET A 574 40.84 30.42 -18.80
CA MET A 574 41.60 30.11 -17.60
C MET A 574 42.71 29.11 -17.90
N LYS A 575 43.85 29.31 -17.25
CA LYS A 575 45.00 28.42 -17.42
C LYS A 575 44.88 27.26 -16.44
N TRP A 576 43.96 26.34 -16.76
CA TRP A 576 43.74 25.18 -15.90
C TRP A 576 45.00 24.31 -15.83
N THR A 577 45.33 23.84 -14.63
CA THR A 577 46.46 22.95 -14.45
C THR A 577 46.08 21.84 -13.48
N ALA A 578 46.83 20.75 -13.56
CA ALA A 578 46.75 19.65 -12.61
C ALA A 578 48.17 19.21 -12.33
N LEU A 579 48.51 19.09 -11.06
CA LEU A 579 49.84 18.73 -10.62
C LEU A 579 49.74 17.60 -9.62
N PRO A 580 50.82 16.89 -9.38
CA PRO A 580 50.82 15.96 -8.25
C PRO A 580 50.75 16.76 -6.96
N GLN A 581 49.63 16.66 -6.26
CA GLN A 581 49.39 17.44 -5.04
C GLN A 581 49.55 16.50 -3.85
N LEU A 582 50.77 16.42 -3.34
CA LEU A 582 51.07 15.55 -2.21
C LEU A 582 50.79 16.29 -0.90
N ALA A 583 50.87 15.54 0.21
CA ALA A 583 50.63 16.12 1.53
C ALA A 583 51.51 17.34 1.75
N THR A 584 52.76 17.27 1.30
CA THR A 584 53.77 18.29 1.56
C THR A 584 53.71 19.46 0.59
N GLY A 585 52.94 19.35 -0.49
CA GLY A 585 52.95 20.36 -1.52
C GLY A 585 53.04 19.78 -2.91
N PRO A 586 53.05 20.66 -3.92
CA PRO A 586 53.03 20.19 -5.30
C PRO A 586 54.35 19.52 -5.66
N ALA A 587 54.26 18.50 -6.50
CA ALA A 587 55.43 17.75 -6.93
C ALA A 587 55.75 18.07 -8.38
N ALA A 588 57.03 17.94 -8.73
CA ALA A 588 57.47 18.08 -10.10
C ALA A 588 57.24 16.78 -10.86
N GLY A 589 57.17 16.89 -12.18
CA GLY A 589 57.00 15.72 -13.02
C GLY A 589 56.91 16.13 -14.47
N GLU A 590 56.65 15.15 -15.34
CA GLU A 590 56.55 15.44 -16.77
C GLU A 590 55.23 16.14 -17.06
N THR A 591 55.30 17.26 -17.78
CA THR A 591 54.14 18.09 -18.06
C THR A 591 53.74 17.98 -19.53
N ARG A 592 52.44 17.85 -19.78
CA ARG A 592 51.92 17.83 -21.14
C ARG A 592 50.58 18.55 -21.19
N THR A 593 50.14 18.89 -22.40
CA THR A 593 48.89 19.60 -22.57
C THR A 593 47.70 18.65 -22.49
N VAL A 594 46.53 19.22 -22.15
CA VAL A 594 45.26 18.50 -22.14
C VAL A 594 44.39 19.13 -23.24
N LEU A 595 43.93 18.31 -24.17
CA LEU A 595 43.26 18.80 -25.38
C LEU A 595 41.77 18.48 -25.34
N ASN A 596 40.98 19.36 -25.96
CA ASN A 596 39.56 19.14 -26.20
C ASN A 596 39.38 17.94 -27.12
N PRO A 597 38.69 16.87 -26.70
CA PRO A 597 38.47 15.73 -27.60
C PRO A 597 37.63 16.09 -28.82
N GLY A 598 36.88 17.18 -28.77
CA GLY A 598 36.14 17.61 -29.93
C GLY A 598 36.93 18.44 -30.91
N ASP A 599 38.12 18.89 -30.51
CA ASP A 599 38.95 19.73 -31.36
C ASP A 599 40.32 19.81 -30.71
N HIS A 600 41.27 19.00 -31.20
CA HIS A 600 42.58 18.93 -30.58
C HIS A 600 43.36 20.24 -30.66
N ARG A 601 42.93 21.17 -31.51
CA ARG A 601 43.54 22.50 -31.56
C ARG A 601 43.21 23.32 -30.32
N ASP A 602 42.13 23.00 -29.62
CA ASP A 602 41.73 23.71 -28.41
C ASP A 602 42.46 23.09 -27.23
N VAL A 603 43.51 23.75 -26.75
CA VAL A 603 44.22 23.30 -25.55
C VAL A 603 43.46 23.76 -24.32
N VAL A 604 43.11 22.80 -23.45
CA VAL A 604 42.31 23.14 -22.28
C VAL A 604 43.18 23.49 -21.08
N GLY A 605 44.33 22.85 -20.93
CA GLY A 605 45.14 23.06 -19.75
C GLY A 605 46.43 22.26 -19.85
N SER A 606 47.13 22.21 -18.73
CA SER A 606 48.37 21.46 -18.63
C SER A 606 48.29 20.54 -17.43
N VAL A 607 48.84 19.34 -17.57
CA VAL A 607 48.87 18.38 -16.47
C VAL A 607 50.33 17.99 -16.22
N THR A 608 50.72 17.96 -14.96
CA THR A 608 51.99 17.41 -14.54
C THR A 608 51.72 16.05 -13.90
N GLU A 609 52.27 14.99 -14.48
CA GLU A 609 51.91 13.66 -14.05
C GLU A 609 52.88 13.16 -12.99
N THR A 610 52.43 12.17 -12.23
CA THR A 610 53.10 11.74 -11.00
C THR A 610 54.12 10.66 -11.33
N SER A 611 55.32 10.81 -10.78
CA SER A 611 56.30 9.73 -10.86
C SER A 611 55.85 8.56 -10.00
N GLU A 612 56.31 7.36 -10.38
CA GLU A 612 56.03 6.18 -9.57
C GLU A 612 56.55 6.37 -8.15
N GLU A 613 57.73 7.00 -8.00
CA GLU A 613 58.29 7.23 -6.67
C GLU A 613 57.36 8.09 -5.82
N ASP A 614 56.85 9.19 -6.40
CA ASP A 614 55.99 10.11 -5.65
C ASP A 614 54.62 9.51 -5.35
N ALA A 615 54.12 8.62 -6.23
CA ALA A 615 52.91 7.88 -5.88
C ALA A 615 53.12 7.02 -4.64
N ARG A 616 54.24 6.29 -4.59
CA ARG A 616 54.55 5.51 -3.39
C ARG A 616 54.73 6.40 -2.16
N ARG A 617 55.38 7.56 -2.35
CA ARG A 617 55.53 8.51 -1.26
C ARG A 617 54.18 9.01 -0.76
N ALA A 618 53.25 9.29 -1.68
CA ALA A 618 51.94 9.78 -1.29
C ALA A 618 51.23 8.81 -0.35
N VAL A 619 51.30 7.51 -0.67
CA VAL A 619 50.64 6.54 0.21
C VAL A 619 51.24 6.57 1.60
N ARG A 620 52.57 6.72 1.67
CA ARG A 620 53.22 6.74 2.99
C ARG A 620 52.78 7.95 3.79
N LEU A 621 52.63 9.11 3.13
CA LEU A 621 52.20 10.31 3.83
C LEU A 621 50.74 10.19 4.26
N ALA A 622 49.92 9.56 3.42
CA ALA A 622 48.54 9.27 3.80
C ALA A 622 48.48 8.36 5.03
N ALA A 623 49.29 7.31 5.06
CA ALA A 623 49.36 6.47 6.25
C ALA A 623 49.78 7.28 7.48
N ASP A 624 50.82 8.11 7.33
CA ASP A 624 51.25 8.97 8.44
C ASP A 624 50.15 9.91 8.90
N ALA A 625 49.32 10.39 7.98
CA ALA A 625 48.26 11.34 8.30
C ALA A 625 46.98 10.69 8.79
N ALA A 626 46.81 9.39 8.57
CA ALA A 626 45.52 8.75 8.80
C ALA A 626 45.00 8.93 10.22
N PRO A 627 45.80 8.78 11.29
CA PRO A 627 45.23 8.99 12.63
C PRO A 627 44.65 10.38 12.83
N ASP A 628 45.30 11.42 12.29
CA ASP A 628 44.80 12.77 12.49
C ASP A 628 43.50 13.00 11.74
N TRP A 629 43.37 12.48 10.53
CA TRP A 629 42.11 12.64 9.81
C TRP A 629 41.01 11.80 10.45
N ALA A 630 41.32 10.57 10.84
CA ALA A 630 40.34 9.74 11.53
C ALA A 630 39.84 10.41 12.81
N ALA A 631 40.66 11.26 13.43
CA ALA A 631 40.31 11.89 14.69
C ALA A 631 39.32 13.05 14.50
N VAL A 632 39.17 13.56 13.29
CA VAL A 632 38.17 14.60 13.04
C VAL A 632 36.79 13.96 13.21
N PRO A 633 35.94 14.49 14.08
CA PRO A 633 34.63 13.86 14.34
C PRO A 633 33.82 13.70 13.06
N PRO A 634 33.07 12.61 12.94
CA PRO A 634 32.29 12.37 11.71
C PRO A 634 31.46 13.55 11.24
N SER A 635 30.83 14.28 12.16
CA SER A 635 29.99 15.40 11.72
C SER A 635 30.83 16.52 11.12
N GLU A 636 32.06 16.68 11.59
CA GLU A 636 32.93 17.70 11.02
C GLU A 636 33.48 17.26 9.69
N ARG A 637 33.79 15.97 9.53
CA ARG A 637 34.10 15.47 8.19
C ARG A 637 32.93 15.69 7.25
N ALA A 638 31.71 15.42 7.73
CA ALA A 638 30.52 15.70 6.93
C ALA A 638 30.42 17.17 6.57
N ALA A 639 30.76 18.06 7.51
CA ALA A 639 30.65 19.49 7.24
C ALA A 639 31.58 19.91 6.10
N CYS A 640 32.75 19.28 5.98
CA CYS A 640 33.64 19.56 4.85
C CYS A 640 32.96 19.18 3.54
N LEU A 641 32.35 18.00 3.49
CA LEU A 641 31.60 17.62 2.30
C LEU A 641 30.49 18.61 1.99
N ASP A 642 29.72 19.02 3.00
CA ASP A 642 28.63 19.94 2.73
C ASP A 642 29.15 21.28 2.24
N ARG A 643 30.28 21.74 2.78
CA ARG A 643 30.88 22.97 2.29
C ARG A 643 31.36 22.82 0.85
N ALA A 644 31.97 21.67 0.53
CA ALA A 644 32.43 21.46 -0.85
C ALA A 644 31.26 21.46 -1.82
N ALA A 645 30.12 20.87 -1.41
CA ALA A 645 28.90 20.91 -2.22
C ALA A 645 28.46 22.34 -2.48
N GLU A 646 28.51 23.19 -1.45
CA GLU A 646 28.17 24.60 -1.63
C GLU A 646 29.10 25.25 -2.63
N LEU A 647 30.41 25.00 -2.50
CA LEU A 647 31.37 25.57 -3.45
C LEU A 647 31.10 25.10 -4.88
N MET A 648 30.82 23.79 -5.05
CA MET A 648 30.57 23.29 -6.39
C MET A 648 29.29 23.88 -6.97
N GLN A 649 28.27 24.06 -6.14
CA GLN A 649 27.03 24.69 -6.60
C GLN A 649 27.30 26.12 -7.07
N ALA A 650 28.02 26.89 -6.25
CA ALA A 650 28.35 28.27 -6.60
C ALA A 650 29.18 28.33 -7.86
N ARG A 651 30.09 27.39 -8.04
CA ARG A 651 31.02 27.40 -9.16
C ARG A 651 30.51 26.60 -10.36
N MET A 652 29.25 26.19 -10.36
CA MET A 652 28.76 25.30 -11.42
C MET A 652 29.02 25.84 -12.81
N PRO A 653 28.74 27.12 -13.13
CA PRO A 653 28.99 27.57 -14.51
C PRO A 653 30.43 27.36 -14.96
N THR A 654 31.40 27.69 -14.12
CA THR A 654 32.80 27.47 -14.47
C THR A 654 33.13 25.99 -14.61
N LEU A 655 32.67 25.17 -13.65
CA LEU A 655 32.87 23.72 -13.73
C LEU A 655 32.26 23.12 -14.99
N LEU A 656 31.06 23.59 -15.38
CA LEU A 656 30.44 23.20 -16.64
C LEU A 656 31.38 23.40 -17.81
N GLY A 657 31.95 24.60 -17.90
CA GLY A 657 32.81 24.92 -19.03
C GLY A 657 34.02 24.03 -19.10
N LEU A 658 34.61 23.71 -17.94
CA LEU A 658 35.75 22.81 -17.92
C LEU A 658 35.35 21.42 -18.40
N ILE A 659 34.23 20.90 -17.88
CA ILE A 659 33.81 19.55 -18.25
C ILE A 659 33.46 19.48 -19.73
N ILE A 660 32.80 20.52 -20.26
CA ILE A 660 32.45 20.57 -21.68
C ILE A 660 33.71 20.41 -22.53
N ARG A 661 34.75 21.18 -22.22
CA ARG A 661 35.93 21.20 -23.07
C ARG A 661 36.93 20.09 -22.78
N GLU A 662 37.07 19.69 -21.51
CA GLU A 662 38.04 18.64 -21.19
C GLU A 662 37.51 17.25 -21.49
N ALA A 663 36.24 17.01 -21.19
CA ALA A 663 35.65 15.68 -21.34
C ALA A 663 34.78 15.55 -22.58
N GLY A 664 34.65 16.61 -23.39
CA GLY A 664 33.83 16.52 -24.59
C GLY A 664 32.34 16.39 -24.35
N LYS A 665 31.83 16.97 -23.29
CA LYS A 665 30.44 16.80 -22.88
C LYS A 665 29.61 18.00 -23.34
N SER A 666 28.32 17.75 -23.56
CA SER A 666 27.39 18.83 -23.79
C SER A 666 27.08 19.58 -22.49
N ALA A 667 26.59 20.82 -22.64
CA ALA A 667 26.24 21.63 -21.47
C ALA A 667 25.20 20.92 -20.61
N LEU A 668 24.21 20.29 -21.26
CA LEU A 668 23.16 19.58 -20.54
C LEU A 668 23.73 18.50 -19.63
N ASN A 669 24.64 17.70 -20.17
CA ASN A 669 25.21 16.60 -19.41
C ASN A 669 26.20 17.10 -18.37
N ALA A 670 26.90 18.20 -18.66
CA ALA A 670 27.81 18.77 -17.67
C ALA A 670 27.05 19.29 -16.46
N ILE A 671 25.91 19.95 -16.69
CA ILE A 671 25.06 20.39 -15.57
C ILE A 671 24.69 19.21 -14.70
N ALA A 672 24.22 18.13 -15.33
CA ALA A 672 23.78 16.96 -14.59
C ALA A 672 24.94 16.34 -13.84
N GLU A 673 26.13 16.38 -14.44
CA GLU A 673 27.31 15.85 -13.75
C GLU A 673 27.65 16.66 -12.51
N VAL A 674 27.69 17.99 -12.64
CA VAL A 674 27.99 18.81 -11.47
C VAL A 674 26.93 18.59 -10.39
N ARG A 675 25.65 18.60 -10.78
CA ARG A 675 24.59 18.24 -9.85
C ARG A 675 24.88 16.93 -9.15
N GLU A 676 25.33 15.93 -9.91
CA GLU A 676 25.57 14.62 -9.33
C GLU A 676 26.71 14.66 -8.32
N ALA A 677 27.75 15.47 -8.60
CA ALA A 677 28.84 15.58 -7.63
C ALA A 677 28.36 16.27 -6.36
N ILE A 678 27.53 17.30 -6.51
CA ILE A 678 26.93 17.97 -5.36
C ILE A 678 26.08 17.00 -4.56
N ASP A 679 25.30 16.18 -5.27
CA ASP A 679 24.43 15.23 -4.57
C ASP A 679 25.23 14.19 -3.81
N PHE A 680 26.33 13.68 -4.40
CA PHE A 680 27.20 12.74 -3.71
C PHE A 680 27.71 13.32 -2.40
N LEU A 681 28.25 14.54 -2.46
CA LEU A 681 28.81 15.17 -1.26
C LEU A 681 27.76 15.29 -0.17
N ARG A 682 26.59 15.82 -0.51
CA ARG A 682 25.54 16.02 0.48
C ARG A 682 24.94 14.70 0.94
N TYR A 683 24.88 13.69 0.07
CA TYR A 683 24.29 12.41 0.47
C TYR A 683 25.19 11.67 1.44
N TYR A 684 26.48 11.54 1.11
CA TYR A 684 27.41 10.88 2.03
C TYR A 684 27.59 11.66 3.32
N ALA A 685 27.48 12.99 3.27
CA ALA A 685 27.49 13.76 4.52
C ALA A 685 26.30 13.41 5.39
N GLU A 686 25.11 13.35 4.80
CA GLU A 686 23.93 13.01 5.59
C GLU A 686 24.03 11.57 6.10
N GLN A 687 24.41 10.64 5.21
CA GLN A 687 24.57 9.25 5.60
C GLN A 687 25.59 9.11 6.74
N THR A 688 26.64 9.93 6.71
CA THR A 688 27.60 9.95 7.83
C THR A 688 26.93 10.41 9.11
N ARG A 689 26.18 11.51 9.05
CA ARG A 689 25.54 12.02 10.27
C ARG A 689 24.52 11.03 10.80
N ARG A 690 23.95 10.20 9.92
CA ARG A 690 23.00 9.18 10.35
C ARG A 690 23.68 7.97 10.98
N THR A 691 24.98 7.75 10.75
CA THR A 691 25.52 6.43 11.09
C THR A 691 26.81 6.40 11.91
N LEU A 692 27.82 7.19 11.55
CA LEU A 692 29.18 6.87 11.96
C LEU A 692 29.48 7.32 13.39
N GLY A 693 30.09 6.43 14.15
CA GLY A 693 30.48 6.73 15.51
C GLY A 693 31.89 6.25 15.77
N PRO A 694 32.29 6.22 17.05
CA PRO A 694 33.69 5.86 17.37
C PRO A 694 34.06 4.45 16.98
N GLY A 695 33.15 3.49 17.13
CA GLY A 695 33.46 2.12 16.83
C GLY A 695 33.57 1.79 15.36
N HIS A 696 33.23 2.73 14.47
CA HIS A 696 33.32 2.50 13.03
C HIS A 696 34.64 3.10 12.54
N GLY A 697 35.72 2.36 12.80
CA GLY A 697 37.05 2.85 12.52
C GLY A 697 37.40 2.79 11.04
N PRO A 698 38.25 3.71 10.60
CA PRO A 698 38.59 3.77 9.18
C PRO A 698 39.45 2.59 8.78
N LEU A 699 39.39 2.27 7.49
CA LEU A 699 40.30 1.29 6.91
C LEU A 699 41.74 1.79 6.93
N GLY A 700 41.96 3.06 6.59
CA GLY A 700 43.29 3.56 6.33
C GLY A 700 43.34 4.23 4.97
N PRO A 701 44.54 4.40 4.40
CA PRO A 701 44.63 5.05 3.09
C PRO A 701 43.85 4.28 2.03
N ILE A 702 43.05 5.03 1.28
CA ILE A 702 42.19 4.46 0.24
C ILE A 702 42.63 5.04 -1.08
N VAL A 703 42.84 4.16 -2.06
CA VAL A 703 43.20 4.57 -3.40
C VAL A 703 41.92 4.68 -4.24
N CYS A 704 41.62 5.90 -4.72
CA CYS A 704 40.44 6.16 -5.53
C CYS A 704 40.87 6.37 -6.98
N ILE A 705 40.53 5.42 -7.83
CA ILE A 705 40.87 5.45 -9.26
C ILE A 705 39.58 5.68 -10.04
N SER A 706 39.55 6.73 -10.84
CA SER A 706 38.30 7.16 -11.46
C SER A 706 38.40 7.23 -12.99
N PRO A 707 37.24 7.21 -13.68
CA PRO A 707 37.26 7.22 -15.15
C PRO A 707 37.17 8.61 -15.74
N TRP A 708 37.31 8.70 -17.07
CA TRP A 708 37.17 9.96 -17.79
C TRP A 708 35.74 10.31 -18.16
N ASN A 709 34.78 9.37 -18.05
CA ASN A 709 33.47 9.66 -18.63
C ASN A 709 32.58 10.44 -17.67
N PHE A 710 32.80 10.34 -16.37
CA PHE A 710 32.23 11.26 -15.38
C PHE A 710 33.40 11.77 -14.57
N PRO A 711 34.20 12.67 -15.16
CA PRO A 711 35.48 13.04 -14.55
C PRO A 711 35.34 13.90 -13.31
N LEU A 712 34.16 14.42 -13.00
CA LEU A 712 33.95 15.08 -11.73
C LEU A 712 33.01 14.32 -10.80
N ALA A 713 31.91 13.76 -11.30
CA ALA A 713 30.92 13.16 -10.43
C ALA A 713 31.44 11.88 -9.78
N ILE A 714 31.92 10.93 -10.59
CA ILE A 714 32.39 9.67 -10.03
C ILE A 714 33.68 9.89 -9.25
N PHE A 715 34.54 10.75 -9.77
CA PHE A 715 35.72 11.20 -9.04
C PHE A 715 35.36 11.72 -7.64
N THR A 716 34.40 12.64 -7.57
CA THR A 716 34.04 13.21 -6.27
C THR A 716 33.35 12.20 -5.39
N GLY A 717 32.48 11.37 -5.97
CA GLY A 717 31.73 10.41 -5.18
C GLY A 717 32.62 9.45 -4.42
N GLN A 718 33.55 8.80 -5.13
CA GLN A 718 34.45 7.86 -4.46
C GLN A 718 35.28 8.56 -3.40
N ILE A 719 35.82 9.74 -3.72
CA ILE A 719 36.71 10.40 -2.77
C ILE A 719 35.94 10.88 -1.54
N ALA A 720 34.76 11.47 -1.74
CA ALA A 720 33.98 11.98 -0.62
C ALA A 720 33.59 10.88 0.35
N ALA A 721 33.15 9.74 -0.18
CA ALA A 721 32.74 8.64 0.69
C ALA A 721 33.92 8.16 1.52
N ALA A 722 35.08 7.98 0.89
CA ALA A 722 36.26 7.52 1.63
C ALA A 722 36.69 8.52 2.68
N LEU A 723 36.75 9.81 2.31
CA LEU A 723 37.13 10.86 3.24
C LEU A 723 36.17 10.93 4.42
N VAL A 724 34.87 10.97 4.14
CA VAL A 724 33.93 11.20 5.23
C VAL A 724 33.84 9.96 6.12
N ALA A 725 34.15 8.78 5.58
CA ALA A 725 34.29 7.59 6.41
C ALA A 725 35.56 7.62 7.26
N GLY A 726 36.37 8.67 7.20
CA GLY A 726 37.52 8.78 8.04
C GLY A 726 38.83 8.33 7.43
N ASN A 727 38.87 8.07 6.14
CA ASN A 727 40.08 7.58 5.49
C ASN A 727 40.77 8.69 4.71
N PRO A 728 42.10 8.76 4.72
CA PRO A 728 42.80 9.65 3.80
C PRO A 728 42.83 9.02 2.41
N VAL A 729 42.82 9.90 1.40
CA VAL A 729 42.58 9.48 0.03
C VAL A 729 43.76 9.83 -0.87
N LEU A 730 44.10 8.87 -1.73
CA LEU A 730 44.99 9.09 -2.87
C LEU A 730 44.09 9.10 -4.10
N ALA A 731 43.93 10.26 -4.73
CA ALA A 731 43.00 10.44 -5.85
C ALA A 731 43.77 10.35 -7.17
N LYS A 732 43.52 9.28 -7.93
CA LYS A 732 44.15 9.05 -9.23
C LYS A 732 43.09 9.20 -10.32
N PRO A 733 42.96 10.38 -10.93
CA PRO A 733 41.98 10.56 -11.99
C PRO A 733 42.45 9.95 -13.31
N ALA A 734 41.49 9.74 -14.21
CA ALA A 734 41.83 9.23 -15.53
C ALA A 734 42.85 10.16 -16.19
N GLU A 735 43.75 9.57 -16.97
CA GLU A 735 44.78 10.38 -17.62
C GLU A 735 44.17 11.38 -18.59
N GLU A 736 42.97 11.11 -19.11
CA GLU A 736 42.36 12.03 -20.08
C GLU A 736 41.78 13.28 -19.42
N THR A 737 41.39 13.21 -18.14
CA THR A 737 40.63 14.30 -17.50
C THR A 737 41.19 14.70 -16.14
N PRO A 738 42.45 15.14 -16.07
CA PRO A 738 43.01 15.56 -14.77
C PRO A 738 42.58 16.94 -14.32
N LEU A 739 42.20 17.83 -15.24
CA LEU A 739 41.99 19.23 -14.85
C LEU A 739 40.77 19.37 -13.95
N ILE A 740 39.64 18.79 -14.34
CA ILE A 740 38.47 18.90 -13.47
C ILE A 740 38.71 18.15 -12.17
N ALA A 741 39.53 17.10 -12.18
CA ALA A 741 39.90 16.42 -10.94
C ALA A 741 40.69 17.35 -10.02
N ALA A 742 41.69 18.04 -10.58
CA ALA A 742 42.46 18.99 -9.78
C ALA A 742 41.56 20.05 -9.19
N GLU A 743 40.60 20.53 -9.98
CA GLU A 743 39.66 21.54 -9.48
C GLU A 743 38.79 20.97 -8.37
N GLY A 744 38.40 19.70 -8.47
CA GLY A 744 37.62 19.09 -7.42
C GLY A 744 38.41 18.93 -6.13
N VAL A 745 39.67 18.52 -6.23
CA VAL A 745 40.53 18.44 -5.04
C VAL A 745 40.73 19.82 -4.45
N ARG A 746 40.86 20.84 -5.30
CA ARG A 746 41.06 22.20 -4.79
C ARG A 746 39.83 22.67 -4.02
N ILE A 747 38.64 22.40 -4.55
CA ILE A 747 37.40 22.73 -3.85
C ILE A 747 37.29 21.94 -2.54
N LEU A 748 37.56 20.63 -2.58
CA LEU A 748 37.50 19.85 -1.34
C LEU A 748 38.51 20.35 -0.30
N ARG A 749 39.71 20.70 -0.73
CA ARG A 749 40.67 21.24 0.23
C ARG A 749 40.20 22.59 0.76
N GLU A 750 39.61 23.42 -0.10
CA GLU A 750 39.11 24.72 0.33
C GLU A 750 37.97 24.56 1.34
N ALA A 751 37.13 23.54 1.15
CA ALA A 751 36.05 23.25 2.09
C ALA A 751 36.54 22.70 3.42
N GLY A 752 37.83 22.41 3.55
CA GLY A 752 38.40 22.00 4.84
C GLY A 752 39.06 20.64 4.85
N ILE A 753 39.05 19.86 3.77
CA ILE A 753 39.81 18.61 3.76
C ILE A 753 41.30 18.92 3.82
N PRO A 754 42.02 18.48 4.85
CA PRO A 754 43.47 18.75 4.92
C PRO A 754 44.22 18.19 3.72
N ALA A 755 45.32 18.87 3.38
CA ALA A 755 46.13 18.43 2.25
C ALA A 755 46.65 17.01 2.45
N SER A 756 46.95 16.64 3.69
CA SER A 756 47.42 15.29 3.96
C SER A 756 46.32 14.24 3.86
N ALA A 757 45.05 14.64 3.97
CA ALA A 757 43.95 13.68 3.83
C ALA A 757 43.50 13.50 2.38
N LEU A 758 43.87 14.39 1.48
CA LEU A 758 43.45 14.27 0.09
C LEU A 758 44.60 14.69 -0.81
N GLN A 759 45.25 13.71 -1.42
CA GLN A 759 46.35 13.95 -2.34
C GLN A 759 45.93 13.58 -3.76
N LEU A 760 46.34 14.42 -4.71
CA LEU A 760 46.02 14.23 -6.12
C LEU A 760 47.27 13.72 -6.85
N LEU A 761 47.12 12.62 -7.59
CA LEU A 761 48.23 12.03 -8.34
C LEU A 761 47.77 11.85 -9.79
N PRO A 762 47.87 12.89 -10.62
CA PRO A 762 47.51 12.73 -12.04
C PRO A 762 48.45 11.76 -12.71
N GLY A 763 47.95 11.10 -13.74
CA GLY A 763 48.80 10.19 -14.50
C GLY A 763 48.02 9.03 -15.05
N ASP A 764 48.75 8.14 -15.71
CA ASP A 764 48.14 7.01 -16.41
C ASP A 764 48.02 5.81 -15.47
N GLY A 765 47.74 4.64 -16.04
CA GLY A 765 47.55 3.44 -15.23
C GLY A 765 48.78 2.99 -14.47
N ARG A 766 49.98 3.41 -14.90
CA ARG A 766 51.18 3.09 -14.13
C ARG A 766 51.15 3.77 -12.77
N VAL A 767 50.61 4.99 -12.70
CA VAL A 767 50.43 5.66 -11.42
C VAL A 767 49.34 4.95 -10.62
N GLY A 768 48.21 4.64 -11.27
CA GLY A 768 47.19 3.85 -10.60
C GLY A 768 47.74 2.58 -9.99
N ALA A 769 48.60 1.86 -10.73
CA ALA A 769 49.12 0.59 -10.24
C ALA A 769 50.09 0.77 -9.09
N ALA A 770 50.94 1.81 -9.16
CA ALA A 770 51.85 2.07 -8.06
C ALA A 770 51.10 2.34 -6.76
N LEU A 771 49.99 3.08 -6.86
CA LEU A 771 49.18 3.36 -5.67
C LEU A 771 48.56 2.08 -5.13
N VAL A 772 48.00 1.25 -6.02
CA VAL A 772 47.35 0.00 -5.59
C VAL A 772 48.37 -0.92 -4.92
N ALA A 773 49.58 -0.97 -5.46
CA ALA A 773 50.58 -1.89 -4.93
C ALA A 773 51.20 -1.41 -3.63
N ALA A 774 51.07 -0.13 -3.29
CA ALA A 774 51.77 0.39 -2.12
C ALA A 774 51.32 -0.33 -0.86
N ALA A 775 52.29 -0.61 0.02
CA ALA A 775 52.07 -1.49 1.15
C ALA A 775 51.00 -0.96 2.11
N GLU A 776 50.91 0.36 2.28
CA GLU A 776 49.95 0.91 3.23
C GLU A 776 48.56 1.09 2.63
N THR A 777 48.35 0.68 1.39
CA THR A 777 47.04 0.84 0.78
C THR A 777 46.03 -0.09 1.46
N ALA A 778 44.98 0.51 2.04
CA ALA A 778 44.03 -0.22 2.87
C ALA A 778 42.70 -0.47 2.18
N GLY A 779 42.49 0.10 1.01
CA GLY A 779 41.27 -0.11 0.28
C GLY A 779 41.39 0.60 -1.06
N VAL A 780 40.61 0.09 -2.03
CA VAL A 780 40.62 0.62 -3.38
C VAL A 780 39.19 0.81 -3.85
N MET A 781 38.90 1.99 -4.38
CA MET A 781 37.66 2.27 -5.07
C MET A 781 38.00 2.52 -6.53
N PHE A 782 37.44 1.72 -7.42
CA PHE A 782 37.74 1.76 -8.84
C PHE A 782 36.45 1.84 -9.65
N THR A 783 36.42 2.77 -10.60
CA THR A 783 35.38 2.75 -11.62
C THR A 783 36.08 2.81 -12.98
N GLY A 784 35.76 1.84 -13.83
CA GLY A 784 36.41 1.74 -15.13
C GLY A 784 36.11 0.40 -15.76
N SER A 785 37.04 -0.08 -16.56
CA SER A 785 36.85 -1.33 -17.28
C SER A 785 36.90 -2.55 -16.36
N THR A 786 36.19 -3.61 -16.75
CA THR A 786 36.27 -4.87 -16.01
C THR A 786 37.69 -5.43 -16.01
N GLU A 787 38.42 -5.27 -17.12
CA GLU A 787 39.76 -5.83 -17.20
C GLU A 787 40.68 -5.22 -16.16
N VAL A 788 40.65 -3.90 -16.03
CA VAL A 788 41.54 -3.27 -15.06
C VAL A 788 41.12 -3.63 -13.65
N ALA A 789 39.82 -3.62 -13.37
CA ALA A 789 39.34 -4.06 -12.06
C ALA A 789 39.83 -5.46 -11.75
N ARG A 790 39.85 -6.34 -12.75
CA ARG A 790 40.34 -7.70 -12.52
C ARG A 790 41.84 -7.70 -12.24
N LEU A 791 42.60 -6.82 -12.93
CA LEU A 791 44.02 -6.70 -12.62
C LEU A 791 44.25 -6.14 -11.23
N ILE A 792 43.41 -5.20 -10.79
CA ILE A 792 43.55 -4.67 -9.45
C ILE A 792 43.25 -5.75 -8.41
N GLN A 793 42.16 -6.51 -8.62
CA GLN A 793 41.81 -7.59 -7.70
C GLN A 793 42.95 -8.58 -7.54
N ALA A 794 43.58 -8.95 -8.66
CA ALA A 794 44.68 -9.91 -8.60
C ALA A 794 45.86 -9.35 -7.80
N GLN A 795 46.16 -8.06 -7.94
CA GLN A 795 47.23 -7.46 -7.15
C GLN A 795 46.86 -7.42 -5.66
N LEU A 796 45.59 -7.11 -5.35
CA LEU A 796 45.18 -7.08 -3.96
C LEU A 796 45.03 -8.47 -3.35
N ALA A 797 44.85 -9.51 -4.16
CA ALA A 797 44.68 -10.86 -3.60
C ALA A 797 45.92 -11.33 -2.85
N ASP A 798 47.09 -10.77 -3.19
CA ASP A 798 48.35 -11.11 -2.54
C ASP A 798 48.49 -10.49 -1.15
N ARG A 799 47.56 -9.64 -0.73
CA ARG A 799 47.76 -8.78 0.43
C ARG A 799 46.68 -9.00 1.49
N LEU A 800 47.04 -8.67 2.74
CA LEU A 800 46.08 -8.61 3.83
C LEU A 800 46.28 -7.33 4.63
N SER A 801 45.19 -6.87 5.24
CA SER A 801 45.22 -5.71 6.11
C SER A 801 46.03 -6.04 7.36
N PRO A 802 46.38 -5.04 8.18
CA PRO A 802 47.05 -5.36 9.46
C PRO A 802 46.32 -6.40 10.27
N ALA A 803 44.98 -6.34 10.29
CA ALA A 803 44.16 -7.32 11.01
C ALA A 803 44.13 -8.68 10.33
N GLY A 804 44.85 -8.87 9.23
CA GLY A 804 44.80 -10.12 8.50
C GLY A 804 43.51 -10.35 7.75
N ARG A 805 42.94 -9.32 7.14
CA ARG A 805 41.70 -9.44 6.38
C ARG A 805 41.91 -8.90 4.97
N PRO A 806 41.12 -9.35 3.99
CA PRO A 806 41.35 -8.92 2.61
C PRO A 806 41.18 -7.41 2.47
N ILE A 807 41.94 -6.83 1.55
CA ILE A 807 41.82 -5.40 1.24
C ILE A 807 40.54 -5.15 0.45
N PRO A 808 39.62 -4.32 0.94
CA PRO A 808 38.37 -4.10 0.20
C PRO A 808 38.64 -3.44 -1.15
N LEU A 809 37.93 -3.92 -2.16
CA LEU A 809 37.85 -3.31 -3.48
C LEU A 809 36.39 -3.05 -3.81
N ILE A 810 36.05 -1.80 -4.06
CA ILE A 810 34.75 -1.44 -4.62
C ILE A 810 35.00 -1.12 -6.08
N ALA A 811 34.46 -1.94 -6.97
CA ALA A 811 34.68 -1.77 -8.40
C ALA A 811 33.34 -1.71 -9.11
N GLU A 812 33.09 -0.59 -9.81
CA GLU A 812 31.95 -0.48 -10.72
C GLU A 812 32.48 -0.53 -12.15
N THR A 813 32.02 -1.49 -12.94
CA THR A 813 32.68 -1.80 -14.21
C THR A 813 31.71 -1.93 -15.38
N GLY A 814 30.66 -1.13 -15.44
CA GLY A 814 29.96 -1.08 -16.73
C GLY A 814 29.08 -2.29 -17.04
N GLY A 815 28.55 -2.32 -18.27
CA GLY A 815 27.49 -3.29 -18.53
C GLY A 815 27.25 -3.52 -20.00
N GLN A 816 26.36 -4.48 -20.26
CA GLN A 816 25.86 -4.76 -21.61
C GLN A 816 24.36 -4.57 -21.56
N ASN A 817 23.94 -3.30 -21.47
CA ASN A 817 22.62 -3.00 -20.94
C ASN A 817 21.55 -3.13 -22.02
N ALA A 818 20.44 -3.77 -21.65
CA ALA A 818 19.35 -4.05 -22.58
C ALA A 818 18.09 -3.28 -22.23
N MET A 819 17.25 -3.10 -23.23
CA MET A 819 15.89 -2.61 -23.05
C MET A 819 14.97 -3.54 -23.83
N ILE A 820 13.91 -4.00 -23.20
CA ILE A 820 12.92 -4.85 -23.85
C ILE A 820 11.65 -4.03 -24.07
N VAL A 821 11.16 -4.04 -25.30
CA VAL A 821 10.01 -3.24 -25.73
C VAL A 821 8.97 -4.21 -26.26
N ASP A 822 7.76 -4.17 -25.70
CA ASP A 822 6.74 -5.05 -26.27
C ASP A 822 5.77 -4.21 -27.08
N SER A 823 4.75 -4.86 -27.65
CA SER A 823 3.82 -4.19 -28.54
C SER A 823 2.80 -3.33 -27.82
N SER A 824 2.85 -3.23 -26.49
CA SER A 824 1.97 -2.32 -25.77
C SER A 824 2.60 -0.94 -25.57
N ALA A 825 3.91 -0.82 -25.71
CA ALA A 825 4.60 0.45 -25.49
C ALA A 825 4.20 1.48 -26.56
N LEU A 826 4.34 2.75 -26.21
CA LEU A 826 4.08 3.86 -27.13
C LEU A 826 5.36 4.17 -27.91
N ALA A 827 5.31 4.00 -29.23
CA ALA A 827 6.51 4.04 -30.05
C ALA A 827 7.31 5.33 -29.88
N GLU A 828 6.62 6.49 -29.83
CA GLU A 828 7.32 7.76 -29.69
C GLU A 828 8.04 7.88 -28.34
N GLN A 829 7.42 7.38 -27.26
CA GLN A 829 8.09 7.34 -25.96
C GLN A 829 9.32 6.46 -26.04
N VAL A 830 9.17 5.26 -26.60
CA VAL A 830 10.28 4.34 -26.74
C VAL A 830 11.44 4.99 -27.48
N VAL A 831 11.15 5.60 -28.65
CA VAL A 831 12.21 6.13 -29.50
C VAL A 831 12.98 7.22 -28.76
N GLY A 832 12.27 8.12 -28.10
CA GLY A 832 12.93 9.16 -27.34
C GLY A 832 13.78 8.58 -26.23
N ASP A 833 13.30 7.54 -25.56
CA ASP A 833 14.09 6.95 -24.49
C ASP A 833 15.27 6.15 -25.04
N VAL A 834 15.10 5.55 -26.22
CA VAL A 834 16.20 4.81 -26.84
C VAL A 834 17.29 5.75 -27.32
N ILE A 835 16.91 6.80 -28.05
CA ILE A 835 17.88 7.77 -28.56
C ILE A 835 18.69 8.36 -27.42
N THR A 836 18.02 8.75 -26.34
CA THR A 836 18.72 9.30 -25.19
C THR A 836 19.63 8.25 -24.54
N SER A 837 19.10 7.05 -24.30
CA SER A 837 19.87 6.06 -23.53
C SER A 837 21.10 5.60 -24.28
N ALA A 838 21.00 5.44 -25.60
CA ALA A 838 22.11 4.88 -26.36
C ALA A 838 23.14 5.93 -26.78
N PHE A 839 22.73 7.16 -27.03
CA PHE A 839 23.65 8.10 -27.65
C PHE A 839 23.97 9.32 -26.81
N ASP A 840 23.21 9.62 -25.76
CA ASP A 840 23.63 10.67 -24.84
C ASP A 840 25.05 10.40 -24.38
N SER A 841 25.87 11.46 -24.36
CA SER A 841 27.29 11.39 -23.99
C SER A 841 28.06 10.46 -24.92
N ALA A 842 27.63 10.38 -26.18
CA ALA A 842 28.28 9.51 -27.16
C ALA A 842 28.30 8.05 -26.69
N GLY A 843 27.25 7.66 -25.97
CA GLY A 843 27.19 6.32 -25.42
C GLY A 843 28.30 5.99 -24.43
N GLN A 844 28.95 7.02 -23.87
CA GLN A 844 30.05 6.82 -22.92
C GLN A 844 29.56 6.84 -21.47
N ARG A 845 28.36 6.30 -21.24
CA ARG A 845 27.88 6.02 -19.90
C ARG A 845 27.97 4.52 -19.66
N CYS A 846 28.34 4.14 -18.43
CA CYS A 846 28.31 2.73 -18.09
C CYS A 846 26.90 2.18 -18.21
N SER A 847 25.90 3.03 -17.98
CA SER A 847 24.48 2.71 -18.02
C SER A 847 23.88 2.77 -19.42
N ALA A 848 24.67 3.11 -20.44
CA ALA A 848 24.10 3.37 -21.76
C ALA A 848 23.39 2.14 -22.31
N LEU A 849 22.35 2.38 -23.11
CA LEU A 849 21.61 1.29 -23.75
C LEU A 849 22.45 0.70 -24.87
N ARG A 850 22.77 -0.59 -24.75
CA ARG A 850 23.58 -1.28 -25.75
C ARG A 850 22.77 -2.21 -26.66
N VAL A 851 21.70 -2.81 -26.15
CA VAL A 851 20.94 -3.81 -26.91
C VAL A 851 19.46 -3.52 -26.71
N LEU A 852 18.81 -3.06 -27.77
CA LEU A 852 17.37 -2.83 -27.77
C LEU A 852 16.68 -4.07 -28.32
N CYS A 853 15.68 -4.56 -27.60
CA CYS A 853 14.97 -5.78 -27.96
C CYS A 853 13.52 -5.43 -28.25
N LEU A 854 13.11 -5.63 -29.51
CA LEU A 854 11.84 -5.16 -30.03
C LEU A 854 10.94 -6.34 -30.33
N GLN A 855 9.76 -6.38 -29.72
CA GLN A 855 8.82 -7.44 -30.06
C GLN A 855 8.54 -7.40 -31.55
N GLU A 856 8.54 -8.58 -32.18
CA GLU A 856 8.61 -8.67 -33.63
C GLU A 856 7.47 -7.89 -34.31
N ASP A 857 6.28 -7.85 -33.71
CA ASP A 857 5.14 -7.25 -34.39
C ASP A 857 5.22 -5.73 -34.44
N VAL A 858 6.08 -5.10 -33.64
CA VAL A 858 6.27 -3.66 -33.69
C VAL A 858 7.70 -3.27 -34.07
N ALA A 859 8.55 -4.26 -34.41
CA ALA A 859 9.97 -3.97 -34.61
C ALA A 859 10.21 -3.07 -35.82
N ASP A 860 9.51 -3.31 -36.93
CA ASP A 860 9.75 -2.53 -38.15
C ASP A 860 9.36 -1.07 -37.96
N ARG A 861 8.18 -0.83 -37.40
CA ARG A 861 7.74 0.54 -37.19
C ARG A 861 8.68 1.28 -36.25
N ILE A 862 9.04 0.65 -35.13
CA ILE A 862 9.93 1.31 -34.18
C ILE A 862 11.32 1.52 -34.79
N LEU A 863 11.84 0.50 -35.49
CA LEU A 863 13.15 0.65 -36.12
C LEU A 863 13.14 1.80 -37.11
N THR A 864 12.06 1.93 -37.89
CA THR A 864 11.98 3.01 -38.86
C THR A 864 12.04 4.37 -38.17
N MET A 865 11.25 4.54 -37.10
CA MET A 865 11.28 5.81 -36.37
C MET A 865 12.64 6.03 -35.72
N LEU A 866 13.24 4.96 -35.19
CA LEU A 866 14.54 5.09 -34.54
C LEU A 866 15.59 5.61 -35.52
N LYS A 867 15.65 5.02 -36.72
CA LYS A 867 16.61 5.48 -37.71
C LYS A 867 16.32 6.92 -38.13
N GLY A 868 15.03 7.26 -38.28
CA GLY A 868 14.69 8.63 -38.58
C GLY A 868 15.09 9.58 -37.47
N ALA A 869 14.93 9.18 -36.21
CA ALA A 869 15.33 10.04 -35.11
C ALA A 869 16.85 10.16 -34.99
N LEU A 870 17.56 9.09 -35.34
CA LEU A 870 19.02 9.11 -35.35
C LEU A 870 19.55 10.24 -36.22
N HIS A 871 18.96 10.45 -37.39
CA HIS A 871 19.49 11.44 -38.32
C HIS A 871 19.14 12.87 -37.96
N GLU A 872 18.36 13.09 -36.89
CA GLU A 872 18.08 14.42 -36.40
C GLU A 872 19.06 14.88 -35.32
N LEU A 873 20.02 14.04 -34.95
CA LEU A 873 21.02 14.40 -33.94
C LEU A 873 22.13 15.25 -34.54
N HIS A 874 22.58 16.25 -33.78
CA HIS A 874 23.65 17.14 -34.19
C HIS A 874 24.93 16.76 -33.43
N ILE A 875 25.98 16.41 -34.17
CA ILE A 875 27.25 15.96 -33.59
C ILE A 875 28.29 17.02 -33.88
N GLY A 876 29.06 17.40 -32.87
CA GLY A 876 30.11 18.38 -33.10
C GLY A 876 30.79 18.73 -31.78
N ARG A 877 31.69 19.71 -31.88
CA ARG A 877 32.31 20.27 -30.69
C ARG A 877 31.23 20.79 -29.74
N THR A 878 31.38 20.49 -28.44
CA THR A 878 30.27 20.62 -27.52
C THR A 878 30.12 22.00 -26.90
N ASP A 879 30.84 23.01 -27.38
CA ASP A 879 30.63 24.35 -26.88
C ASP A 879 29.53 25.10 -27.65
N ARG A 880 28.52 24.39 -28.16
CA ARG A 880 27.34 24.99 -28.74
C ARG A 880 26.13 24.26 -28.18
N LEU A 881 25.12 25.02 -27.76
CA LEU A 881 23.92 24.42 -27.19
C LEU A 881 23.25 23.48 -28.18
N SER A 882 23.35 23.78 -29.48
CA SER A 882 22.72 22.95 -30.51
C SER A 882 23.34 21.57 -30.66
N VAL A 883 24.46 21.27 -30.01
CA VAL A 883 25.08 19.96 -30.20
C VAL A 883 24.42 18.94 -29.27
N ASP A 884 24.01 17.80 -29.85
CA ASP A 884 23.40 16.72 -29.09
C ASP A 884 24.41 15.69 -28.60
N VAL A 885 25.36 15.34 -29.45
CA VAL A 885 26.32 14.28 -29.17
C VAL A 885 27.71 14.84 -29.47
N GLY A 886 28.60 14.77 -28.50
CA GLY A 886 29.95 15.21 -28.68
C GLY A 886 30.88 14.10 -29.12
N PRO A 887 32.18 14.36 -29.03
CA PRO A 887 33.17 13.37 -29.45
C PRO A 887 33.28 12.22 -28.45
N VAL A 888 33.93 11.16 -28.89
CA VAL A 888 34.43 10.17 -27.94
C VAL A 888 35.79 10.65 -27.40
N ILE A 889 36.24 10.03 -26.31
CA ILE A 889 37.23 10.69 -25.48
C ILE A 889 38.60 10.75 -26.16
N THR A 890 38.97 9.72 -26.93
CA THR A 890 40.29 9.66 -27.54
C THR A 890 40.24 9.02 -28.92
N SER A 891 41.36 9.15 -29.65
CA SER A 891 41.51 8.45 -30.92
CA SER A 891 41.50 8.45 -30.91
C SER A 891 41.46 6.94 -30.73
N GLU A 892 42.04 6.45 -29.63
CA GLU A 892 42.04 5.00 -29.40
C GLU A 892 40.62 4.50 -29.16
N ALA A 893 39.83 5.21 -28.37
CA ALA A 893 38.42 4.85 -28.24
C ALA A 893 37.74 4.89 -29.59
N LYS A 894 37.99 5.93 -30.39
CA LYS A 894 37.36 6.01 -31.69
C LYS A 894 37.72 4.80 -32.55
N ASP A 895 39.01 4.42 -32.55
CA ASP A 895 39.44 3.27 -33.35
C ASP A 895 38.80 1.98 -32.87
N ASN A 896 38.76 1.76 -31.55
CA ASN A 896 38.13 0.57 -31.00
C ASN A 896 36.67 0.47 -31.43
N ILE A 897 35.94 1.59 -31.30
CA ILE A 897 34.51 1.55 -31.62
C ILE A 897 34.31 1.30 -33.12
N GLU A 898 35.09 1.98 -33.96
CA GLU A 898 34.92 1.86 -35.40
C GLU A 898 35.30 0.47 -35.91
N LYS A 899 36.25 -0.19 -35.25
CA LYS A 899 36.59 -1.56 -35.63
C LYS A 899 35.43 -2.50 -35.35
N HIS A 900 34.71 -2.27 -34.25
CA HIS A 900 33.54 -3.09 -33.96
C HIS A 900 32.46 -2.86 -35.01
N ILE A 901 32.20 -1.61 -35.36
CA ILE A 901 31.20 -1.30 -36.37
C ILE A 901 31.52 -2.00 -37.68
N GLU A 902 32.77 -1.89 -38.13
CA GLU A 902 33.15 -2.46 -39.43
C GLU A 902 33.10 -3.98 -39.41
N ARG A 903 33.47 -4.59 -38.28
CA ARG A 903 33.32 -6.04 -38.17
C ARG A 903 31.87 -6.45 -38.33
N MET A 904 30.95 -5.79 -37.60
CA MET A 904 29.52 -6.07 -37.77
C MET A 904 29.10 -5.91 -39.23
N ARG A 905 29.47 -4.79 -39.84
CA ARG A 905 29.17 -4.54 -41.24
C ARG A 905 29.74 -5.64 -42.12
N GLY A 906 30.94 -6.14 -41.78
CA GLY A 906 31.57 -7.17 -42.57
C GLY A 906 30.88 -8.51 -42.46
N LEU A 907 30.19 -8.76 -41.34
CA LEU A 907 29.39 -9.95 -41.17
C LEU A 907 28.00 -9.84 -41.83
N GLY A 908 27.71 -8.73 -42.48
CA GLY A 908 26.43 -8.53 -43.14
C GLY A 908 25.34 -7.91 -42.29
N ARG A 909 25.64 -7.47 -41.08
CA ARG A 909 24.62 -6.83 -40.27
C ARG A 909 24.26 -5.47 -40.87
N LYS A 910 22.98 -5.13 -40.80
CA LYS A 910 22.54 -3.81 -41.23
C LYS A 910 23.06 -2.75 -40.27
N VAL A 911 23.75 -1.75 -40.81
CA VAL A 911 24.37 -0.67 -40.05
C VAL A 911 23.79 0.65 -40.54
N GLU A 912 23.21 1.42 -39.63
CA GLU A 912 22.74 2.77 -39.93
C GLU A 912 23.67 3.77 -39.26
N GLN A 913 24.13 4.78 -39.99
CA GLN A 913 24.98 5.79 -39.37
C GLN A 913 24.64 7.17 -39.89
N ILE A 914 24.71 8.16 -39.02
CA ILE A 914 24.53 9.53 -39.48
C ILE A 914 25.83 10.02 -40.08
N GLY A 915 25.71 10.85 -41.11
CA GLY A 915 26.90 11.48 -41.67
C GLY A 915 27.39 12.60 -40.77
N LEU A 916 28.72 12.72 -40.66
CA LEU A 916 29.35 13.71 -39.81
C LEU A 916 29.79 14.92 -40.65
N ALA A 917 29.69 16.10 -40.06
CA ALA A 917 30.20 17.29 -40.74
C ALA A 917 31.71 17.24 -40.82
N SER A 918 32.25 17.98 -41.81
CA SER A 918 33.70 18.03 -42.00
C SER A 918 34.42 18.57 -40.78
N GLU A 919 33.77 19.44 -40.01
CA GLU A 919 34.37 20.05 -38.84
C GLU A 919 34.74 19.03 -37.77
N THR A 920 34.14 17.85 -37.77
CA THR A 920 34.50 16.87 -36.76
C THR A 920 35.89 16.28 -37.00
N GLY A 921 36.50 16.56 -38.14
CA GLY A 921 37.82 16.02 -38.42
C GLY A 921 38.89 16.44 -37.43
N VAL A 922 38.70 17.59 -36.77
CA VAL A 922 39.71 18.09 -35.84
C VAL A 922 39.63 17.42 -34.47
N GLY A 923 38.56 16.67 -34.20
CA GLY A 923 38.46 15.91 -32.97
C GLY A 923 38.29 14.43 -33.23
N THR A 924 37.84 13.69 -32.22
CA THR A 924 37.70 12.24 -32.33
C THR A 924 36.22 11.91 -32.14
N PHE A 925 35.49 11.80 -33.25
CA PHE A 925 34.05 11.57 -33.21
C PHE A 925 33.71 10.21 -33.82
N VAL A 926 32.68 9.58 -33.27
CA VAL A 926 32.05 8.41 -33.86
C VAL A 926 30.60 8.77 -34.16
N PRO A 927 30.11 8.55 -35.37
CA PRO A 927 28.71 8.85 -35.62
C PRO A 927 27.82 7.89 -34.86
N PRO A 928 26.78 8.40 -34.21
CA PRO A 928 25.75 7.51 -33.66
C PRO A 928 25.32 6.45 -34.68
N THR A 929 25.20 5.22 -34.20
CA THR A 929 25.17 4.04 -35.06
C THR A 929 24.10 3.09 -34.54
N ILE A 930 23.34 2.49 -35.46
CA ILE A 930 22.39 1.42 -35.16
C ILE A 930 22.81 0.18 -35.95
N ILE A 931 22.94 -0.95 -35.25
CA ILE A 931 23.36 -2.21 -35.83
C ILE A 931 22.28 -3.24 -35.54
N GLU A 932 21.77 -3.88 -36.58
CA GLU A 932 20.72 -4.89 -36.41
C GLU A 932 21.39 -6.25 -36.29
N LEU A 933 21.17 -6.92 -35.17
CA LEU A 933 21.76 -8.23 -34.94
C LEU A 933 20.69 -9.31 -35.07
N GLU A 934 21.16 -10.53 -35.37
CA GLU A 934 20.27 -11.69 -35.36
C GLU A 934 20.06 -12.19 -33.92
N LYS A 935 21.14 -12.37 -33.17
CA LYS A 935 21.07 -12.95 -31.84
C LYS A 935 21.87 -12.08 -30.89
N LEU A 936 21.42 -12.04 -29.63
CA LEU A 936 22.17 -11.31 -28.62
C LEU A 936 23.60 -11.84 -28.51
N SER A 937 23.81 -13.11 -28.85
CA SER A 937 25.14 -13.70 -28.85
C SER A 937 26.07 -13.13 -29.92
N ASP A 938 25.55 -12.39 -30.90
CA ASP A 938 26.41 -11.68 -31.85
C ASP A 938 27.27 -10.63 -31.16
N LEU A 939 26.84 -10.13 -30.01
CA LEU A 939 27.55 -9.11 -29.27
C LEU A 939 28.36 -9.78 -28.17
N GLN A 940 29.69 -9.65 -28.22
CA GLN A 940 30.56 -10.40 -27.33
C GLN A 940 31.44 -9.52 -26.44
N ARG A 941 31.18 -8.22 -26.35
CA ARG A 941 31.98 -7.32 -25.51
C ARG A 941 31.29 -5.98 -25.40
N GLU A 942 31.49 -5.31 -24.26
CA GLU A 942 30.98 -3.95 -24.11
C GLU A 942 31.69 -3.02 -25.10
N VAL A 943 30.91 -2.35 -25.94
CA VAL A 943 31.44 -1.38 -26.88
C VAL A 943 31.04 -0.01 -26.35
N PHE A 944 32.03 0.74 -25.90
CA PHE A 944 31.79 1.94 -25.10
C PHE A 944 31.71 3.16 -26.02
N GLY A 945 30.66 3.19 -26.83
CA GLY A 945 30.51 4.24 -27.80
C GLY A 945 29.05 4.40 -28.16
N PRO A 946 28.76 5.30 -29.09
CA PRO A 946 27.37 5.57 -29.49
C PRO A 946 26.88 4.53 -30.49
N VAL A 947 26.74 3.28 -30.03
CA VAL A 947 26.47 2.15 -30.90
C VAL A 947 25.33 1.34 -30.28
N LEU A 948 24.16 1.43 -30.88
CA LEU A 948 22.98 0.71 -30.43
C LEU A 948 22.80 -0.54 -31.27
N HIS A 949 22.67 -1.68 -30.61
CA HIS A 949 22.36 -2.93 -31.28
C HIS A 949 20.90 -3.24 -31.08
N VAL A 950 20.25 -3.74 -32.14
CA VAL A 950 18.82 -4.00 -32.15
C VAL A 950 18.59 -5.47 -32.47
N ILE A 951 17.81 -6.15 -31.64
CA ILE A 951 17.36 -7.50 -31.97
C ILE A 951 15.85 -7.53 -31.85
N ARG A 952 15.25 -8.53 -32.48
CA ARG A 952 13.81 -8.74 -32.45
CA ARG A 952 13.82 -8.72 -32.40
C ARG A 952 13.52 -10.07 -31.75
N TYR A 953 12.34 -10.16 -31.15
CA TYR A 953 11.95 -11.38 -30.44
C TYR A 953 10.46 -11.61 -30.62
N ARG A 954 10.08 -12.89 -30.67
CA ARG A 954 8.69 -13.29 -30.58
C ARG A 954 8.22 -13.27 -29.12
N ARG A 955 6.96 -12.89 -28.91
CA ARG A 955 6.44 -12.73 -27.55
C ARG A 955 6.58 -13.99 -26.73
N ASP A 956 6.26 -15.17 -27.31
CA ASP A 956 6.41 -16.41 -26.56
C ASP A 956 7.85 -16.66 -26.10
N ASP A 957 8.83 -16.01 -26.74
CA ASP A 957 10.23 -16.19 -26.36
C ASP A 957 10.73 -15.14 -25.37
N LEU A 958 9.83 -14.38 -24.75
CA LEU A 958 10.28 -13.34 -23.81
C LEU A 958 11.17 -13.93 -22.72
N ASP A 959 10.76 -15.05 -22.12
CA ASP A 959 11.51 -15.58 -21.01
C ASP A 959 12.89 -16.03 -21.45
N ARG A 960 12.98 -16.65 -22.63
CA ARG A 960 14.27 -17.01 -23.19
C ARG A 960 15.13 -15.76 -23.42
N LEU A 961 14.51 -14.68 -23.90
CA LEU A 961 15.27 -13.45 -24.15
C LEU A 961 15.85 -12.90 -22.85
N VAL A 962 15.04 -12.83 -21.78
CA VAL A 962 15.57 -12.44 -20.48
C VAL A 962 16.80 -13.28 -20.11
N ASP A 963 16.72 -14.60 -20.36
CA ASP A 963 17.90 -15.47 -20.20
C ASP A 963 19.09 -14.96 -21.02
N ASP A 964 18.85 -14.67 -22.30
CA ASP A 964 19.93 -14.20 -23.18
C ASP A 964 20.57 -12.93 -22.63
N VAL A 965 19.76 -12.03 -22.08
CA VAL A 965 20.29 -10.80 -21.50
C VAL A 965 21.15 -11.14 -20.28
N ASN A 966 20.63 -11.99 -19.39
CA ASN A 966 21.38 -12.39 -18.21
C ASN A 966 22.65 -13.13 -18.59
N ALA A 967 22.64 -13.85 -19.71
CA ALA A 967 23.74 -14.72 -20.10
C ALA A 967 25.02 -13.95 -20.38
N THR A 968 24.94 -12.67 -20.74
CA THR A 968 26.17 -11.91 -20.99
C THR A 968 27.06 -11.87 -19.76
N GLY A 969 26.49 -12.07 -18.56
CA GLY A 969 27.22 -11.98 -17.32
C GLY A 969 27.23 -10.59 -16.70
N TYR A 970 26.84 -9.57 -17.44
CA TYR A 970 26.69 -8.22 -16.92
C TYR A 970 25.36 -8.06 -16.18
N GLY A 971 25.18 -6.93 -15.51
CA GLY A 971 23.98 -6.72 -14.73
C GLY A 971 23.91 -5.33 -14.12
N LEU A 972 24.04 -4.30 -14.96
CA LEU A 972 24.02 -2.93 -14.46
C LEU A 972 22.64 -2.30 -14.59
N THR A 973 22.33 -1.76 -15.77
CA THR A 973 21.04 -1.16 -16.03
C THR A 973 20.24 -2.02 -17.01
N PHE A 974 18.93 -1.91 -16.88
CA PHE A 974 17.99 -2.66 -17.69
C PHE A 974 16.72 -1.83 -17.81
N GLY A 975 16.17 -1.76 -19.02
CA GLY A 975 14.94 -1.02 -19.25
C GLY A 975 13.84 -1.91 -19.77
N LEU A 976 12.60 -1.62 -19.33
CA LEU A 976 11.41 -2.30 -19.84
C LEU A 976 10.37 -1.26 -20.20
N HIS A 977 9.87 -1.32 -21.46
CA HIS A 977 8.74 -0.50 -21.90
C HIS A 977 7.55 -1.41 -22.15
N THR A 978 6.52 -1.27 -21.33
CA THR A 978 5.30 -2.06 -21.46
C THR A 978 4.24 -1.44 -20.57
N ARG A 979 2.99 -1.64 -20.95
CA ARG A 979 1.87 -1.22 -20.12
C ARG A 979 1.27 -2.37 -19.33
N LEU A 980 1.80 -3.59 -19.46
CA LEU A 980 1.13 -4.79 -19.00
C LEU A 980 1.78 -5.29 -17.71
N ASP A 981 0.98 -5.37 -16.64
CA ASP A 981 1.48 -5.77 -15.33
C ASP A 981 2.08 -7.16 -15.35
N GLU A 982 1.48 -8.10 -16.09
CA GLU A 982 2.04 -9.45 -16.11
C GLU A 982 3.44 -9.44 -16.72
N THR A 983 3.64 -8.63 -17.74
CA THR A 983 4.96 -8.56 -18.37
C THR A 983 5.96 -7.88 -17.43
N ILE A 984 5.51 -6.84 -16.70
CA ILE A 984 6.37 -6.20 -15.71
C ILE A 984 6.79 -7.21 -14.64
N ALA A 985 5.81 -7.93 -14.07
CA ALA A 985 6.15 -8.88 -13.01
C ALA A 985 7.07 -9.97 -13.52
N HIS A 986 6.78 -10.51 -14.70
CA HIS A 986 7.63 -11.52 -15.31
C HIS A 986 9.05 -11.01 -15.51
N VAL A 987 9.20 -9.93 -16.26
CA VAL A 987 10.55 -9.49 -16.64
C VAL A 987 11.33 -9.01 -15.42
N THR A 988 10.71 -8.22 -14.54
CA THR A 988 11.51 -7.69 -13.43
C THR A 988 11.85 -8.76 -12.41
N SER A 989 11.12 -9.89 -12.37
CA SER A 989 11.50 -10.94 -11.45
C SER A 989 12.57 -11.87 -12.02
N ARG A 990 12.76 -11.88 -13.34
CA ARG A 990 13.72 -12.78 -13.97
C ARG A 990 15.02 -12.10 -14.36
N ILE A 991 14.97 -10.79 -14.66
CA ILE A 991 16.18 -10.06 -15.01
C ILE A 991 17.08 -9.96 -13.79
N LYS A 992 18.39 -10.02 -14.02
CA LYS A 992 19.37 -9.90 -12.93
C LYS A 992 20.22 -8.67 -13.22
N ALA A 993 19.76 -7.50 -12.77
CA ALA A 993 20.48 -6.26 -12.96
C ALA A 993 20.29 -5.38 -11.73
N GLY A 994 21.23 -4.46 -11.52
CA GLY A 994 21.19 -3.61 -10.35
C GLY A 994 20.22 -2.44 -10.45
N ASN A 995 19.98 -1.91 -11.65
CA ASN A 995 19.21 -0.69 -11.82
C ASN A 995 18.16 -0.91 -12.89
N LEU A 996 16.90 -1.04 -12.49
CA LEU A 996 15.82 -1.28 -13.44
C LEU A 996 15.04 0.01 -13.69
N TYR A 997 14.53 0.14 -14.92
CA TYR A 997 13.80 1.34 -15.32
C TYR A 997 12.60 0.92 -16.15
N ILE A 998 11.41 1.32 -15.72
CA ILE A 998 10.16 0.90 -16.35
C ILE A 998 9.56 2.13 -17.05
N ASN A 999 9.41 2.04 -18.38
CA ASN A 999 8.76 3.08 -19.18
C ASN A 999 9.48 4.43 -19.09
N ARG A 1000 10.82 4.41 -19.07
CA ARG A 1000 11.63 5.62 -19.10
C ARG A 1000 13.01 5.27 -19.67
N ASN A 1001 13.89 6.27 -19.78
CA ASN A 1001 15.26 5.96 -20.19
C ASN A 1001 15.98 5.25 -19.03
N ILE A 1002 17.16 4.71 -19.32
CA ILE A 1002 17.88 3.89 -18.35
C ILE A 1002 19.17 4.57 -17.89
N ILE A 1003 19.30 5.88 -18.06
CA ILE A 1003 20.54 6.58 -17.75
C ILE A 1003 20.30 7.65 -16.69
N GLY A 1004 21.40 8.19 -16.17
CA GLY A 1004 21.32 9.30 -15.23
C GLY A 1004 20.69 8.96 -13.89
N ALA A 1005 21.07 7.81 -13.30
CA ALA A 1005 20.65 7.47 -11.95
C ALA A 1005 20.93 8.62 -10.99
N VAL A 1006 19.99 8.88 -10.08
CA VAL A 1006 20.05 10.02 -9.18
C VAL A 1006 20.47 9.52 -7.80
N VAL A 1007 21.43 10.22 -7.19
CA VAL A 1007 21.94 9.85 -5.87
C VAL A 1007 20.81 9.79 -4.86
N GLY A 1008 20.79 8.71 -4.06
CA GLY A 1008 19.77 8.54 -3.03
C GLY A 1008 18.38 8.24 -3.55
N VAL A 1009 18.20 8.19 -4.86
CA VAL A 1009 16.90 7.96 -5.50
C VAL A 1009 16.92 6.69 -6.33
N GLN A 1010 17.89 6.59 -7.25
CA GLN A 1010 18.26 5.31 -7.85
C GLN A 1010 19.72 5.06 -7.46
N PRO A 1011 19.96 4.56 -6.24
CA PRO A 1011 21.30 4.09 -5.90
C PRO A 1011 21.82 3.22 -7.03
N PHE A 1012 23.07 3.44 -7.40
CA PHE A 1012 23.57 2.97 -8.67
C PHE A 1012 24.67 1.95 -8.50
N GLY A 1013 24.54 0.83 -9.18
CA GLY A 1013 25.56 -0.21 -9.14
C GLY A 1013 24.92 -1.55 -9.44
N GLY A 1014 25.70 -2.42 -10.07
CA GLY A 1014 25.18 -3.70 -10.51
C GLY A 1014 25.85 -4.92 -9.93
N ARG A 1015 25.73 -6.02 -10.65
CA ARG A 1015 26.17 -7.34 -10.21
C ARG A 1015 26.93 -8.01 -11.36
N GLY A 1016 27.45 -9.19 -11.09
CA GLY A 1016 28.09 -9.95 -12.15
C GLY A 1016 29.33 -9.24 -12.63
N LEU A 1017 29.49 -9.20 -13.95
CA LEU A 1017 30.60 -8.47 -14.54
C LEU A 1017 30.48 -6.97 -14.38
N SER A 1018 29.40 -6.48 -13.77
CA SER A 1018 29.21 -5.04 -13.67
C SER A 1018 29.73 -4.48 -12.36
N GLY A 1019 30.11 -5.32 -11.41
CA GLY A 1019 30.84 -4.82 -10.26
C GLY A 1019 30.53 -5.62 -9.02
N THR A 1020 31.13 -5.15 -7.93
CA THR A 1020 31.08 -5.77 -6.61
C THR A 1020 29.95 -5.23 -5.74
N GLY A 1021 29.53 -4.00 -5.99
CA GLY A 1021 28.81 -3.25 -4.99
C GLY A 1021 29.73 -2.87 -3.84
N PRO A 1022 29.18 -2.19 -2.81
CA PRO A 1022 27.80 -1.71 -2.75
C PRO A 1022 27.54 -0.55 -3.70
N LYS A 1023 26.26 -0.22 -3.84
CA LYS A 1023 25.85 0.84 -4.76
C LYS A 1023 26.38 2.20 -4.34
N ALA A 1024 27.00 2.91 -5.27
CA ALA A 1024 27.26 4.33 -5.08
C ALA A 1024 25.96 5.10 -4.93
N GLY A 1025 25.97 6.12 -4.08
CA GLY A 1025 24.77 6.89 -3.80
C GLY A 1025 23.71 6.08 -3.10
N GLY A 1026 24.11 5.06 -2.35
CA GLY A 1026 23.19 4.21 -1.63
C GLY A 1026 23.63 4.03 -0.19
N PRO A 1027 22.77 3.42 0.62
CA PRO A 1027 22.98 3.43 2.07
C PRO A 1027 23.99 2.41 2.59
N LEU A 1028 24.44 1.47 1.76
CA LEU A 1028 25.46 0.51 2.17
C LEU A 1028 26.87 0.96 1.79
N TYR A 1029 27.01 2.09 1.11
CA TYR A 1029 28.31 2.50 0.56
C TYR A 1029 29.32 2.81 1.65
N LEU A 1030 28.97 3.70 2.59
CA LEU A 1030 29.97 4.09 3.58
C LEU A 1030 30.44 2.90 4.42
N GLY A 1031 29.56 1.93 4.64
CA GLY A 1031 29.90 0.81 5.51
C GLY A 1031 31.02 -0.05 4.99
N ARG A 1032 31.29 -0.01 3.68
CA ARG A 1032 32.38 -0.77 3.12
C ARG A 1032 33.74 -0.12 3.36
N LEU A 1033 33.76 1.13 3.82
CA LEU A 1033 34.95 1.95 3.92
C LEU A 1033 35.40 2.11 5.36
N VAL A 1034 34.85 1.31 6.27
CA VAL A 1034 35.22 1.26 7.68
C VAL A 1034 35.44 -0.21 8.04
N THR A 1035 36.17 -0.44 9.14
CA THR A 1035 36.46 -1.82 9.51
C THR A 1035 35.27 -2.50 10.18
N THR A 1036 34.39 -1.72 10.83
CA THR A 1036 33.16 -2.24 11.44
C THR A 1036 31.98 -1.48 10.84
N ALA A 1037 31.16 -2.16 10.06
CA ALA A 1037 30.11 -1.49 9.30
C ALA A 1037 28.99 -1.04 10.25
N PRO A 1038 28.50 0.20 10.12
CA PRO A 1038 27.37 0.62 10.94
C PRO A 1038 26.07 0.06 10.38
N VAL A 1039 24.97 0.26 11.11
CA VAL A 1039 23.64 -0.12 10.63
C VAL A 1039 23.11 1.04 9.79
N PRO A 1040 22.93 0.86 8.48
CA PRO A 1040 22.46 1.96 7.64
C PRO A 1040 21.06 2.39 8.03
N PRO A 1041 20.67 3.62 7.67
CA PRO A 1041 19.27 4.03 7.85
C PRO A 1041 18.32 3.07 7.15
N GLN A 1042 17.20 2.78 7.80
CA GLN A 1042 16.10 1.98 7.27
C GLN A 1042 16.50 0.55 6.93
N HIS A 1043 17.69 0.11 7.34
CA HIS A 1043 18.25 -1.17 6.89
C HIS A 1043 17.86 -2.26 7.88
N SER A 1044 16.77 -2.96 7.56
CA SER A 1044 16.25 -4.06 8.37
C SER A 1044 15.18 -4.76 7.56
N SER A 1045 14.82 -5.97 7.99
CA SER A 1045 13.75 -6.72 7.34
C SER A 1045 13.05 -7.56 8.40
N VAL A 1046 11.71 -7.63 8.32
CA VAL A 1046 10.97 -8.52 9.21
C VAL A 1046 10.85 -9.94 8.67
N HIS A 1047 11.32 -10.21 7.46
CA HIS A 1047 11.25 -11.53 6.83
CA HIS A 1047 11.21 -11.54 6.89
C HIS A 1047 12.43 -12.38 7.23
N THR A 1048 12.20 -13.66 7.45
CA THR A 1048 13.24 -14.62 7.82
C THR A 1048 13.31 -15.70 6.74
N ASP A 1049 14.50 -15.91 6.20
CA ASP A 1049 14.63 -16.90 5.15
C ASP A 1049 14.19 -18.27 5.66
N PRO A 1050 13.29 -18.97 4.96
CA PRO A 1050 12.77 -20.23 5.52
C PRO A 1050 13.76 -21.38 5.45
N VAL A 1051 14.70 -21.35 4.51
CA VAL A 1051 15.73 -22.40 4.49
C VAL A 1051 16.70 -22.18 5.64
N LEU A 1052 17.02 -20.92 5.94
CA LEU A 1052 17.77 -20.62 7.15
C LEU A 1052 17.13 -21.28 8.35
N LEU A 1053 15.82 -21.05 8.54
CA LEU A 1053 15.10 -21.63 9.67
C LEU A 1053 15.19 -23.15 9.65
N ASP A 1054 15.02 -23.77 8.48
CA ASP A 1054 15.16 -25.22 8.40
C ASP A 1054 16.56 -25.65 8.80
N PHE A 1055 17.56 -24.88 8.41
CA PHE A 1055 18.95 -25.21 8.77
C PHE A 1055 19.17 -25.09 10.27
N ALA A 1056 18.64 -24.03 10.90
CA ALA A 1056 18.74 -23.88 12.35
C ALA A 1056 18.08 -25.02 13.10
N LYS A 1057 16.93 -25.51 12.62
CA LYS A 1057 16.31 -26.68 13.25
C LYS A 1057 17.16 -27.91 13.06
N TRP A 1058 17.70 -28.10 11.85
CA TRP A 1058 18.64 -29.20 11.62
C TRP A 1058 19.83 -29.11 12.57
N LEU A 1059 20.38 -27.90 12.78
CA LEU A 1059 21.50 -27.74 13.72
C LEU A 1059 21.11 -28.21 15.11
N ASP A 1060 19.96 -27.77 15.61
CA ASP A 1060 19.52 -28.21 16.93
C ASP A 1060 19.35 -29.72 16.97
N GLY A 1061 18.86 -30.31 15.88
CA GLY A 1061 18.72 -31.76 15.82
C GLY A 1061 20.05 -32.49 15.94
N LYS A 1062 21.11 -31.95 15.32
CA LYS A 1062 22.45 -32.52 15.40
C LYS A 1062 23.19 -32.17 16.71
N GLY A 1063 22.54 -31.50 17.66
CA GLY A 1063 23.19 -31.10 18.89
C GLY A 1063 24.04 -29.85 18.80
N ALA A 1064 24.08 -29.17 17.65
CA ALA A 1064 24.92 -27.99 17.48
C ALA A 1064 24.16 -26.77 17.97
N ARG A 1065 23.97 -26.73 19.29
CA ARG A 1065 23.05 -25.77 19.88
C ARG A 1065 23.53 -24.33 19.66
N ALA A 1066 24.82 -24.08 19.85
CA ALA A 1066 25.32 -22.71 19.70
C ALA A 1066 25.21 -22.22 18.27
N GLU A 1067 25.56 -23.09 17.32
CA GLU A 1067 25.45 -22.70 15.91
C GLU A 1067 24.00 -22.50 15.52
N ALA A 1068 23.11 -23.32 16.06
CA ALA A 1068 21.68 -23.15 15.82
C ALA A 1068 21.21 -21.78 16.29
N GLU A 1069 21.63 -21.39 17.50
CA GLU A 1069 21.31 -20.04 17.98
C GLU A 1069 21.90 -18.97 17.07
N ALA A 1070 23.17 -19.13 16.69
CA ALA A 1070 23.79 -18.16 15.79
C ALA A 1070 23.09 -18.14 14.43
N ALA A 1071 22.59 -19.28 13.97
CA ALA A 1071 21.84 -19.29 12.72
C ALA A 1071 20.56 -18.48 12.84
N ARG A 1072 19.81 -18.69 13.93
CA ARG A 1072 18.59 -17.91 14.14
C ARG A 1072 18.91 -16.42 14.24
N ASN A 1073 20.01 -16.07 14.92
CA ASN A 1073 20.42 -14.67 15.02
C ASN A 1073 20.70 -14.08 13.63
N ALA A 1074 21.41 -14.82 12.78
CA ALA A 1074 21.62 -14.36 11.42
C ALA A 1074 20.29 -14.19 10.69
N GLY A 1075 19.37 -15.14 10.85
CA GLY A 1075 18.05 -15.00 10.24
C GLY A 1075 17.38 -13.69 10.60
N SER A 1076 17.50 -13.27 11.85
CA SER A 1076 16.91 -12.02 12.29
C SER A 1076 17.72 -10.82 11.81
N SER A 1077 19.05 -10.89 11.91
CA SER A 1077 19.91 -9.77 11.49
C SER A 1077 19.85 -9.51 9.98
N SER A 1078 19.60 -10.53 9.18
CA SER A 1078 19.59 -10.33 7.73
C SER A 1078 18.61 -9.23 7.35
N ALA A 1079 18.97 -8.42 6.36
CA ALA A 1079 18.04 -7.46 5.81
C ALA A 1079 17.41 -7.95 4.51
N LEU A 1080 17.63 -9.21 4.17
CA LEU A 1080 16.99 -9.81 3.00
C LEU A 1080 15.49 -9.54 3.03
N GLY A 1081 14.96 -9.02 1.93
CA GLY A 1081 13.56 -8.70 1.86
C GLY A 1081 13.21 -7.25 2.19
N LEU A 1082 14.20 -6.43 2.55
CA LEU A 1082 13.95 -4.99 2.68
C LEU A 1082 13.31 -4.49 1.39
N ASP A 1083 12.32 -3.60 1.51
CA ASP A 1083 11.49 -3.22 0.37
C ASP A 1083 11.02 -1.78 0.61
N LEU A 1084 11.77 -0.81 0.07
CA LEU A 1084 11.55 0.58 0.40
C LEU A 1084 11.19 1.40 -0.83
N GLU A 1085 10.40 2.45 -0.63
CA GLU A 1085 10.26 3.51 -1.63
C GLU A 1085 11.04 4.72 -1.14
N LEU A 1086 11.87 5.26 -2.01
CA LEU A 1086 12.78 6.37 -1.74
C LEU A 1086 12.16 7.69 -2.20
N PRO A 1087 12.31 8.77 -1.43
CA PRO A 1087 11.73 10.05 -1.85
C PRO A 1087 12.30 10.51 -3.18
N GLY A 1088 11.44 10.99 -4.06
CA GLY A 1088 11.90 11.49 -5.31
C GLY A 1088 10.90 12.42 -5.96
N PRO A 1089 11.03 12.61 -7.26
CA PRO A 1089 10.09 13.50 -7.97
C PRO A 1089 8.71 12.87 -8.09
N VAL A 1090 7.71 13.75 -8.21
CA VAL A 1090 6.36 13.26 -8.54
C VAL A 1090 6.41 12.56 -9.89
N GLY A 1091 5.40 11.74 -10.14
CA GLY A 1091 5.33 11.09 -11.43
C GLY A 1091 6.29 9.93 -11.59
N GLU A 1092 6.87 9.48 -10.49
CA GLU A 1092 7.87 8.43 -10.56
C GLU A 1092 7.85 7.70 -9.22
N ARG A 1093 8.05 6.38 -9.25
CA ARG A 1093 8.14 5.57 -8.06
C ARG A 1093 9.51 4.90 -8.05
N ASN A 1094 10.28 5.17 -7.01
CA ASN A 1094 11.68 4.75 -6.97
C ASN A 1094 11.84 3.76 -5.81
N LEU A 1095 12.13 2.51 -6.15
CA LEU A 1095 12.10 1.43 -5.19
C LEU A 1095 13.51 0.90 -4.95
N TYR A 1096 13.71 0.39 -3.74
CA TYR A 1096 15.03 -0.07 -3.30
C TYR A 1096 14.79 -1.31 -2.48
N THR A 1097 15.39 -2.43 -2.90
CA THR A 1097 15.09 -3.74 -2.33
C THR A 1097 16.38 -4.55 -2.17
N LEU A 1098 16.39 -5.44 -1.16
CA LEU A 1098 17.53 -6.31 -0.90
C LEU A 1098 17.13 -7.75 -1.22
N HIS A 1099 17.88 -8.39 -2.11
CA HIS A 1099 17.66 -9.75 -2.57
C HIS A 1099 18.88 -10.60 -2.24
N ALA A 1100 18.74 -11.92 -2.42
CA ALA A 1100 19.91 -12.79 -2.39
C ALA A 1100 20.86 -12.42 -3.53
N ARG A 1101 22.16 -12.65 -3.30
CA ARG A 1101 23.16 -12.40 -4.33
C ARG A 1101 23.23 -13.54 -5.34
N GLY A 1102 23.06 -14.78 -4.88
CA GLY A 1102 23.14 -15.91 -5.78
C GLY A 1102 23.76 -17.09 -5.08
N ARG A 1103 24.84 -17.64 -5.64
CA ARG A 1103 25.54 -18.78 -5.05
C ARG A 1103 26.83 -18.28 -4.42
N ILE A 1104 26.97 -18.50 -3.11
CA ILE A 1104 28.13 -18.04 -2.36
C ILE A 1104 29.11 -19.20 -2.27
N LEU A 1105 30.37 -18.93 -2.64
CA LEU A 1105 31.44 -19.90 -2.46
C LEU A 1105 31.85 -19.92 -0.99
N LEU A 1106 31.73 -21.08 -0.35
CA LEU A 1106 32.10 -21.26 1.05
C LEU A 1106 33.41 -22.02 1.12
N VAL A 1107 34.42 -21.43 1.75
CA VAL A 1107 35.69 -22.10 1.95
C VAL A 1107 35.93 -22.23 3.45
N PRO A 1108 35.31 -23.20 4.11
CA PRO A 1108 35.47 -23.35 5.55
C PRO A 1108 36.75 -24.10 5.90
N ALA A 1109 37.12 -23.99 7.18
CA ALA A 1109 38.16 -24.81 7.76
C ALA A 1109 37.68 -25.78 8.84
N THR A 1110 36.67 -25.40 9.63
CA THR A 1110 36.20 -26.24 10.72
C THR A 1110 34.72 -26.51 10.55
N GLU A 1111 34.24 -27.54 11.25
CA GLU A 1111 32.81 -27.82 11.17
C GLU A 1111 31.99 -26.62 11.65
N SER A 1112 32.37 -26.03 12.79
CA SER A 1112 31.65 -24.87 13.30
C SER A 1112 31.76 -23.70 12.34
N GLY A 1113 32.93 -23.48 11.77
CA GLY A 1113 33.07 -22.44 10.77
C GLY A 1113 32.13 -22.64 9.59
N LEU A 1114 32.00 -23.87 9.12
CA LEU A 1114 31.08 -24.15 8.02
C LEU A 1114 29.65 -23.79 8.40
N TYR A 1115 29.23 -24.22 9.60
CA TYR A 1115 27.86 -23.94 10.03
C TYR A 1115 27.59 -22.44 10.08
N HIS A 1116 28.52 -21.66 10.67
CA HIS A 1116 28.36 -20.21 10.68
C HIS A 1116 28.32 -19.64 9.27
N GLN A 1117 29.21 -20.12 8.39
CA GLN A 1117 29.20 -19.65 7.01
C GLN A 1117 27.87 -19.97 6.33
N LEU A 1118 27.40 -21.22 6.51
CA LEU A 1118 26.16 -21.63 5.88
C LEU A 1118 24.99 -20.83 6.44
N ALA A 1119 24.94 -20.62 7.75
CA ALA A 1119 23.90 -19.76 8.34
C ALA A 1119 23.93 -18.37 7.72
N ALA A 1120 25.12 -17.80 7.54
CA ALA A 1120 25.21 -16.46 6.98
C ALA A 1120 24.67 -16.42 5.57
N ALA A 1121 25.03 -17.40 4.74
CA ALA A 1121 24.58 -17.40 3.35
C ALA A 1121 23.10 -17.67 3.24
N LEU A 1122 22.58 -18.64 3.99
CA LEU A 1122 21.15 -18.96 3.88
C LEU A 1122 20.29 -17.82 4.41
N ALA A 1123 20.68 -17.22 5.54
CA ALA A 1123 19.93 -16.12 6.13
C ALA A 1123 19.77 -14.94 5.16
N THR A 1124 20.64 -14.84 4.15
CA THR A 1124 20.56 -13.80 3.16
C THR A 1124 20.01 -14.31 1.82
N GLY A 1125 19.41 -15.51 1.82
CA GLY A 1125 18.66 -16.02 0.69
C GLY A 1125 19.49 -16.78 -0.33
N ASN A 1126 20.77 -16.94 -0.08
CA ASN A 1126 21.71 -17.47 -1.06
C ASN A 1126 21.72 -18.99 -1.06
N SER A 1127 22.12 -19.55 -2.19
CA SER A 1127 22.61 -20.92 -2.21
C SER A 1127 24.13 -20.89 -2.05
N VAL A 1128 24.73 -22.08 -1.87
CA VAL A 1128 26.16 -22.17 -1.58
C VAL A 1128 26.83 -23.24 -2.43
N ALA A 1129 28.13 -23.05 -2.68
CA ALA A 1129 29.02 -24.09 -3.13
C ALA A 1129 30.15 -24.22 -2.12
N ILE A 1130 30.26 -25.37 -1.47
CA ILE A 1130 31.21 -25.56 -0.38
C ILE A 1130 32.44 -26.26 -0.93
N ASP A 1131 33.62 -25.74 -0.61
CA ASP A 1131 34.88 -26.33 -1.04
C ASP A 1131 34.99 -27.78 -0.56
N ALA A 1132 34.98 -28.73 -1.50
CA ALA A 1132 35.13 -30.13 -1.13
C ALA A 1132 36.51 -30.43 -0.54
N ALA A 1133 37.52 -29.61 -0.81
CA ALA A 1133 38.85 -29.82 -0.26
C ALA A 1133 38.89 -29.62 1.24
N SER A 1134 37.84 -29.03 1.81
CA SER A 1134 37.77 -28.85 3.26
C SER A 1134 37.61 -30.18 3.99
N GLY A 1135 37.13 -31.22 3.31
CA GLY A 1135 36.95 -32.51 3.94
C GLY A 1135 35.82 -32.54 4.96
N LEU A 1136 34.92 -31.58 4.91
CA LEU A 1136 33.86 -31.44 5.89
C LEU A 1136 32.53 -32.02 5.42
N GLN A 1137 32.54 -32.89 4.40
CA GLN A 1137 31.28 -33.43 3.88
C GLN A 1137 30.50 -34.18 4.95
N ALA A 1138 31.19 -34.87 5.86
CA ALA A 1138 30.48 -35.63 6.89
C ALA A 1138 29.75 -34.74 7.90
N SER A 1139 29.98 -33.44 7.88
CA SER A 1139 29.33 -32.51 8.80
C SER A 1139 27.93 -32.11 8.36
N LEU A 1140 27.53 -32.45 7.13
CA LEU A 1140 26.21 -32.10 6.61
C LEU A 1140 25.42 -33.33 6.21
N LYS A 1141 25.51 -34.40 7.00
CA LYS A 1141 24.70 -35.58 6.75
C LYS A 1141 23.24 -35.31 7.08
N ASN A 1142 22.34 -35.79 6.22
CA ASN A 1142 20.90 -35.78 6.46
C ASN A 1142 20.33 -34.37 6.55
N LEU A 1143 20.73 -33.48 5.64
CA LEU A 1143 20.11 -32.17 5.60
C LEU A 1143 18.66 -32.30 5.15
N PRO A 1144 17.78 -31.41 5.62
CA PRO A 1144 16.43 -31.37 5.04
C PRO A 1144 16.55 -31.02 3.56
N GLN A 1145 15.63 -31.55 2.76
CA GLN A 1145 15.75 -31.34 1.32
C GLN A 1145 15.75 -29.85 0.98
N THR A 1146 15.05 -29.04 1.78
CA THR A 1146 15.01 -27.59 1.52
C THR A 1146 16.40 -26.98 1.58
N VAL A 1147 17.22 -27.43 2.54
CA VAL A 1147 18.59 -26.95 2.65
C VAL A 1147 19.47 -27.65 1.63
N GLY A 1148 19.28 -28.96 1.47
CA GLY A 1148 20.01 -29.68 0.43
C GLY A 1148 19.89 -29.02 -0.92
N LEU A 1149 18.69 -28.51 -1.25
CA LEU A 1149 18.48 -27.85 -2.55
C LEU A 1149 19.42 -26.67 -2.74
N ARG A 1150 19.84 -26.01 -1.66
CA ARG A 1150 20.70 -24.83 -1.76
C ARG A 1150 22.19 -25.16 -1.70
N VAL A 1151 22.55 -26.40 -1.34
CA VAL A 1151 23.93 -26.77 -1.06
C VAL A 1151 24.47 -27.60 -2.22
N SER A 1152 25.65 -27.23 -2.71
CA SER A 1152 26.43 -28.09 -3.57
C SER A 1152 27.86 -28.13 -3.06
N TRP A 1153 28.56 -29.19 -3.44
CA TRP A 1153 29.96 -29.37 -3.11
C TRP A 1153 30.80 -29.22 -4.38
N SER A 1154 31.92 -28.52 -4.27
CA SER A 1154 32.72 -28.12 -5.42
C SER A 1154 34.16 -28.55 -5.25
N LYS A 1155 34.65 -29.39 -6.16
CA LYS A 1155 36.08 -29.66 -6.23
C LYS A 1155 36.79 -28.69 -7.14
N ASP A 1156 36.13 -28.26 -8.22
CA ASP A 1156 36.68 -27.37 -9.23
C ASP A 1156 35.84 -26.10 -9.18
N TRP A 1157 36.29 -25.11 -8.38
CA TRP A 1157 35.51 -23.89 -8.15
C TRP A 1157 35.16 -23.20 -9.47
N ALA A 1158 36.10 -23.17 -10.41
CA ALA A 1158 35.87 -22.46 -11.68
C ALA A 1158 34.81 -23.13 -12.53
N ALA A 1159 34.55 -24.42 -12.30
CA ALA A 1159 33.55 -25.12 -13.09
C ALA A 1159 32.15 -24.90 -12.55
N ASP A 1160 32.02 -24.58 -11.27
CA ASP A 1160 30.73 -24.47 -10.61
C ASP A 1160 30.27 -23.02 -10.44
N GLY A 1161 30.97 -22.07 -11.04
CA GLY A 1161 30.59 -20.69 -10.99
C GLY A 1161 29.50 -20.38 -12.00
N PRO A 1162 29.17 -19.10 -12.16
CA PRO A 1162 29.78 -18.02 -11.39
C PRO A 1162 29.23 -17.96 -9.97
N PHE A 1163 30.03 -17.44 -9.06
CA PHE A 1163 29.58 -17.16 -7.71
C PHE A 1163 29.24 -15.68 -7.57
N ALA A 1164 28.61 -15.34 -6.45
CA ALA A 1164 28.19 -13.97 -6.18
C ALA A 1164 28.86 -13.44 -4.93
N GLY A 1165 29.83 -14.16 -4.40
CA GLY A 1165 30.46 -13.83 -3.13
C GLY A 1165 31.16 -15.05 -2.60
N ALA A 1166 31.93 -14.84 -1.53
CA ALA A 1166 32.69 -15.94 -0.94
C ALA A 1166 32.88 -15.69 0.55
N LEU A 1167 32.82 -16.78 1.31
CA LEU A 1167 33.12 -16.78 2.73
C LEU A 1167 34.28 -17.72 2.98
N VAL A 1168 35.31 -17.23 3.67
CA VAL A 1168 36.55 -17.96 3.88
C VAL A 1168 36.84 -18.07 5.37
N GLU A 1169 37.33 -19.23 5.80
CA GLU A 1169 37.82 -19.44 7.16
C GLU A 1169 39.27 -19.91 7.12
N GLY A 1170 40.10 -19.34 7.99
CA GLY A 1170 41.49 -19.78 8.06
C GLY A 1170 42.37 -18.78 8.76
N ASP A 1171 43.64 -19.18 8.97
CA ASP A 1171 44.64 -18.22 9.43
C ASP A 1171 45.08 -17.33 8.26
N ALA A 1172 45.95 -16.36 8.56
CA ALA A 1172 46.33 -15.36 7.57
C ALA A 1172 46.87 -15.99 6.29
N GLU A 1173 47.72 -17.02 6.42
CA GLU A 1173 48.28 -17.66 5.23
C GLU A 1173 47.22 -18.39 4.42
N ARG A 1174 46.28 -19.05 5.09
CA ARG A 1174 45.22 -19.75 4.37
C ARG A 1174 44.28 -18.77 3.67
N ILE A 1175 43.99 -17.64 4.32
CA ILE A 1175 43.12 -16.63 3.70
C ILE A 1175 43.77 -16.07 2.43
N ARG A 1176 45.09 -15.85 2.48
CA ARG A 1176 45.79 -15.30 1.33
C ARG A 1176 45.77 -16.28 0.17
N ALA A 1177 45.97 -17.55 0.48
CA ALA A 1177 45.97 -18.59 -0.56
C ALA A 1177 44.58 -18.72 -1.20
N VAL A 1178 43.53 -18.75 -0.38
CA VAL A 1178 42.18 -18.84 -0.92
C VAL A 1178 41.83 -17.60 -1.71
N ASN A 1179 42.23 -16.43 -1.18
CA ASN A 1179 41.94 -15.17 -1.85
C ASN A 1179 42.58 -15.13 -3.24
N LYS A 1180 43.80 -15.67 -3.36
CA LYS A 1180 44.47 -15.71 -4.65
C LYS A 1180 43.76 -16.66 -5.59
N ALA A 1181 43.34 -17.83 -5.08
CA ALA A 1181 42.62 -18.78 -5.92
C ALA A 1181 41.29 -18.18 -6.37
N ILE A 1182 40.60 -17.49 -5.48
CA ILE A 1182 39.32 -16.88 -5.84
C ILE A 1182 39.50 -15.81 -6.90
N ALA A 1183 40.55 -15.01 -6.79
CA ALA A 1183 40.80 -13.96 -7.78
C ALA A 1183 41.04 -14.55 -9.16
N ALA A 1184 41.51 -15.79 -9.23
CA ALA A 1184 41.75 -16.46 -10.51
C ALA A 1184 40.50 -17.10 -11.09
N LEU A 1185 39.38 -17.09 -10.38
CA LEU A 1185 38.15 -17.63 -10.95
C LEU A 1185 37.65 -16.73 -12.07
N PRO A 1186 37.30 -17.28 -13.22
CA PRO A 1186 36.79 -16.45 -14.32
C PRO A 1186 35.45 -15.82 -13.96
N GLY A 1187 35.13 -14.73 -14.66
CA GLY A 1187 33.85 -14.07 -14.48
C GLY A 1187 33.89 -12.90 -13.50
N PRO A 1188 32.89 -12.83 -12.64
CA PRO A 1188 32.72 -11.64 -11.79
C PRO A 1188 33.79 -11.54 -10.71
N LEU A 1189 34.10 -10.29 -10.35
CA LEU A 1189 34.91 -10.07 -9.15
C LEU A 1189 34.07 -10.39 -7.92
N LEU A 1190 34.56 -11.31 -7.08
CA LEU A 1190 33.77 -11.76 -5.94
C LEU A 1190 34.10 -10.93 -4.72
N LEU A 1191 33.07 -10.45 -4.02
CA LEU A 1191 33.26 -9.82 -2.72
C LEU A 1191 33.53 -10.93 -1.71
N VAL A 1192 34.77 -11.00 -1.23
CA VAL A 1192 35.25 -12.06 -0.36
C VAL A 1192 35.29 -11.55 1.08
N GLN A 1193 34.74 -12.34 2.00
CA GLN A 1193 34.88 -12.09 3.43
C GLN A 1193 35.65 -13.23 4.06
N ALA A 1194 36.55 -12.89 4.97
CA ALA A 1194 37.44 -13.85 5.57
C ALA A 1194 37.45 -13.63 7.08
N ALA A 1195 37.59 -14.73 7.82
CA ALA A 1195 37.75 -14.67 9.26
C ALA A 1195 38.46 -15.92 9.75
N SER A 1196 39.18 -15.78 10.86
CA SER A 1196 39.76 -16.93 11.51
C SER A 1196 38.69 -17.70 12.28
N SER A 1197 39.01 -18.95 12.62
CA SER A 1197 38.11 -19.73 13.47
C SER A 1197 37.80 -19.00 14.77
N GLY A 1198 38.82 -18.36 15.35
CA GLY A 1198 38.61 -17.64 16.60
C GLY A 1198 37.70 -16.44 16.43
N GLU A 1199 37.82 -15.73 15.31
CA GLU A 1199 36.93 -14.61 15.04
C GLU A 1199 35.50 -15.10 14.94
N ILE A 1200 35.29 -16.22 14.26
CA ILE A 1200 33.94 -16.76 14.13
C ILE A 1200 33.36 -17.09 15.50
N ALA A 1201 34.19 -17.62 16.39
CA ALA A 1201 33.71 -17.93 17.74
C ALA A 1201 33.46 -16.68 18.57
N ARG A 1202 34.23 -15.61 18.35
CA ARG A 1202 34.15 -14.43 19.20
C ARG A 1202 33.16 -13.39 18.69
N ASN A 1203 33.00 -13.25 17.36
CA ASN A 1203 32.30 -12.11 16.79
C ASN A 1203 31.10 -12.57 15.96
N PRO A 1204 29.87 -12.29 16.39
CA PRO A 1204 28.69 -12.73 15.61
C PRO A 1204 28.64 -12.11 14.23
N ASP A 1205 29.36 -11.01 14.02
CA ASP A 1205 29.44 -10.32 12.74
C ASP A 1205 30.75 -10.60 12.02
N ALA A 1206 31.44 -11.69 12.37
CA ALA A 1206 32.66 -12.06 11.65
C ALA A 1206 32.43 -12.04 10.16
N TYR A 1207 31.28 -12.52 9.71
CA TYR A 1207 30.83 -12.43 8.32
C TYR A 1207 29.70 -11.42 8.30
N CYS A 1208 29.91 -10.29 7.64
CA CYS A 1208 28.93 -9.23 7.69
C CYS A 1208 27.83 -9.50 6.65
N LEU A 1209 26.58 -9.45 7.09
CA LEU A 1209 25.45 -9.79 6.23
C LEU A 1209 25.14 -8.66 5.23
N ASN A 1210 25.68 -7.46 5.45
CA ASN A 1210 25.54 -6.39 4.45
C ASN A 1210 26.02 -6.85 3.09
N TRP A 1211 27.11 -7.61 3.05
CA TRP A 1211 27.74 -7.92 1.77
C TRP A 1211 27.26 -9.23 1.18
N LEU A 1212 26.29 -9.90 1.83
CA LEU A 1212 25.72 -11.14 1.33
C LEU A 1212 24.34 -10.98 0.68
N VAL A 1213 23.79 -9.76 0.63
CA VAL A 1213 22.57 -9.45 -0.11
C VAL A 1213 22.95 -8.60 -1.32
N GLU A 1214 22.00 -8.47 -2.25
CA GLU A 1214 22.19 -7.72 -3.47
C GLU A 1214 21.21 -6.57 -3.51
N GLU A 1215 21.71 -5.36 -3.76
CA GLU A 1215 20.83 -4.21 -3.82
C GLU A 1215 20.24 -4.10 -5.21
N VAL A 1216 18.96 -3.77 -5.27
CA VAL A 1216 18.29 -3.54 -6.54
C VAL A 1216 17.52 -2.23 -6.45
N SER A 1217 17.71 -1.39 -7.45
CA SER A 1217 16.97 -0.16 -7.64
C SER A 1217 16.04 -0.33 -8.82
N ALA A 1218 14.81 0.13 -8.67
CA ALA A 1218 13.83 0.13 -9.76
C ALA A 1218 13.14 1.47 -9.77
N SER A 1219 13.14 2.11 -10.93
CA SER A 1219 12.53 3.41 -11.13
C SER A 1219 11.43 3.26 -12.18
N ILE A 1220 10.19 3.53 -11.78
CA ILE A 1220 9.01 3.34 -12.61
C ILE A 1220 8.40 4.69 -12.93
N ASN A 1221 8.28 4.99 -14.22
CA ASN A 1221 7.67 6.22 -14.69
C ASN A 1221 6.16 6.03 -14.61
N THR A 1222 5.56 6.58 -13.57
CA THR A 1222 4.13 6.39 -13.38
C THR A 1222 3.32 7.48 -14.06
N ALA A 1223 3.98 8.43 -14.72
CA ALA A 1223 3.28 9.33 -15.63
C ALA A 1223 3.19 8.78 -17.04
N ALA A 1224 3.66 7.55 -17.27
CA ALA A 1224 3.87 7.06 -18.63
C ALA A 1224 2.56 6.94 -19.40
N ALA A 1225 1.46 6.60 -18.72
CA ALA A 1225 0.17 6.44 -19.40
C ALA A 1225 -0.43 7.76 -19.86
N GLY A 1226 0.20 8.89 -19.55
CA GLY A 1226 -0.26 10.19 -20.00
C GLY A 1226 -0.63 11.15 -18.89
N GLY A 1227 -0.45 10.80 -17.62
CA GLY A 1227 -0.79 11.71 -16.55
C GLY A 1227 -0.37 11.18 -15.20
N ASN A 1228 -0.42 12.06 -14.22
CA ASN A 1228 -0.07 11.73 -12.84
C ASN A 1228 -1.37 11.61 -12.04
N ALA A 1229 -1.75 10.37 -11.71
CA ALA A 1229 -2.99 10.13 -10.97
C ALA A 1229 -2.91 10.71 -9.56
N SER A 1230 -1.84 10.40 -8.81
CA SER A 1230 -1.69 10.92 -7.46
C SER A 1230 -1.73 12.44 -7.43
N LEU A 1231 -1.06 13.09 -8.37
CA LEU A 1231 -1.00 14.54 -8.37
C LEU A 1231 -2.31 15.17 -8.81
N MET A 1232 -3.14 14.42 -9.56
CA MET A 1232 -4.45 14.93 -9.97
C MET A 1232 -5.42 15.04 -8.78
N ALA A 1233 -5.23 14.22 -7.74
CA ALA A 1233 -5.94 14.37 -6.47
C ALA A 1233 -5.29 15.40 -5.55
N ILE A 1234 -4.63 16.39 -6.13
CA ILE A 1234 -3.95 17.45 -5.37
C ILE A 1234 -4.36 18.82 -5.91
N ALA B 16 -39.41 -28.34 36.57
CA ALA B 16 -38.70 -27.72 35.46
C ALA B 16 -39.18 -26.30 35.22
N PRO B 17 -38.27 -25.33 35.28
CA PRO B 17 -38.65 -23.95 34.98
C PRO B 17 -39.14 -23.80 33.55
N ALA B 18 -40.19 -22.99 33.37
CA ALA B 18 -40.74 -22.75 32.05
C ALA B 18 -39.67 -22.14 31.15
N PRO B 19 -39.58 -22.57 29.89
CA PRO B 19 -38.57 -22.01 29.00
C PRO B 19 -38.69 -20.49 28.91
N PHE B 20 -37.56 -19.80 29.10
CA PHE B 20 -37.43 -18.36 28.95
C PHE B 20 -38.26 -17.58 29.96
N ALA B 21 -38.75 -18.23 31.02
CA ALA B 21 -39.52 -17.51 32.03
C ALA B 21 -38.70 -16.44 32.72
N ASP B 22 -37.39 -16.61 32.77
CA ASP B 22 -36.50 -15.67 33.44
C ASP B 22 -35.35 -15.27 32.53
N PHE B 23 -35.66 -14.91 31.28
CA PHE B 23 -34.60 -14.78 30.27
C PHE B 23 -33.72 -13.57 30.56
N ALA B 24 -34.32 -12.40 30.68
CA ALA B 24 -33.55 -11.18 30.92
C ALA B 24 -34.39 -10.10 31.59
N PRO B 25 -34.91 -10.34 32.78
CA PRO B 25 -35.76 -9.36 33.43
C PRO B 25 -34.97 -8.10 33.73
N PRO B 26 -35.51 -6.92 33.43
CA PRO B 26 -34.81 -5.68 33.77
C PRO B 26 -34.59 -5.56 35.26
N VAL B 27 -33.51 -4.87 35.62
CA VAL B 27 -33.23 -4.55 37.03
C VAL B 27 -34.46 -3.90 37.66
N ARG B 28 -35.14 -3.05 36.92
CA ARG B 28 -36.30 -2.34 37.44
C ARG B 28 -37.27 -2.09 36.28
N PRO B 29 -38.56 -1.89 36.57
CA PRO B 29 -39.47 -1.46 35.50
C PRO B 29 -39.00 -0.15 34.91
N GLN B 30 -39.02 -0.06 33.58
CA GLN B 30 -38.45 1.08 32.90
C GLN B 30 -39.43 2.25 32.95
N SER B 31 -39.00 3.36 33.57
CA SER B 31 -39.80 4.57 33.63
C SER B 31 -39.97 5.19 32.24
N THR B 32 -40.79 6.26 32.16
CA THR B 32 -40.92 6.98 30.90
C THR B 32 -39.58 7.57 30.47
N LEU B 33 -38.87 8.19 31.41
CA LEU B 33 -37.57 8.78 31.07
C LEU B 33 -36.54 7.72 30.68
N ARG B 34 -36.55 6.56 31.33
CA ARG B 34 -35.61 5.51 30.92
C ARG B 34 -35.95 4.99 29.53
N ARG B 35 -37.25 4.87 29.22
CA ARG B 35 -37.65 4.43 27.89
C ARG B 35 -37.23 5.42 26.81
N ALA B 36 -37.28 6.73 27.11
CA ALA B 36 -36.83 7.71 26.13
C ALA B 36 -35.35 7.53 25.82
N ILE B 37 -34.54 7.19 26.82
CA ILE B 37 -33.13 6.90 26.59
C ILE B 37 -32.98 5.72 25.64
N THR B 38 -33.64 4.61 25.96
CA THR B 38 -33.46 3.41 25.16
C THR B 38 -33.91 3.63 23.73
N ALA B 39 -34.99 4.40 23.55
CA ALA B 39 -35.50 4.72 22.22
C ALA B 39 -34.47 5.41 21.34
N ALA B 40 -33.54 6.16 21.92
CA ALA B 40 -32.60 6.94 21.14
C ALA B 40 -31.31 6.18 20.84
N TYR B 41 -31.19 4.94 21.35
CA TYR B 41 -29.92 4.22 21.37
C TYR B 41 -29.22 4.25 20.01
N ARG B 42 -29.93 3.88 18.95
CA ARG B 42 -29.35 3.83 17.62
C ARG B 42 -30.17 4.66 16.65
N ARG B 43 -30.66 5.80 17.12
CA ARG B 43 -31.50 6.68 16.29
C ARG B 43 -30.71 7.16 15.08
N PRO B 44 -31.33 7.21 13.90
CA PRO B 44 -30.62 7.72 12.73
C PRO B 44 -30.02 9.09 13.01
N GLU B 45 -28.79 9.30 12.50
CA GLU B 45 -28.08 10.54 12.76
C GLU B 45 -28.88 11.75 12.28
N THR B 46 -29.54 11.64 11.13
CA THR B 46 -30.33 12.76 10.61
C THR B 46 -31.51 13.11 11.50
N GLU B 47 -31.99 12.19 12.33
CA GLU B 47 -33.04 12.54 13.28
C GLU B 47 -32.48 13.11 14.58
N CYS B 48 -31.25 12.75 14.94
CA CYS B 48 -30.67 13.21 16.19
C CYS B 48 -30.30 14.68 16.13
N LEU B 49 -29.76 15.13 15.01
CA LEU B 49 -29.12 16.44 14.96
C LEU B 49 -30.06 17.67 15.00
N PRO B 50 -31.20 17.70 14.30
CA PRO B 50 -32.00 18.95 14.26
C PRO B 50 -32.41 19.43 15.65
N PRO B 51 -32.94 18.58 16.53
CA PRO B 51 -33.22 19.07 17.89
C PRO B 51 -31.97 19.53 18.64
N LEU B 52 -30.81 18.91 18.37
CA LEU B 52 -29.57 19.35 19.00
C LEU B 52 -29.14 20.70 18.44
N VAL B 53 -29.28 20.90 17.13
CA VAL B 53 -28.97 22.21 16.53
C VAL B 53 -29.82 23.30 17.18
N GLU B 54 -31.14 23.07 17.25
CA GLU B 54 -32.05 24.04 17.83
C GLU B 54 -31.68 24.35 19.29
N ALA B 55 -31.35 23.32 20.07
CA ALA B 55 -31.01 23.53 21.47
C ALA B 55 -29.66 24.22 21.62
N ALA B 56 -28.78 24.07 20.64
CA ALA B 56 -27.45 24.64 20.70
C ALA B 56 -27.37 26.04 20.08
N THR B 57 -28.44 26.53 19.47
CA THR B 57 -28.37 27.82 18.79
C THR B 57 -28.19 28.93 19.81
N GLN B 58 -27.32 29.88 19.47
CA GLN B 58 -27.11 31.07 20.28
C GLN B 58 -27.25 32.31 19.43
N SER B 59 -27.60 33.43 20.07
CA SER B 59 -27.74 34.71 19.37
C SER B 59 -26.47 35.09 18.62
N LYS B 60 -26.59 36.02 17.67
CA LYS B 60 -25.39 36.49 16.96
C LYS B 60 -24.44 37.20 17.91
N GLU B 61 -24.98 37.90 18.92
CA GLU B 61 -24.13 38.59 19.88
C GLU B 61 -23.23 37.60 20.62
N ILE B 62 -23.83 36.53 21.15
CA ILE B 62 -23.04 35.54 21.88
C ILE B 62 -22.07 34.82 20.96
N ARG B 63 -22.51 34.47 19.75
CA ARG B 63 -21.64 33.75 18.81
C ARG B 63 -20.42 34.58 18.43
N ASP B 64 -20.62 35.90 18.30
CA ASP B 64 -19.48 36.77 18.03
C ASP B 64 -18.57 36.86 19.26
N ALA B 65 -19.15 37.10 20.43
CA ALA B 65 -18.36 37.14 21.67
C ALA B 65 -17.64 35.81 21.91
N ALA B 66 -18.29 34.70 21.58
CA ALA B 66 -17.67 33.39 21.80
C ALA B 66 -16.52 33.16 20.83
N ALA B 67 -16.67 33.58 19.58
CA ALA B 67 -15.61 33.37 18.60
C ALA B 67 -14.36 34.19 18.92
N SER B 68 -14.50 35.31 19.62
CA SER B 68 -13.34 36.08 20.00
C SER B 68 -12.71 35.59 21.30
N THR B 69 -13.53 35.25 22.30
CA THR B 69 -13.01 34.54 23.45
C THR B 69 -12.23 33.30 23.01
N ALA B 70 -12.80 32.54 22.07
CA ALA B 70 -12.10 31.38 21.52
C ALA B 70 -10.81 31.79 20.82
N ARG B 71 -10.86 32.86 20.01
CA ARG B 71 -9.66 33.33 19.32
C ARG B 71 -8.58 33.74 20.31
N LYS B 72 -8.96 34.49 21.36
CA LYS B 72 -8.01 34.86 22.39
C LYS B 72 -7.37 33.63 23.04
N LEU B 73 -8.20 32.63 23.38
CA LEU B 73 -7.69 31.40 24.01
C LEU B 73 -6.76 30.64 23.07
N ILE B 74 -7.13 30.54 21.79
CA ILE B 74 -6.32 29.78 20.85
C ILE B 74 -5.02 30.52 20.55
N GLU B 75 -5.09 31.83 20.40
CA GLU B 75 -3.89 32.64 20.22
C GLU B 75 -2.91 32.39 21.35
N ALA B 76 -3.39 32.48 22.59
CA ALA B 76 -2.53 32.24 23.74
C ALA B 76 -1.95 30.83 23.72
N LEU B 77 -2.74 29.84 23.32
CA LEU B 77 -2.24 28.47 23.27
C LEU B 77 -1.08 28.33 22.28
N ARG B 78 -1.19 28.98 21.13
CA ARG B 78 -0.16 28.87 20.11
C ARG B 78 1.02 29.81 20.35
N GLY B 79 0.87 30.78 21.25
CA GLY B 79 2.01 31.56 21.70
C GLY B 79 2.82 30.81 22.73
N LYS B 80 2.12 30.17 23.68
CA LYS B 80 2.78 29.34 24.67
C LYS B 80 3.57 28.21 24.03
N HIS B 81 3.11 27.71 22.88
CA HIS B 81 3.68 26.52 22.26
C HIS B 81 5.19 26.65 22.16
N SER B 82 5.90 25.94 23.05
CA SER B 82 7.36 25.99 23.14
C SER B 82 8.04 24.83 22.43
N GLY B 83 7.50 23.62 22.54
CA GLY B 83 8.12 22.44 21.99
C GLY B 83 8.30 21.35 23.03
N SER B 84 7.77 20.16 22.76
CA SER B 84 7.79 19.07 23.72
C SER B 84 9.22 18.70 24.10
N GLY B 85 9.34 17.98 25.22
CA GLY B 85 10.65 17.52 25.63
C GLY B 85 11.23 16.47 24.69
N VAL B 86 10.36 15.58 24.19
CA VAL B 86 10.85 14.53 23.29
C VAL B 86 11.25 15.12 21.94
N GLU B 87 10.56 16.18 21.48
CA GLU B 87 10.93 16.81 20.22
C GLU B 87 12.32 17.46 20.30
N GLY B 88 12.63 18.08 21.45
CA GLY B 88 13.95 18.66 21.63
C GLY B 88 15.06 17.64 21.71
N LEU B 89 14.76 16.45 22.24
CA LEU B 89 15.72 15.36 22.21
C LEU B 89 15.96 14.89 20.78
N VAL B 90 14.88 14.74 19.99
CA VAL B 90 15.02 14.29 18.61
C VAL B 90 15.82 15.28 17.79
N GLN B 91 15.63 16.58 18.03
CA GLN B 91 16.40 17.58 17.29
C GLN B 91 17.84 17.64 17.76
N GLU B 92 18.06 17.59 19.09
CA GLU B 92 19.42 17.75 19.61
C GLU B 92 20.35 16.66 19.11
N TYR B 93 19.87 15.41 19.04
CA TYR B 93 20.69 14.29 18.61
C TYR B 93 20.37 13.82 17.20
N SER B 94 19.54 14.56 16.46
CA SER B 94 19.24 14.28 15.05
C SER B 94 18.72 12.85 14.87
N LEU B 95 17.79 12.46 15.74
CA LEU B 95 17.23 11.11 15.69
C LEU B 95 16.16 11.01 14.63
N SER B 96 16.12 9.87 13.94
CA SER B 96 14.96 9.53 13.16
C SER B 96 13.80 9.23 14.10
N SER B 97 12.61 9.07 13.53
CA SER B 97 11.47 8.69 14.36
C SER B 97 11.67 7.33 14.99
N GLN B 98 12.12 6.34 14.20
CA GLN B 98 12.35 5.00 14.74
C GLN B 98 13.42 5.01 15.82
N GLU B 99 14.43 5.85 15.67
CA GLU B 99 15.44 5.94 16.72
C GLU B 99 14.86 6.58 17.97
N GLY B 100 13.99 7.58 17.80
CA GLY B 100 13.34 8.19 18.95
C GLY B 100 12.47 7.19 19.70
N VAL B 101 11.67 6.42 18.96
CA VAL B 101 10.85 5.39 19.60
C VAL B 101 11.74 4.36 20.30
N ALA B 102 12.80 3.92 19.63
CA ALA B 102 13.68 2.90 20.20
C ALA B 102 14.36 3.41 21.47
N LEU B 103 14.77 4.68 21.46
CA LEU B 103 15.40 5.26 22.64
C LEU B 103 14.43 5.33 23.81
N MET B 104 13.19 5.72 23.55
CA MET B 104 12.20 5.75 24.63
C MET B 104 11.93 4.36 25.16
N CYS B 105 11.91 3.35 24.26
CA CYS B 105 11.75 1.96 24.70
C CYS B 105 12.90 1.55 25.59
N LEU B 106 14.12 1.92 25.20
CA LEU B 106 15.29 1.62 26.02
C LEU B 106 15.19 2.33 27.36
N ALA B 107 14.79 3.61 27.35
CA ALA B 107 14.66 4.36 28.59
C ALA B 107 13.61 3.72 29.49
N GLU B 108 12.48 3.32 28.93
CA GLU B 108 11.46 2.63 29.71
C GLU B 108 12.03 1.41 30.42
N ALA B 109 12.78 0.59 29.70
CA ALA B 109 13.35 -0.61 30.31
C ALA B 109 14.36 -0.26 31.39
N LEU B 110 15.19 0.76 31.13
CA LEU B 110 16.19 1.16 32.13
C LEU B 110 15.53 1.71 33.38
N LEU B 111 14.36 2.33 33.25
CA LEU B 111 13.66 2.84 34.43
C LEU B 111 12.98 1.74 35.23
N ARG B 112 12.86 0.54 34.68
CA ARG B 112 12.43 -0.63 35.45
C ARG B 112 13.51 -1.07 36.43
N ILE B 113 14.74 -0.59 36.27
CA ILE B 113 15.77 -0.75 37.30
C ILE B 113 15.56 0.35 38.33
N PRO B 114 15.08 0.04 39.53
CA PRO B 114 14.69 1.11 40.46
C PRO B 114 15.86 1.84 41.09
N ASP B 115 16.99 1.17 41.32
CA ASP B 115 18.12 1.82 41.98
C ASP B 115 18.86 2.70 40.99
N THR B 116 19.02 3.99 41.34
CA THR B 116 19.68 4.94 40.46
C THR B 116 21.11 4.52 40.15
N ALA B 117 21.87 4.16 41.19
CA ALA B 117 23.26 3.80 40.97
C ALA B 117 23.41 2.54 40.14
N THR B 118 22.49 1.57 40.30
CA THR B 118 22.58 0.35 39.50
C THR B 118 22.25 0.63 38.03
N ARG B 119 21.23 1.45 37.80
CA ARG B 119 20.84 1.77 36.42
C ARG B 119 21.93 2.57 35.72
N ASP B 120 22.48 3.58 36.40
CA ASP B 120 23.57 4.36 35.83
C ASP B 120 24.77 3.49 35.50
N ALA B 121 24.99 2.42 36.25
CA ALA B 121 26.16 1.58 36.03
C ALA B 121 25.95 0.65 34.84
N LEU B 122 24.75 0.08 34.70
CA LEU B 122 24.45 -0.71 33.52
C LEU B 122 24.63 0.11 32.25
N ILE B 123 24.24 1.39 32.31
CA ILE B 123 24.39 2.27 31.17
C ILE B 123 25.86 2.48 30.83
N ARG B 124 26.65 2.88 31.83
CA ARG B 124 28.04 3.27 31.57
C ARG B 124 28.92 2.08 31.21
N ASP B 125 28.61 0.89 31.72
CA ASP B 125 29.49 -0.25 31.55
C ASP B 125 28.97 -1.29 30.56
N LYS B 126 27.70 -1.25 30.17
CA LYS B 126 27.16 -2.29 29.30
C LYS B 126 26.42 -1.71 28.09
N ILE B 127 25.36 -0.94 28.34
CA ILE B 127 24.48 -0.48 27.26
C ILE B 127 25.22 0.48 26.34
N ALA B 128 25.96 1.43 26.92
CA ALA B 128 26.60 2.47 26.12
C ALA B 128 27.64 1.89 25.17
N ASP B 129 28.18 0.71 25.47
CA ASP B 129 29.06 -0.01 24.57
C ASP B 129 28.30 -0.89 23.58
N GLY B 130 27.06 -0.52 23.25
CA GLY B 130 26.31 -1.21 22.22
C GLY B 130 25.69 -2.53 22.66
N ASN B 131 26.33 -3.22 23.60
CA ASN B 131 25.85 -4.52 24.08
C ASN B 131 24.54 -4.37 24.84
N TRP B 132 23.48 -3.93 24.15
CA TRP B 132 22.22 -3.66 24.81
C TRP B 132 21.28 -4.85 24.81
N LYS B 133 21.38 -5.73 23.82
CA LYS B 133 20.44 -6.84 23.73
C LYS B 133 20.58 -7.77 24.94
N SER B 134 21.81 -8.02 25.37
CA SER B 134 22.09 -8.89 26.52
C SER B 134 21.45 -8.39 27.79
N HIS B 135 21.91 -7.23 28.29
CA HIS B 135 21.57 -6.76 29.62
C HIS B 135 20.10 -6.37 29.79
N LEU B 136 19.32 -6.26 28.72
CA LEU B 136 17.93 -5.89 28.86
C LEU B 136 17.01 -6.79 28.02
N ARG B 140 11.79 -10.92 27.16
CA ARG B 140 10.82 -9.92 26.76
C ARG B 140 11.45 -8.84 25.88
N SER B 141 10.86 -8.62 24.70
CA SER B 141 11.38 -7.62 23.79
C SER B 141 11.43 -6.24 24.47
N LEU B 142 12.51 -5.50 24.21
CA LEU B 142 12.60 -4.12 24.62
C LEU B 142 11.44 -3.28 24.10
N PHE B 143 10.80 -3.72 23.03
CA PHE B 143 9.90 -2.86 22.26
C PHE B 143 8.43 -3.24 22.44
N VAL B 144 8.08 -3.96 23.51
CA VAL B 144 6.68 -4.37 23.69
C VAL B 144 5.74 -3.17 23.72
N ASN B 145 6.21 -2.01 24.19
CA ASN B 145 5.36 -0.82 24.28
C ASN B 145 5.68 0.20 23.20
N ALA B 146 6.36 -0.21 22.14
CA ALA B 146 6.80 0.77 21.15
C ALA B 146 5.62 1.45 20.46
N ALA B 147 4.47 0.79 20.39
CA ALA B 147 3.31 1.47 19.79
C ALA B 147 2.98 2.73 20.58
N THR B 148 3.06 2.64 21.91
CA THR B 148 2.78 3.81 22.75
C THR B 148 3.82 4.90 22.51
N TRP B 149 5.11 4.55 22.56
CA TRP B 149 6.15 5.53 22.29
C TRP B 149 6.08 6.03 20.86
N GLY B 150 5.66 5.17 19.94
CA GLY B 150 5.42 5.64 18.58
C GLY B 150 4.40 6.76 18.53
N LEU B 151 3.32 6.63 19.30
CA LEU B 151 2.38 7.74 19.43
C LEU B 151 3.07 8.98 19.98
N VAL B 152 3.89 8.81 21.03
CA VAL B 152 4.54 9.94 21.68
C VAL B 152 5.49 10.65 20.72
N VAL B 153 6.23 9.89 19.92
CA VAL B 153 7.28 10.47 19.10
C VAL B 153 6.73 11.06 17.82
N THR B 154 5.87 10.30 17.13
CA THR B 154 5.44 10.66 15.79
C THR B 154 4.02 11.21 15.72
N GLY B 155 3.20 10.93 16.72
CA GLY B 155 1.80 11.30 16.66
C GLY B 155 0.92 10.30 15.96
N LYS B 156 1.49 9.24 15.39
CA LYS B 156 0.73 8.22 14.69
C LYS B 156 0.77 6.92 15.47
N LEU B 157 -0.33 6.17 15.42
CA LEU B 157 -0.42 4.88 16.06
C LEU B 157 -0.30 3.78 15.02
N THR B 158 0.45 2.73 15.33
CA THR B 158 0.41 1.50 14.56
C THR B 158 -0.04 0.38 15.48
N SER B 159 -0.69 -0.63 14.91
CA SER B 159 -1.22 -1.71 15.74
C SER B 159 -0.10 -2.61 16.26
N THR B 160 0.93 -2.82 15.45
CA THR B 160 2.06 -3.65 15.82
C THR B 160 3.33 -2.86 15.51
N VAL B 161 4.46 -3.37 15.99
CA VAL B 161 5.71 -2.64 15.94
C VAL B 161 6.71 -3.42 15.09
N ASN B 162 7.45 -2.70 14.26
CA ASN B 162 8.51 -3.30 13.47
C ASN B 162 9.74 -3.39 14.37
N ASP B 163 9.87 -4.54 15.04
CA ASP B 163 10.93 -4.70 16.04
C ASP B 163 12.31 -4.88 15.41
N ARG B 164 12.38 -5.30 14.15
CA ARG B 164 13.67 -5.31 13.46
C ARG B 164 14.12 -3.90 13.13
N SER B 165 13.21 -3.06 12.64
CA SER B 165 13.55 -1.67 12.39
C SER B 165 13.96 -0.98 13.68
N LEU B 166 13.22 -1.23 14.77
CA LEU B 166 13.54 -0.62 16.06
C LEU B 166 14.87 -1.12 16.61
N ALA B 167 15.15 -2.42 16.47
CA ALA B 167 16.45 -2.92 16.93
C ALA B 167 17.59 -2.30 16.14
N ALA B 168 17.42 -2.19 14.82
CA ALA B 168 18.42 -1.51 14.00
C ALA B 168 18.59 -0.05 14.42
N ALA B 169 17.48 0.65 14.68
CA ALA B 169 17.57 2.06 15.09
C ALA B 169 18.29 2.20 16.43
N LEU B 170 18.02 1.31 17.37
CA LEU B 170 18.65 1.42 18.68
C LEU B 170 20.14 1.17 18.60
N THR B 171 20.54 0.14 17.85
CA THR B 171 21.96 -0.10 17.62
C THR B 171 22.62 1.12 16.99
N ARG B 172 21.98 1.69 15.96
CA ARG B 172 22.54 2.81 15.25
C ARG B 172 22.75 4.00 16.19
N LEU B 173 21.71 4.35 16.95
CA LEU B 173 21.83 5.56 17.77
C LEU B 173 22.82 5.36 18.91
N ILE B 174 22.87 4.17 19.51
CA ILE B 174 23.85 3.94 20.57
C ILE B 174 25.26 3.97 20.00
N SER B 175 25.50 3.26 18.90
CA SER B 175 26.84 3.24 18.34
C SER B 175 27.25 4.63 17.87
N ARG B 176 26.28 5.47 17.50
CA ARG B 176 26.61 6.81 17.02
C ARG B 176 26.83 7.79 18.17
N CYS B 177 25.99 7.74 19.21
CA CYS B 177 25.96 8.78 20.24
C CYS B 177 26.25 8.30 21.66
N GLY B 178 26.32 7.00 21.91
CA GLY B 178 26.88 6.50 23.17
C GLY B 178 26.07 6.89 24.39
N GLU B 179 26.76 6.95 25.54
CA GLU B 179 26.10 7.23 26.81
C GLU B 179 25.30 8.52 26.83
N PRO B 180 25.76 9.65 26.29
CA PRO B 180 24.99 10.89 26.45
C PRO B 180 23.56 10.81 25.94
N VAL B 181 23.31 10.13 24.83
CA VAL B 181 21.94 10.08 24.34
C VAL B 181 21.10 9.14 25.20
N ILE B 182 21.74 8.11 25.78
CA ILE B 182 21.00 7.20 26.64
C ILE B 182 20.54 7.92 27.90
N ARG B 183 21.43 8.70 28.51
CA ARG B 183 21.10 9.43 29.73
C ARG B 183 20.01 10.45 29.48
N ARG B 184 20.06 11.16 28.34
CA ARG B 184 19.04 12.14 28.02
C ARG B 184 17.68 11.48 27.82
N GLY B 185 17.66 10.30 27.18
CA GLY B 185 16.40 9.60 27.02
C GLY B 185 15.84 9.09 28.34
N VAL B 186 16.71 8.61 29.23
CA VAL B 186 16.26 8.15 30.54
C VAL B 186 15.62 9.30 31.32
N ASP B 187 16.28 10.46 31.33
CA ASP B 187 15.73 11.63 32.01
C ASP B 187 14.43 12.07 31.38
N MET B 188 14.36 12.02 30.05
CA MET B 188 13.16 12.43 29.33
C MET B 188 11.99 11.52 29.64
N ALA B 189 12.20 10.20 29.53
CA ALA B 189 11.13 9.27 29.88
C ALA B 189 10.71 9.42 31.33
N MET B 190 11.68 9.69 32.21
CA MET B 190 11.35 9.82 33.63
C MET B 190 10.40 11.00 33.85
N ARG B 191 10.67 12.13 33.21
CA ARG B 191 9.80 13.28 33.36
C ARG B 191 8.40 12.96 32.88
N MET B 192 8.29 12.41 31.67
CA MET B 192 6.96 12.16 31.11
C MET B 192 6.20 11.14 31.93
N MET B 193 6.81 9.97 32.19
CA MET B 193 6.08 8.91 32.86
C MET B 193 5.84 9.20 34.34
N GLY B 194 6.56 10.15 34.91
CA GLY B 194 6.44 10.40 36.34
C GLY B 194 5.70 11.68 36.68
N GLU B 195 5.62 12.61 35.73
CA GLU B 195 5.07 13.93 35.98
C GLU B 195 4.21 14.49 34.86
N GLN B 196 4.34 14.01 33.61
CA GLN B 196 3.49 14.47 32.51
C GLN B 196 2.32 13.55 32.23
N PHE B 197 2.53 12.23 32.29
CA PHE B 197 1.45 11.26 32.05
C PHE B 197 0.65 10.96 33.32
N VAL B 198 1.29 10.99 34.47
CA VAL B 198 0.58 10.84 35.74
C VAL B 198 0.93 12.05 36.59
N THR B 199 -0.01 12.43 37.45
CA THR B 199 0.30 13.43 38.45
C THR B 199 1.31 12.91 39.45
N GLY B 200 1.29 11.60 39.70
CA GLY B 200 2.23 10.98 40.61
C GLY B 200 2.09 9.48 40.57
N GLU B 201 3.16 8.79 40.98
CA GLU B 201 3.13 7.33 41.02
C GLU B 201 2.17 6.83 42.10
N THR B 202 2.09 7.53 43.22
CA THR B 202 1.23 7.17 44.34
C THR B 202 0.35 8.37 44.71
N ILE B 203 -0.73 8.09 45.42
CA ILE B 203 -1.69 9.16 45.74
C ILE B 203 -1.01 10.22 46.61
N ARG B 204 -0.11 9.80 47.51
CA ARG B 204 0.60 10.75 48.35
C ARG B 204 1.44 11.71 47.50
N GLU B 205 2.09 11.17 46.47
CA GLU B 205 2.87 12.02 45.58
C GLU B 205 1.95 12.89 44.71
N ALA B 206 0.88 12.32 44.18
CA ALA B 206 -0.07 13.12 43.41
C ALA B 206 -0.64 14.26 44.26
N LEU B 207 -1.05 13.95 45.49
CA LEU B 207 -1.62 14.98 46.35
C LEU B 207 -0.64 16.11 46.61
N LYS B 208 0.63 15.78 46.84
CA LYS B 208 1.64 16.80 47.07
C LYS B 208 1.81 17.69 45.84
N ARG B 209 1.88 17.10 44.65
CA ARG B 209 2.07 17.91 43.46
C ARG B 209 0.86 18.77 43.13
N SER B 210 -0.30 18.49 43.73
CA SER B 210 -1.53 19.21 43.40
C SER B 210 -1.61 20.59 44.05
N LYS B 211 -0.81 20.86 45.08
CA LYS B 211 -0.97 22.11 45.83
C LYS B 211 -0.67 23.34 44.97
N GLU B 212 0.26 23.21 44.03
CA GLU B 212 0.68 24.36 43.22
C GLU B 212 -0.48 24.90 42.40
N LEU B 213 -1.13 24.06 41.61
CA LEU B 213 -2.23 24.54 40.80
C LEU B 213 -3.49 24.78 41.63
N GLU B 214 -3.67 24.02 42.73
CA GLU B 214 -4.78 24.31 43.63
C GLU B 214 -4.71 25.74 44.15
N GLU B 215 -3.49 26.23 44.39
CA GLU B 215 -3.35 27.61 44.84
C GLU B 215 -3.74 28.61 43.76
N LYS B 216 -3.57 28.25 42.49
CA LYS B 216 -4.03 29.08 41.37
C LYS B 216 -5.54 29.00 41.18
N GLY B 217 -6.22 28.09 41.88
CA GLY B 217 -7.66 27.95 41.77
C GLY B 217 -8.12 26.73 41.01
N PHE B 218 -7.22 25.88 40.54
CA PHE B 218 -7.63 24.57 40.06
C PHE B 218 -8.10 23.70 41.22
N SER B 219 -8.79 22.63 40.86
CA SER B 219 -9.10 21.55 41.79
C SER B 219 -8.71 20.26 41.08
N TYR B 220 -8.93 19.13 41.75
CA TYR B 220 -8.45 17.86 41.21
C TYR B 220 -9.50 16.78 41.36
N SER B 221 -9.38 15.76 40.52
CA SER B 221 -10.15 14.53 40.59
C SER B 221 -9.19 13.40 40.25
N TYR B 222 -8.90 12.53 41.22
CA TYR B 222 -7.84 11.54 41.01
C TYR B 222 -8.41 10.26 40.47
N ASP B 223 -7.64 9.61 39.60
CA ASP B 223 -8.03 8.35 38.96
C ASP B 223 -6.91 7.34 39.18
N MET B 224 -7.17 6.36 40.04
CA MET B 224 -6.18 5.31 40.25
C MET B 224 -6.16 4.43 39.01
N LEU B 225 -5.08 4.53 38.23
CA LEU B 225 -4.97 3.91 36.92
C LEU B 225 -5.43 2.46 36.92
N GLY B 226 -6.71 2.23 36.65
CA GLY B 226 -7.30 0.91 36.76
C GLY B 226 -8.67 0.77 36.14
N GLU B 227 -8.87 -0.33 35.39
CA GLU B 227 -10.14 -0.58 34.71
C GLU B 227 -10.13 -2.01 34.18
N ALA B 228 -11.33 -2.45 33.78
CA ALA B 228 -11.57 -3.81 33.29
C ALA B 228 -10.88 -4.85 34.18
N ALA B 229 -11.46 -5.10 35.35
CA ALA B 229 -11.08 -6.27 36.13
C ALA B 229 -11.38 -7.53 35.32
N THR B 230 -10.42 -8.45 35.32
CA THR B 230 -10.57 -9.75 34.66
C THR B 230 -10.94 -10.86 35.64
N THR B 231 -10.52 -10.73 36.90
CA THR B 231 -10.72 -11.74 37.92
C THR B 231 -11.34 -11.07 39.15
N ALA B 232 -11.87 -11.92 40.05
CA ALA B 232 -12.37 -11.41 41.32
C ALA B 232 -11.26 -10.72 42.10
N ALA B 233 -10.04 -11.28 42.03
CA ALA B 233 -8.92 -10.71 42.78
C ALA B 233 -8.52 -9.34 42.24
N ASP B 234 -8.60 -9.16 40.91
CA ASP B 234 -8.40 -7.83 40.34
C ASP B 234 -9.42 -6.84 40.89
N ALA B 235 -10.70 -7.20 40.83
CA ALA B 235 -11.76 -6.28 41.24
C ALA B 235 -11.61 -5.92 42.71
N GLU B 236 -11.33 -6.91 43.55
CA GLU B 236 -11.13 -6.65 44.97
C GLU B 236 -9.93 -5.76 45.19
N ARG B 237 -8.86 -5.97 44.42
CA ARG B 237 -7.68 -5.13 44.57
C ARG B 237 -7.98 -3.69 44.17
N TYR B 238 -8.67 -3.48 43.04
CA TYR B 238 -9.03 -2.11 42.64
C TYR B 238 -9.95 -1.45 43.68
N TYR B 239 -10.88 -2.23 44.25
CA TYR B 239 -11.71 -1.68 45.31
C TYR B 239 -10.85 -1.17 46.46
N ARG B 240 -9.91 -2.00 46.92
CA ARG B 240 -9.06 -1.58 48.04
C ARG B 240 -8.21 -0.37 47.67
N ASP B 241 -7.72 -0.32 46.43
CA ASP B 241 -6.94 0.83 46.00
C ASP B 241 -7.77 2.11 45.97
N TYR B 242 -9.02 2.04 45.49
CA TYR B 242 -9.93 3.20 45.59
C TYR B 242 -10.18 3.58 47.04
N GLU B 243 -10.44 2.59 47.89
CA GLU B 243 -10.70 2.87 49.29
C GLU B 243 -9.52 3.59 49.93
N SER B 244 -8.32 3.07 49.70
CA SER B 244 -7.12 3.72 50.23
CA SER B 244 -7.13 3.73 50.23
CA SER B 244 -7.13 3.73 50.23
C SER B 244 -6.97 5.15 49.69
N ALA B 245 -7.22 5.33 48.39
CA ALA B 245 -7.11 6.67 47.80
C ALA B 245 -8.11 7.64 48.43
N ILE B 246 -9.34 7.18 48.67
CA ILE B 246 -10.36 8.05 49.24
C ILE B 246 -9.94 8.56 50.61
N HIS B 247 -9.39 7.68 51.45
CA HIS B 247 -8.88 8.12 52.75
C HIS B 247 -7.83 9.20 52.57
N ALA B 248 -6.90 9.01 51.63
CA ALA B 248 -5.84 9.99 51.46
C ALA B 248 -6.38 11.29 50.90
N ILE B 249 -7.22 11.21 49.86
CA ILE B 249 -7.81 12.40 49.28
C ILE B 249 -8.72 13.08 50.28
N GLY B 250 -9.48 12.28 51.04
CA GLY B 250 -10.39 12.85 52.03
C GLY B 250 -9.68 13.62 53.10
N LYS B 251 -8.56 13.08 53.60
CA LYS B 251 -7.82 13.81 54.63
C LYS B 251 -7.11 15.02 54.03
N ALA B 252 -6.61 14.88 52.80
CA ALA B 252 -6.03 16.02 52.12
C ALA B 252 -7.07 17.11 51.88
N SER B 253 -8.29 16.71 51.51
CA SER B 253 -9.35 17.70 51.32
C SER B 253 -9.53 18.56 52.57
N ALA B 254 -9.45 17.94 53.74
CA ALA B 254 -9.53 18.63 55.03
C ALA B 254 -10.71 19.59 55.08
N GLY B 255 -11.88 19.10 54.67
CA GLY B 255 -13.11 19.85 54.83
C GLY B 255 -13.34 20.96 53.83
N ARG B 256 -12.58 21.00 52.72
CA ARG B 256 -12.81 22.03 51.72
C ARG B 256 -14.08 21.81 50.91
N GLY B 257 -14.74 20.66 51.06
CA GLY B 257 -16.00 20.40 50.39
C GLY B 257 -15.83 19.93 48.95
N ILE B 258 -16.97 19.65 48.32
CA ILE B 258 -16.93 18.94 47.04
C ILE B 258 -16.54 19.84 45.87
N TYR B 259 -16.66 21.17 45.98
CA TYR B 259 -16.34 22.02 44.83
C TYR B 259 -14.90 22.50 44.88
N GLU B 260 -14.47 23.06 46.01
CA GLU B 260 -13.10 23.50 46.17
C GLU B 260 -12.14 22.32 46.36
N GLY B 261 -12.55 21.30 47.13
CA GLY B 261 -11.68 20.21 47.48
C GLY B 261 -11.58 19.14 46.41
N PRO B 262 -10.58 18.28 46.52
CA PRO B 262 -10.37 17.24 45.50
C PRO B 262 -11.38 16.12 45.62
N GLY B 263 -11.54 15.39 44.51
CA GLY B 263 -12.41 14.24 44.46
C GLY B 263 -11.72 13.05 43.81
N ILE B 264 -12.48 11.98 43.64
CA ILE B 264 -11.98 10.75 43.04
C ILE B 264 -12.93 10.33 41.92
N SER B 265 -12.38 9.68 40.90
CA SER B 265 -13.16 9.12 39.80
C SER B 265 -12.91 7.62 39.74
N ILE B 266 -13.97 6.85 39.51
CA ILE B 266 -13.86 5.40 39.48
C ILE B 266 -14.49 4.88 38.20
N LYS B 267 -14.04 3.72 37.76
CA LYS B 267 -14.68 3.00 36.66
C LYS B 267 -15.36 1.76 37.22
N LEU B 268 -16.64 1.59 36.90
CA LEU B 268 -17.35 0.43 37.43
C LEU B 268 -16.75 -0.88 36.90
N SER B 269 -16.22 -0.88 35.67
CA SER B 269 -15.60 -2.10 35.18
C SER B 269 -14.39 -2.52 36.02
N ALA B 270 -13.83 -1.61 36.81
CA ALA B 270 -12.73 -1.99 37.69
C ALA B 270 -13.21 -2.78 38.91
N LEU B 271 -14.48 -2.66 39.27
CA LEU B 271 -14.99 -3.15 40.54
C LEU B 271 -15.70 -4.49 40.41
N HIS B 272 -15.81 -5.05 39.20
CA HIS B 272 -16.39 -6.36 39.06
C HIS B 272 -15.87 -6.97 37.77
N PRO B 273 -15.54 -8.26 37.75
CA PRO B 273 -15.05 -8.87 36.49
C PRO B 273 -16.14 -9.06 35.45
N ARG B 274 -17.41 -9.03 35.83
CA ARG B 274 -18.49 -9.26 34.89
C ARG B 274 -19.44 -8.08 34.85
N TYR B 275 -18.92 -6.89 34.57
CA TYR B 275 -19.77 -5.71 34.53
C TYR B 275 -20.42 -5.64 33.16
N SER B 276 -21.66 -6.14 33.05
CA SER B 276 -22.35 -6.13 31.76
C SER B 276 -23.84 -6.35 31.99
N ARG B 277 -24.64 -5.87 31.04
CA ARG B 277 -26.09 -6.07 31.12
C ARG B 277 -26.43 -7.55 31.28
N ALA B 278 -25.67 -8.44 30.62
CA ALA B 278 -25.97 -9.87 30.71
C ALA B 278 -25.80 -10.40 32.13
N GLN B 279 -25.00 -9.74 32.95
CA GLN B 279 -24.78 -10.15 34.33
C GLN B 279 -25.40 -9.15 35.31
N ALA B 280 -26.53 -8.54 34.93
CA ALA B 280 -27.09 -7.43 35.69
C ALA B 280 -27.38 -7.80 37.14
N ALA B 281 -27.82 -9.04 37.37
CA ALA B 281 -28.12 -9.46 38.75
C ALA B 281 -26.84 -9.50 39.59
N ARG B 282 -25.75 -10.03 39.05
CA ARG B 282 -24.49 -10.02 39.79
C ARG B 282 -24.00 -8.58 39.98
N VAL B 283 -24.23 -7.72 38.99
CA VAL B 283 -23.78 -6.34 39.08
C VAL B 283 -24.49 -5.62 40.23
N MET B 284 -25.83 -5.71 40.27
CA MET B 284 -26.58 -5.09 41.36
C MET B 284 -26.26 -5.73 42.71
N GLY B 285 -26.02 -7.04 42.75
CA GLY B 285 -25.78 -7.72 44.01
C GLY B 285 -24.37 -7.61 44.52
N GLU B 286 -23.39 -7.52 43.62
CA GLU B 286 -21.98 -7.57 44.01
C GLU B 286 -21.22 -6.29 43.70
N LEU B 287 -21.45 -5.70 42.52
CA LEU B 287 -20.77 -4.44 42.20
C LEU B 287 -21.34 -3.30 43.03
N LEU B 288 -22.65 -3.11 43.02
CA LEU B 288 -23.27 -1.97 43.71
C LEU B 288 -22.88 -1.83 45.18
N PRO B 289 -22.86 -2.88 46.01
CA PRO B 289 -22.41 -2.68 47.40
C PRO B 289 -21.01 -2.10 47.50
N ARG B 290 -20.11 -2.45 46.57
CA ARG B 290 -18.77 -1.89 46.60
CA ARG B 290 -18.77 -1.90 46.59
C ARG B 290 -18.79 -0.40 46.30
N VAL B 291 -19.53 0.02 45.26
CA VAL B 291 -19.63 1.45 44.97
C VAL B 291 -20.22 2.18 46.17
N LYS B 292 -21.24 1.60 46.79
CA LYS B 292 -21.88 2.26 47.92
C LYS B 292 -20.89 2.47 49.07
N ALA B 293 -20.10 1.43 49.38
CA ALA B 293 -19.11 1.57 50.44
C ALA B 293 -18.13 2.68 50.12
N LEU B 294 -17.70 2.79 48.86
CA LEU B 294 -16.80 3.87 48.46
C LEU B 294 -17.50 5.21 48.55
N ALA B 295 -18.75 5.27 48.07
CA ALA B 295 -19.52 6.51 48.17
C ALA B 295 -19.72 6.90 49.64
N LEU B 296 -19.98 5.93 50.50
CA LEU B 296 -20.15 6.25 51.92
C LEU B 296 -18.87 6.81 52.53
N LEU B 297 -17.72 6.27 52.13
CA LEU B 297 -16.44 6.84 52.56
C LEU B 297 -16.26 8.25 52.02
N ALA B 298 -16.56 8.45 50.72
CA ALA B 298 -16.40 9.78 50.14
C ALA B 298 -17.35 10.78 50.79
N LYS B 299 -18.58 10.35 51.12
CA LYS B 299 -19.50 11.21 51.85
C LYS B 299 -18.92 11.63 53.20
N ASN B 300 -18.31 10.69 53.92
CA ASN B 300 -17.79 11.01 55.24
C ASN B 300 -16.70 12.07 55.17
N TYR B 301 -15.91 12.08 54.09
CA TYR B 301 -14.90 13.11 53.91
C TYR B 301 -15.44 14.33 53.17
N ASP B 302 -16.69 14.28 52.73
CA ASP B 302 -17.28 15.30 51.88
C ASP B 302 -16.39 15.64 50.68
N ILE B 303 -16.05 14.60 49.92
CA ILE B 303 -15.37 14.78 48.64
C ILE B 303 -16.28 14.29 47.53
N GLY B 304 -15.94 14.67 46.30
CA GLY B 304 -16.68 14.17 45.15
C GLY B 304 -16.22 12.77 44.76
N LEU B 305 -17.18 11.95 44.34
CA LEU B 305 -16.88 10.62 43.79
C LEU B 305 -17.60 10.50 42.46
N ASN B 306 -16.83 10.36 41.39
CA ASN B 306 -17.37 10.40 40.05
C ASN B 306 -17.30 9.03 39.40
N ILE B 307 -18.39 8.62 38.76
CA ILE B 307 -18.42 7.39 37.96
C ILE B 307 -18.09 7.74 36.51
N ASP B 308 -16.91 7.32 36.05
CA ASP B 308 -16.53 7.51 34.66
C ASP B 308 -17.47 6.74 33.73
N ALA B 309 -17.66 7.27 32.52
CA ALA B 309 -18.47 6.57 31.53
C ALA B 309 -17.62 5.72 30.60
N GLU B 310 -18.12 4.54 30.25
CA GLU B 310 -17.34 3.58 29.49
C GLU B 310 -18.03 3.26 28.18
N GLU B 311 -18.07 1.98 27.77
CA GLU B 311 -18.62 1.60 26.48
C GLU B 311 -20.11 1.88 26.42
N ALA B 312 -20.65 2.01 25.20
CA ALA B 312 -22.06 2.36 25.05
C ALA B 312 -22.98 1.32 25.69
N ASP B 313 -22.62 0.04 25.60
CA ASP B 313 -23.47 -1.00 26.15
C ASP B 313 -23.41 -1.10 27.69
N ARG B 314 -22.73 -0.19 28.35
CA ARG B 314 -22.78 -0.13 29.80
C ARG B 314 -23.48 1.11 30.32
N LEU B 315 -23.86 2.03 29.41
CA LEU B 315 -24.47 3.30 29.82
C LEU B 315 -25.72 3.07 30.66
N GLU B 316 -26.72 2.37 30.12
CA GLU B 316 -27.99 2.28 30.83
C GLU B 316 -27.87 1.41 32.08
N LEU B 317 -27.02 0.39 32.04
CA LEU B 317 -26.78 -0.40 33.25
C LEU B 317 -26.26 0.48 34.38
N SER B 318 -25.35 1.41 34.07
CA SER B 318 -24.79 2.25 35.13
C SER B 318 -25.84 3.15 35.75
N LEU B 319 -26.87 3.52 34.98
CA LEU B 319 -27.97 4.33 35.52
C LEU B 319 -28.73 3.60 36.62
N ASP B 320 -28.81 2.27 36.54
CA ASP B 320 -29.48 1.53 37.60
C ASP B 320 -28.70 1.62 38.90
N LEU B 321 -27.36 1.64 38.81
CA LEU B 321 -26.55 1.86 40.01
C LEU B 321 -26.67 3.29 40.50
N LEU B 322 -26.63 4.25 39.57
CA LEU B 322 -26.80 5.65 39.94
C LEU B 322 -28.13 5.86 40.65
N GLU B 323 -29.18 5.20 40.18
CA GLU B 323 -30.49 5.34 40.79
C GLU B 323 -30.48 4.91 42.26
N VAL B 324 -29.90 3.74 42.54
CA VAL B 324 -29.90 3.21 43.91
C VAL B 324 -29.06 4.10 44.82
N LEU B 325 -27.87 4.48 44.36
CA LEU B 325 -27.00 5.33 45.18
C LEU B 325 -27.68 6.66 45.51
N CYS B 326 -28.39 7.26 44.56
CA CYS B 326 -28.98 8.55 44.84
C CYS B 326 -30.15 8.47 45.81
N LEU B 327 -30.82 7.31 45.89
CA LEU B 327 -31.92 7.10 46.81
C LEU B 327 -31.47 6.43 48.11
N ASP B 328 -30.17 6.16 48.25
CA ASP B 328 -29.65 5.52 49.45
C ASP B 328 -29.60 6.55 50.57
N GLY B 329 -30.43 6.34 51.60
CA GLY B 329 -30.46 7.25 52.74
C GLY B 329 -29.15 7.33 53.52
N ASP B 330 -28.29 6.32 53.42
CA ASP B 330 -26.98 6.42 54.08
C ASP B 330 -26.15 7.56 53.50
N LEU B 331 -26.37 7.90 52.23
CA LEU B 331 -25.65 8.97 51.57
C LEU B 331 -26.35 10.31 51.69
N SER B 332 -27.43 10.37 52.48
CA SER B 332 -28.29 11.55 52.54
C SER B 332 -27.50 12.78 52.97
N GLY B 333 -27.66 13.88 52.23
CA GLY B 333 -26.98 15.12 52.53
C GLY B 333 -25.70 15.34 51.74
N TRP B 334 -25.23 14.33 51.02
CA TRP B 334 -23.98 14.40 50.29
C TRP B 334 -24.25 14.69 48.82
N ASN B 335 -23.74 15.82 48.35
CA ASN B 335 -23.90 16.20 46.95
C ASN B 335 -22.67 15.86 46.12
N GLY B 336 -21.79 15.01 46.64
CA GLY B 336 -20.59 14.70 45.88
C GLY B 336 -20.72 13.60 44.84
N MET B 337 -21.85 12.92 44.76
CA MET B 337 -21.99 11.85 43.79
C MET B 337 -21.91 12.42 42.40
N GLY B 338 -20.99 11.88 41.59
CA GLY B 338 -20.78 12.39 40.24
C GLY B 338 -20.98 11.35 39.14
N PHE B 339 -21.29 11.80 37.94
CA PHE B 339 -21.63 10.86 36.87
C PHE B 339 -21.30 11.48 35.52
N VAL B 340 -20.59 10.72 34.69
CA VAL B 340 -20.15 11.22 33.39
C VAL B 340 -21.20 10.88 32.35
N VAL B 341 -21.47 11.80 31.43
CA VAL B 341 -22.26 11.49 30.24
C VAL B 341 -21.46 11.90 29.01
N GLN B 342 -21.58 11.11 27.94
CA GLN B 342 -20.73 11.23 26.74
C GLN B 342 -21.52 11.89 25.62
N ALA B 343 -21.11 13.09 25.23
CA ALA B 343 -21.88 13.86 24.26
C ALA B 343 -21.80 13.26 22.85
N TYR B 344 -20.81 12.40 22.57
CA TYR B 344 -20.84 11.74 21.28
C TYR B 344 -21.92 10.66 21.20
N GLY B 345 -22.65 10.43 22.30
CA GLY B 345 -23.65 9.37 22.33
C GLY B 345 -25.03 9.93 21.99
N LYS B 346 -25.77 9.14 21.22
CA LYS B 346 -27.07 9.61 20.75
C LYS B 346 -28.09 9.72 21.89
N ARG B 347 -27.86 9.01 22.99
CA ARG B 347 -28.79 9.07 24.10
C ARG B 347 -28.51 10.23 25.04
N CYS B 348 -27.42 10.97 24.82
CA CYS B 348 -26.93 11.90 25.83
C CYS B 348 -27.97 12.89 26.34
N PRO B 349 -28.79 13.55 25.50
CA PRO B 349 -29.76 14.49 26.07
C PRO B 349 -30.83 13.80 26.89
N PHE B 350 -31.23 12.58 26.52
CA PHE B 350 -32.23 11.89 27.31
C PHE B 350 -31.65 11.33 28.59
N VAL B 351 -30.37 10.95 28.59
CA VAL B 351 -29.71 10.57 29.84
C VAL B 351 -29.67 11.75 30.81
N LEU B 352 -29.33 12.93 30.30
CA LEU B 352 -29.35 14.12 31.14
C LEU B 352 -30.74 14.37 31.71
N ASP B 353 -31.78 14.23 30.88
CA ASP B 353 -33.16 14.35 31.37
C ASP B 353 -33.39 13.40 32.55
N PHE B 354 -32.98 12.14 32.38
CA PHE B 354 -33.16 11.16 33.46
C PHE B 354 -32.41 11.59 34.71
N ILE B 355 -31.13 11.98 34.56
CA ILE B 355 -30.30 12.35 35.69
C ILE B 355 -30.87 13.57 36.40
N ILE B 356 -31.29 14.59 35.63
CA ILE B 356 -31.84 15.80 36.23
C ILE B 356 -33.11 15.48 37.00
N ASP B 357 -33.95 14.61 36.44
CA ASP B 357 -35.14 14.19 37.17
C ASP B 357 -34.77 13.41 38.43
N LEU B 358 -33.80 12.48 38.31
CA LEU B 358 -33.36 11.72 39.48
C LEU B 358 -32.83 12.63 40.57
N ALA B 359 -32.08 13.68 40.19
CA ALA B 359 -31.61 14.64 41.17
C ALA B 359 -32.78 15.32 41.87
N ARG B 360 -33.82 15.71 41.10
CA ARG B 360 -34.95 16.40 41.71
C ARG B 360 -35.67 15.53 42.72
N ARG B 361 -35.93 14.27 42.36
CA ARG B 361 -36.70 13.45 43.28
C ARG B 361 -35.85 12.79 44.37
N SER B 362 -34.52 12.79 44.26
CA SER B 362 -33.68 12.25 45.32
C SER B 362 -33.17 13.31 46.28
N GLY B 363 -33.31 14.59 45.96
CA GLY B 363 -32.71 15.63 46.79
C GLY B 363 -31.19 15.61 46.76
N ARG B 364 -30.58 15.06 45.72
CA ARG B 364 -29.14 15.06 45.52
C ARG B 364 -28.82 16.03 44.40
N ARG B 365 -27.89 16.96 44.64
CA ARG B 365 -27.36 17.75 43.54
C ARG B 365 -26.27 16.92 42.87
N ILE B 366 -26.62 16.27 41.76
CA ILE B 366 -25.71 15.36 41.10
C ILE B 366 -24.68 16.16 40.33
N MET B 367 -23.40 15.81 40.51
CA MET B 367 -22.32 16.35 39.70
C MET B 367 -22.27 15.62 38.36
N VAL B 368 -22.34 16.37 37.26
CA VAL B 368 -22.46 15.77 35.93
C VAL B 368 -21.28 16.22 35.10
N ARG B 369 -20.38 15.29 34.79
CA ARG B 369 -19.26 15.60 33.91
C ARG B 369 -19.72 15.34 32.48
N LEU B 370 -19.85 16.40 31.69
CA LEU B 370 -20.12 16.28 30.26
C LEU B 370 -18.80 16.14 29.52
N VAL B 371 -18.61 15.01 28.86
CA VAL B 371 -17.44 14.75 28.05
C VAL B 371 -17.94 14.50 26.64
N LYS B 372 -16.98 14.45 25.69
CA LYS B 372 -17.38 14.03 24.35
C LYS B 372 -17.40 12.51 24.24
N GLY B 373 -16.30 11.85 24.57
CA GLY B 373 -16.34 10.39 24.64
C GLY B 373 -15.05 9.74 24.20
N ALA B 374 -14.59 8.72 24.92
CA ALA B 374 -13.25 8.20 24.73
C ALA B 374 -13.16 6.93 23.89
N TYR B 375 -14.29 6.35 23.45
CA TYR B 375 -14.28 5.02 22.85
C TYR B 375 -14.77 5.03 21.39
N TRP B 376 -14.61 6.15 20.68
CA TRP B 376 -15.28 6.33 19.40
C TRP B 376 -14.90 5.25 18.40
N ASP B 377 -13.59 5.03 18.18
CA ASP B 377 -13.16 4.00 17.23
C ASP B 377 -13.78 2.66 17.57
N ALA B 378 -13.77 2.30 18.86
CA ALA B 378 -14.23 0.99 19.27
C ALA B 378 -15.74 0.86 19.11
N GLU B 379 -16.50 1.94 19.29
CA GLU B 379 -17.95 1.86 19.10
C GLU B 379 -18.30 1.68 17.62
N ILE B 380 -17.54 2.32 16.72
CA ILE B 380 -17.81 2.11 15.30
C ILE B 380 -17.56 0.65 14.93
N LYS B 381 -16.40 0.12 15.38
CA LYS B 381 -16.07 -1.27 15.07
C LYS B 381 -17.09 -2.23 15.66
N ARG B 382 -17.53 -1.99 16.89
CA ARG B 382 -18.44 -2.90 17.58
C ARG B 382 -19.80 -2.96 16.89
N ALA B 383 -20.36 -1.81 16.55
CA ALA B 383 -21.65 -1.79 15.86
C ALA B 383 -21.57 -2.50 14.50
N GLN B 384 -20.46 -2.33 13.79
CA GLN B 384 -20.30 -3.01 12.51
C GLN B 384 -20.15 -4.53 12.70
N LEU B 385 -19.32 -4.95 13.66
CA LEU B 385 -19.17 -6.37 13.94
C LEU B 385 -20.49 -7.02 14.28
N ASP B 386 -21.33 -6.34 15.07
CA ASP B 386 -22.56 -6.91 15.58
C ASP B 386 -23.75 -6.72 14.65
N GLY B 387 -23.52 -6.12 13.47
CA GLY B 387 -24.59 -5.91 12.51
C GLY B 387 -25.78 -5.15 13.06
N LEU B 388 -25.54 -4.18 13.94
CA LEU B 388 -26.67 -3.52 14.57
C LEU B 388 -27.21 -2.39 13.69
N ALA B 389 -28.36 -1.86 14.08
CA ALA B 389 -29.15 -1.02 13.18
C ALA B 389 -28.40 0.26 12.81
N ASP B 390 -27.65 0.81 13.75
CA ASP B 390 -26.92 2.05 13.54
C ASP B 390 -25.85 2.13 14.61
N PHE B 391 -25.09 3.22 14.61
CA PHE B 391 -24.11 3.43 15.67
C PHE B 391 -24.77 4.06 16.89
N PRO B 392 -24.26 3.78 18.10
CA PRO B 392 -24.73 4.49 19.30
C PRO B 392 -24.02 5.81 19.53
N VAL B 393 -23.13 6.18 18.61
CA VAL B 393 -22.37 7.43 18.64
C VAL B 393 -22.55 8.08 17.29
N PHE B 394 -22.26 9.38 17.24
CA PHE B 394 -22.24 10.09 15.97
C PHE B 394 -21.03 9.66 15.15
N THR B 395 -21.09 9.91 13.85
CA THR B 395 -20.02 9.54 12.94
C THR B 395 -19.27 10.72 12.35
N ARG B 396 -19.78 11.95 12.52
CA ARG B 396 -19.06 13.16 12.15
C ARG B 396 -18.68 13.90 13.42
N LYS B 397 -17.40 14.32 13.50
CA LYS B 397 -16.94 14.92 14.75
C LYS B 397 -17.72 16.20 15.06
N ILE B 398 -18.14 16.93 14.03
CA ILE B 398 -18.88 18.17 14.28
C ILE B 398 -20.23 17.88 14.95
N HIS B 399 -20.80 16.70 14.70
CA HIS B 399 -22.07 16.35 15.36
C HIS B 399 -21.88 16.19 16.85
N THR B 400 -20.78 15.56 17.26
CA THR B 400 -20.49 15.45 18.68
C THR B 400 -20.35 16.82 19.30
N ASP B 401 -19.65 17.73 18.62
CA ASP B 401 -19.50 19.09 19.11
C ASP B 401 -20.84 19.79 19.30
N VAL B 402 -21.76 19.65 18.34
CA VAL B 402 -23.07 20.26 18.48
C VAL B 402 -23.83 19.60 19.61
N SER B 403 -23.79 18.27 19.67
CA SER B 403 -24.40 17.54 20.78
C SER B 403 -23.90 18.07 22.12
N TYR B 404 -22.58 18.29 22.23
CA TYR B 404 -22.00 18.76 23.49
C TYR B 404 -22.54 20.13 23.87
N ILE B 405 -22.61 21.05 22.90
CA ILE B 405 -23.08 22.41 23.19
C ILE B 405 -24.57 22.39 23.52
N ALA B 406 -25.35 21.59 22.78
CA ALA B 406 -26.77 21.40 23.13
C ALA B 406 -26.93 20.88 24.54
N CYS B 407 -26.12 19.89 24.93
CA CYS B 407 -26.27 19.31 26.26
C CYS B 407 -25.78 20.26 27.35
N ALA B 408 -24.72 21.03 27.07
CA ALA B 408 -24.36 22.13 27.95
C ALA B 408 -25.55 23.03 28.25
N ALA B 409 -26.34 23.36 27.21
CA ALA B 409 -27.52 24.21 27.42
C ALA B 409 -28.51 23.55 28.40
N LYS B 410 -28.74 22.25 28.24
CA LYS B 410 -29.64 21.56 29.16
C LYS B 410 -29.11 21.63 30.59
N LEU B 411 -27.83 21.33 30.79
CA LEU B 411 -27.26 21.31 32.14
C LEU B 411 -27.30 22.70 32.77
N LEU B 412 -26.94 23.73 32.01
CA LEU B 412 -26.95 25.10 32.53
C LEU B 412 -28.34 25.54 32.98
N ALA B 413 -29.40 24.96 32.43
CA ALA B 413 -30.74 25.34 32.86
C ALA B 413 -31.21 24.61 34.12
N ALA B 414 -30.39 23.68 34.65
CA ALA B 414 -30.81 22.90 35.82
C ALA B 414 -29.75 22.93 36.92
N THR B 415 -29.00 24.03 37.04
CA THR B 415 -27.93 24.09 38.03
C THR B 415 -28.43 24.13 39.47
N ASP B 416 -29.73 24.30 39.70
CA ASP B 416 -30.22 24.16 41.07
C ASP B 416 -30.19 22.70 41.53
N VAL B 417 -30.20 21.74 40.61
CA VAL B 417 -30.25 20.32 40.97
C VAL B 417 -29.10 19.52 40.39
N VAL B 418 -28.32 20.05 39.47
CA VAL B 418 -27.13 19.37 39.00
C VAL B 418 -25.97 20.36 38.97
N PHE B 419 -24.77 19.87 39.24
CA PHE B 419 -23.54 20.63 39.12
C PHE B 419 -22.86 20.29 37.80
N PRO B 420 -23.01 21.10 36.76
CA PRO B 420 -22.39 20.75 35.47
C PRO B 420 -20.87 20.89 35.52
N GLN B 421 -20.18 19.96 34.87
CA GLN B 421 -18.71 19.92 34.81
C GLN B 421 -18.31 19.73 33.35
N PHE B 422 -17.84 20.79 32.71
CA PHE B 422 -17.66 20.77 31.27
C PHE B 422 -16.22 20.36 30.96
N ALA B 423 -16.03 19.07 30.67
CA ALA B 423 -14.71 18.51 30.42
C ALA B 423 -14.41 18.56 28.93
N THR B 424 -13.44 19.40 28.54
CA THR B 424 -13.04 19.53 27.15
C THR B 424 -11.72 20.29 27.07
N HIS B 425 -10.91 19.93 26.09
CA HIS B 425 -9.71 20.69 25.75
C HIS B 425 -9.93 21.62 24.57
N ASN B 426 -11.17 21.74 24.11
CA ASN B 426 -11.51 22.44 22.88
C ASN B 426 -11.90 23.88 23.22
N ALA B 427 -11.07 24.83 22.79
CA ALA B 427 -11.29 26.23 23.15
C ALA B 427 -12.58 26.79 22.57
N GLN B 428 -12.97 26.32 21.38
CA GLN B 428 -14.24 26.75 20.80
C GLN B 428 -15.40 26.24 21.65
N THR B 429 -15.37 24.95 22.01
CA THR B 429 -16.38 24.41 22.92
C THR B 429 -16.43 25.20 24.22
N LEU B 430 -15.27 25.38 24.87
CA LEU B 430 -15.19 26.16 26.10
C LEU B 430 -15.79 27.55 25.92
N ALA B 431 -15.37 28.26 24.88
CA ALA B 431 -15.81 29.63 24.71
C ALA B 431 -17.33 29.70 24.56
N ALA B 432 -17.92 28.77 23.79
CA ALA B 432 -19.36 28.82 23.55
C ALA B 432 -20.14 28.63 24.84
N ILE B 433 -19.65 27.74 25.71
CA ILE B 433 -20.30 27.48 26.99
C ILE B 433 -20.03 28.61 27.98
N TYR B 434 -18.81 29.14 27.99
CA TYR B 434 -18.51 30.28 28.86
C TYR B 434 -19.47 31.43 28.62
N HIS B 435 -19.73 31.75 27.36
CA HIS B 435 -20.68 32.81 27.06
C HIS B 435 -22.13 32.36 27.24
N MET B 436 -22.43 31.09 26.96
CA MET B 436 -23.80 30.62 27.16
C MET B 436 -24.23 30.70 28.62
N ALA B 437 -23.29 30.52 29.56
CA ALA B 437 -23.64 30.44 30.98
C ALA B 437 -24.06 31.79 31.57
N GLY B 438 -23.67 32.91 30.96
CA GLY B 438 -24.04 34.20 31.51
C GLY B 438 -23.00 34.77 32.46
N LYS B 439 -23.27 36.00 32.91
CA LYS B 439 -22.32 36.75 33.69
C LYS B 439 -22.39 36.46 35.18
N ASP B 440 -23.55 36.05 35.70
CA ASP B 440 -23.72 35.79 37.12
C ASP B 440 -23.13 34.42 37.44
N PHE B 441 -22.06 34.41 38.22
CA PHE B 441 -21.39 33.17 38.58
C PHE B 441 -21.09 33.15 40.08
N HIS B 442 -21.11 31.94 40.64
CA HIS B 442 -20.60 31.63 41.96
C HIS B 442 -19.97 30.25 41.90
N VAL B 443 -18.83 30.08 42.57
CA VAL B 443 -18.20 28.77 42.61
C VAL B 443 -19.21 27.77 43.15
N GLY B 444 -19.36 26.65 42.45
CA GLY B 444 -20.42 25.72 42.73
C GLY B 444 -21.57 25.76 41.74
N LYS B 445 -21.66 26.82 40.93
CA LYS B 445 -22.66 26.84 39.87
C LYS B 445 -22.34 25.78 38.81
N TYR B 446 -21.21 25.95 38.12
CA TYR B 446 -20.69 24.95 37.21
C TYR B 446 -19.17 25.07 37.22
N GLU B 447 -18.50 24.15 36.52
CA GLU B 447 -17.04 24.21 36.41
C GLU B 447 -16.60 23.59 35.09
N PHE B 448 -15.35 23.88 34.72
CA PHE B 448 -14.69 23.18 33.64
C PHE B 448 -13.77 22.08 34.19
N GLN B 449 -13.33 21.19 33.30
CA GLN B 449 -12.40 20.12 33.65
C GLN B 449 -11.47 19.85 32.48
N CYS B 450 -10.32 19.27 32.80
CA CYS B 450 -9.31 18.93 31.80
C CYS B 450 -8.47 17.77 32.31
N LEU B 451 -7.66 17.21 31.40
CA LEU B 451 -6.73 16.15 31.73
C LEU B 451 -5.41 16.71 32.21
N HIS B 452 -4.83 16.06 33.23
CA HIS B 452 -3.51 16.43 33.71
C HIS B 452 -2.50 16.38 32.56
N GLY B 453 -1.65 17.40 32.47
CA GLY B 453 -0.57 17.45 31.51
C GLY B 453 -0.97 18.05 30.18
N MET B 454 -2.18 17.75 29.74
CA MET B 454 -2.67 18.22 28.45
C MET B 454 -3.52 19.47 28.56
N GLY B 455 -4.29 19.64 29.63
CA GLY B 455 -5.26 20.70 29.70
C GLY B 455 -4.82 22.02 30.30
N GLU B 456 -3.71 22.02 31.04
CA GLU B 456 -3.34 23.21 31.80
C GLU B 456 -2.94 24.41 30.94
N PRO B 457 -2.27 24.23 29.79
CA PRO B 457 -2.04 25.39 28.91
C PRO B 457 -3.29 26.21 28.65
N LEU B 458 -4.41 25.55 28.40
CA LEU B 458 -5.64 26.25 28.06
C LEU B 458 -6.30 26.82 29.30
N TYR B 459 -6.41 26.02 30.36
CA TYR B 459 -7.13 26.49 31.53
C TYR B 459 -6.30 27.42 32.39
N GLU B 460 -5.01 27.57 32.09
CA GLU B 460 -4.27 28.71 32.62
C GLU B 460 -4.95 30.01 32.25
N GLU B 461 -5.64 30.04 31.10
CA GLU B 461 -6.32 31.22 30.57
C GLU B 461 -7.77 31.33 31.03
N VAL B 462 -8.19 30.52 32.01
CA VAL B 462 -9.59 30.44 32.40
C VAL B 462 -9.71 30.66 33.90
N VAL B 463 -8.93 29.92 34.68
CA VAL B 463 -9.01 30.00 36.13
C VAL B 463 -8.49 31.33 36.61
N GLY B 464 -9.18 31.91 37.58
CA GLY B 464 -8.70 33.04 38.36
C GLY B 464 -9.38 34.34 37.99
N ARG B 465 -9.47 35.25 38.97
CA ARG B 465 -10.07 36.56 38.72
C ARG B 465 -9.35 37.31 37.60
N GLY B 466 -8.08 36.99 37.34
CA GLY B 466 -7.38 37.63 36.25
C GLY B 466 -7.93 37.25 34.88
N LYS B 467 -8.09 35.95 34.63
CA LYS B 467 -8.50 35.44 33.33
C LYS B 467 -10.01 35.47 33.13
N LEU B 468 -10.64 34.30 33.07
CA LEU B 468 -12.10 34.21 32.91
C LEU B 468 -12.82 33.95 34.23
N ASP B 469 -12.08 33.74 35.32
CA ASP B 469 -12.67 33.56 36.66
C ASP B 469 -13.61 32.36 36.67
N ARG B 470 -13.15 31.26 36.08
CA ARG B 470 -13.93 30.05 36.01
C ARG B 470 -13.06 28.89 36.47
N PRO B 471 -13.52 28.08 37.41
CA PRO B 471 -12.68 27.00 37.95
C PRO B 471 -12.55 25.86 36.97
N CYS B 472 -11.46 25.12 37.13
CA CYS B 472 -11.17 23.93 36.35
C CYS B 472 -10.70 22.82 37.28
N ARG B 473 -11.32 21.65 37.15
CA ARG B 473 -10.93 20.46 37.89
C ARG B 473 -10.07 19.57 36.99
N ILE B 474 -8.86 19.29 37.44
CA ILE B 474 -7.90 18.50 36.69
C ILE B 474 -8.09 17.02 36.98
N TYR B 475 -8.33 16.22 35.95
CA TYR B 475 -8.42 14.78 36.07
C TYR B 475 -7.01 14.22 36.11
N ALA B 476 -6.65 13.60 37.23
CA ALA B 476 -5.25 13.35 37.59
C ALA B 476 -5.00 11.86 37.71
N PRO B 477 -4.39 11.22 36.72
CA PRO B 477 -4.11 9.79 36.82
C PRO B 477 -2.99 9.56 37.80
N VAL B 478 -3.09 8.45 38.53
CA VAL B 478 -2.16 8.10 39.60
C VAL B 478 -1.83 6.63 39.39
N GLY B 479 -0.54 6.34 39.25
CA GLY B 479 -0.13 4.96 39.13
C GLY B 479 1.30 4.85 38.68
N THR B 480 1.78 3.60 38.67
CA THR B 480 3.11 3.24 38.23
C THR B 480 3.28 3.49 36.73
N HIS B 481 4.54 3.39 36.29
CA HIS B 481 4.81 3.39 34.85
C HIS B 481 4.12 2.22 34.16
N GLU B 482 4.24 1.02 34.74
CA GLU B 482 3.66 -0.18 34.13
C GLU B 482 2.17 -0.03 33.89
N THR B 483 1.44 0.50 34.89
CA THR B 483 -0.01 0.67 34.77
C THR B 483 -0.40 1.77 33.78
N LEU B 484 0.54 2.59 33.34
CA LEU B 484 0.22 3.79 32.57
C LEU B 484 0.10 3.54 31.07
N LEU B 485 0.50 2.37 30.57
CA LEU B 485 0.50 2.15 29.12
C LEU B 485 -0.92 2.14 28.55
N ALA B 486 -1.88 1.63 29.30
CA ALA B 486 -3.26 1.57 28.81
C ALA B 486 -3.83 2.97 28.63
N TYR B 487 -3.69 3.83 29.64
CA TYR B 487 -4.22 5.20 29.54
C TYR B 487 -3.45 6.01 28.50
N LEU B 488 -2.21 5.63 28.21
CA LEU B 488 -1.38 6.46 27.33
C LEU B 488 -1.88 6.43 25.89
N VAL B 489 -2.27 5.25 25.39
CA VAL B 489 -2.72 5.14 24.00
C VAL B 489 -4.02 5.91 23.81
N ARG B 490 -5.04 5.60 24.63
CA ARG B 490 -6.36 6.20 24.44
C ARG B 490 -6.36 7.71 24.70
N ARG B 491 -5.46 8.20 25.56
CA ARG B 491 -5.41 9.64 25.83
C ARG B 491 -4.69 10.40 24.73
N LEU B 492 -3.60 9.84 24.19
CA LEU B 492 -2.94 10.45 23.05
C LEU B 492 -3.70 10.21 21.74
N LEU B 493 -4.61 9.23 21.73
CA LEU B 493 -5.38 8.94 20.51
C LEU B 493 -6.29 10.11 20.17
N GLU B 494 -7.03 10.62 21.16
CA GLU B 494 -7.80 11.85 20.95
C GLU B 494 -6.89 12.99 20.52
N ASN B 495 -5.79 13.19 21.24
CA ASN B 495 -4.85 14.26 20.92
C ASN B 495 -4.22 14.12 19.54
N GLY B 496 -4.21 12.91 18.97
CA GLY B 496 -3.52 12.68 17.72
C GLY B 496 -4.38 12.56 16.49
N ALA B 497 -5.69 12.36 16.68
CA ALA B 497 -6.60 12.23 15.55
C ALA B 497 -6.70 13.52 14.76
N ASN B 498 -6.91 13.39 13.44
CA ASN B 498 -6.82 14.52 12.52
C ASN B 498 -7.99 15.48 12.64
N SER B 499 -9.03 15.14 13.39
CA SER B 499 -10.18 16.03 13.58
C SER B 499 -10.23 16.64 14.98
N SER B 500 -9.30 16.29 15.86
CA SER B 500 -9.36 16.72 17.24
C SER B 500 -8.65 18.04 17.45
N PHE B 501 -9.15 18.81 18.41
CA PHE B 501 -8.66 20.17 18.65
C PHE B 501 -7.18 20.19 19.02
N VAL B 502 -6.69 19.15 19.70
CA VAL B 502 -5.32 19.17 20.20
C VAL B 502 -4.33 19.03 19.06
N HIS B 503 -4.51 18.01 18.21
CA HIS B 503 -3.65 17.86 17.04
C HIS B 503 -3.78 19.06 16.10
N ARG B 504 -5.00 19.57 15.94
CA ARG B 504 -5.25 20.62 14.95
C ARG B 504 -4.63 21.95 15.38
N ILE B 505 -4.67 22.26 16.68
CA ILE B 505 -4.13 23.54 17.11
C ILE B 505 -2.61 23.53 17.05
N ASN B 506 -2.00 22.35 17.03
CA ASN B 506 -0.57 22.18 16.85
C ASN B 506 -0.18 22.00 15.39
N ASP B 507 -1.14 22.08 14.46
CA ASP B 507 -0.84 21.94 13.04
C ASP B 507 -0.83 23.31 12.40
N PRO B 508 0.29 23.74 11.80
CA PRO B 508 0.35 25.09 11.22
C PRO B 508 -0.46 25.27 9.95
N LYS B 509 -0.95 24.20 9.33
CA LYS B 509 -1.78 24.34 8.14
C LYS B 509 -3.23 24.69 8.47
N VAL B 510 -3.60 24.73 9.74
CA VAL B 510 -4.97 25.00 10.17
C VAL B 510 -5.01 26.40 10.79
N SER B 511 -5.87 27.25 10.24
CA SER B 511 -5.99 28.63 10.70
C SER B 511 -6.82 28.73 11.97
N ILE B 512 -6.65 29.85 12.68
CA ILE B 512 -7.48 30.09 13.86
C ILE B 512 -8.93 30.30 13.44
N ASP B 513 -9.17 30.90 12.27
CA ASP B 513 -10.53 30.98 11.74
C ASP B 513 -11.13 29.59 11.58
N GLU B 514 -10.34 28.64 11.10
CA GLU B 514 -10.79 27.24 11.02
C GLU B 514 -11.13 26.70 12.41
N LEU B 515 -10.30 27.00 13.41
CA LEU B 515 -10.51 26.39 14.72
C LEU B 515 -11.65 27.04 15.49
N ILE B 516 -12.02 28.28 15.16
CA ILE B 516 -13.12 28.95 15.85
C ILE B 516 -14.43 28.85 15.08
N ALA B 517 -14.45 28.13 13.96
CA ALA B 517 -15.70 27.93 13.24
C ALA B 517 -16.75 27.35 14.18
N ASP B 518 -17.95 27.89 14.11
CA ASP B 518 -19.01 27.47 15.01
C ASP B 518 -19.61 26.16 14.51
N PRO B 519 -19.48 25.05 15.24
CA PRO B 519 -20.03 23.80 14.73
C PRO B 519 -21.53 23.85 14.49
N VAL B 520 -22.28 24.58 15.31
CA VAL B 520 -23.73 24.63 15.17
C VAL B 520 -24.11 25.20 13.81
N GLU B 521 -23.44 26.29 13.40
CA GLU B 521 -23.79 26.93 12.13
C GLU B 521 -23.32 26.12 10.94
N VAL B 522 -22.16 25.46 11.05
CA VAL B 522 -21.70 24.60 9.96
C VAL B 522 -22.69 23.47 9.72
N VAL B 523 -23.15 22.84 10.81
CA VAL B 523 -24.12 21.76 10.68
C VAL B 523 -25.45 22.29 10.12
N ARG B 524 -25.86 23.48 10.56
CA ARG B 524 -27.14 24.01 10.10
C ARG B 524 -27.13 24.28 8.59
N ALA B 525 -25.97 24.64 8.04
CA ALA B 525 -25.86 24.99 6.63
C ALA B 525 -25.62 23.79 5.73
N MET B 526 -25.54 22.59 6.30
CA MET B 526 -25.35 21.40 5.50
C MET B 526 -26.58 21.13 4.63
N PRO B 527 -26.40 20.46 3.49
CA PRO B 527 -27.57 20.14 2.66
C PRO B 527 -28.51 19.17 3.35
N VAL B 528 -27.98 18.19 4.05
CA VAL B 528 -28.75 17.27 4.88
C VAL B 528 -28.21 17.37 6.29
N VAL B 529 -29.00 17.96 7.19
CA VAL B 529 -28.56 18.12 8.56
C VAL B 529 -28.41 16.74 9.19
N GLY B 530 -27.24 16.50 9.78
CA GLY B 530 -27.01 15.26 10.49
C GLY B 530 -26.72 14.05 9.63
N ALA B 531 -26.34 14.25 8.37
CA ALA B 531 -26.01 13.10 7.53
C ALA B 531 -24.81 12.35 8.08
N LYS B 532 -24.90 11.02 8.05
CA LYS B 532 -23.80 10.14 8.43
C LYS B 532 -22.54 10.51 7.66
N HIS B 533 -21.39 10.25 8.27
CA HIS B 533 -20.11 10.41 7.60
C HIS B 533 -20.09 9.61 6.30
N ASP B 534 -19.60 10.24 5.23
CA ASP B 534 -19.64 9.60 3.91
C ASP B 534 -18.73 8.40 3.81
N ARG B 535 -17.73 8.29 4.67
CA ARG B 535 -16.74 7.24 4.57
C ARG B 535 -16.82 6.22 5.69
N ILE B 536 -17.94 6.16 6.41
CA ILE B 536 -18.15 5.17 7.45
C ILE B 536 -19.42 4.39 7.11
N ALA B 537 -19.26 3.10 6.86
CA ALA B 537 -20.40 2.26 6.47
C ALA B 537 -21.30 2.00 7.65
N LEU B 538 -22.61 2.19 7.45
CA LEU B 538 -23.58 1.59 8.36
C LEU B 538 -23.32 0.09 8.41
N PRO B 539 -23.54 -0.55 9.55
CA PRO B 539 -23.33 -2.01 9.61
C PRO B 539 -24.01 -2.77 8.47
N ALA B 540 -25.25 -2.41 8.12
CA ALA B 540 -25.94 -3.09 7.04
C ALA B 540 -25.23 -2.91 5.70
N GLU B 541 -24.41 -1.87 5.56
CA GLU B 541 -23.82 -1.50 4.28
C GLU B 541 -22.34 -1.87 4.18
N LEU B 542 -21.87 -2.76 5.06
CA LEU B 542 -20.46 -3.12 5.09
C LEU B 542 -19.95 -3.60 3.73
N PHE B 543 -20.82 -4.21 2.93
CA PHE B 543 -20.40 -4.79 1.65
C PHE B 543 -20.86 -3.96 0.46
N GLY B 544 -21.41 -2.77 0.72
CA GLY B 544 -21.81 -1.90 -0.37
C GLY B 544 -22.84 -2.55 -1.27
N ASP B 545 -22.69 -2.32 -2.59
CA ASP B 545 -23.66 -2.80 -3.58
C ASP B 545 -23.63 -4.32 -3.75
N ALA B 546 -22.65 -5.00 -3.17
CA ALA B 546 -22.54 -6.44 -3.36
C ALA B 546 -23.74 -7.17 -2.76
N ARG B 547 -24.10 -6.83 -1.53
CA ARG B 547 -25.13 -7.54 -0.77
C ARG B 547 -25.32 -6.78 0.53
N THR B 548 -26.43 -7.09 1.19
CA THR B 548 -26.77 -6.47 2.46
C THR B 548 -26.27 -7.36 3.59
N ASN B 549 -25.51 -6.76 4.51
CA ASN B 549 -25.01 -7.48 5.66
C ASN B 549 -26.17 -7.97 6.51
N SER B 550 -26.01 -9.16 7.11
CA SER B 550 -27.03 -9.62 8.05
C SER B 550 -27.09 -8.67 9.24
N ALA B 551 -28.25 -8.62 9.88
CA ALA B 551 -28.43 -7.77 11.05
C ALA B 551 -28.51 -8.64 12.29
N GLY B 552 -27.90 -8.18 13.37
CA GLY B 552 -27.95 -8.85 14.66
C GLY B 552 -29.02 -8.27 15.55
N LEU B 553 -28.89 -8.52 16.84
CA LEU B 553 -29.83 -8.05 17.84
C LEU B 553 -29.02 -7.55 19.03
N ASP B 554 -29.40 -6.39 19.56
CA ASP B 554 -28.61 -5.75 20.61
C ASP B 554 -29.11 -6.27 21.95
N LEU B 555 -28.33 -7.16 22.58
CA LEU B 555 -28.72 -7.71 23.87
C LEU B 555 -28.45 -6.77 25.03
N SER B 556 -28.07 -5.51 24.77
CA SER B 556 -28.04 -4.48 25.80
C SER B 556 -29.22 -3.53 25.72
N ASN B 557 -30.07 -3.67 24.72
CA ASN B 557 -31.23 -2.81 24.50
C ASN B 557 -32.43 -3.45 25.20
N GLU B 558 -33.05 -2.68 26.12
CA GLU B 558 -34.13 -3.24 26.92
C GLU B 558 -35.38 -3.49 26.09
N GLU B 559 -35.67 -2.64 25.10
CA GLU B 559 -36.77 -2.92 24.19
C GLU B 559 -36.54 -4.26 23.49
N THR B 560 -35.32 -4.48 23.01
CA THR B 560 -34.98 -5.74 22.36
C THR B 560 -35.10 -6.92 23.32
N LEU B 561 -34.56 -6.79 24.54
CA LEU B 561 -34.67 -7.87 25.51
C LEU B 561 -36.13 -8.20 25.81
N ALA B 562 -36.97 -7.18 26.00
CA ALA B 562 -38.37 -7.42 26.32
C ALA B 562 -39.12 -8.08 25.17
N SER B 563 -38.94 -7.59 23.94
CA SER B 563 -39.60 -8.22 22.80
CA SER B 563 -39.60 -8.22 22.80
C SER B 563 -39.04 -9.61 22.52
N LEU B 564 -37.73 -9.77 22.63
CA LEU B 564 -37.14 -11.09 22.47
C LEU B 564 -37.66 -12.05 23.55
N THR B 565 -37.81 -11.59 24.80
CA THR B 565 -38.38 -12.43 25.84
C THR B 565 -39.73 -13.01 25.41
N GLU B 566 -40.61 -12.16 24.86
CA GLU B 566 -41.92 -12.64 24.44
C GLU B 566 -41.81 -13.58 23.24
N ALA B 567 -40.94 -13.26 22.28
CA ALA B 567 -40.82 -14.11 21.11
C ALA B 567 -40.26 -15.47 21.48
N LEU B 568 -39.33 -15.50 22.43
CA LEU B 568 -38.70 -16.74 22.85
C LEU B 568 -39.70 -17.62 23.60
N ARG B 569 -40.43 -17.04 24.56
CA ARG B 569 -41.53 -17.75 25.21
C ARG B 569 -42.49 -18.32 24.17
N GLU B 570 -42.94 -17.48 23.22
CA GLU B 570 -43.87 -17.98 22.21
C GLU B 570 -43.26 -19.08 21.37
N SER B 571 -41.94 -19.03 21.13
CA SER B 571 -41.29 -20.07 20.33
C SER B 571 -41.37 -21.41 21.03
N ALA B 572 -41.28 -21.40 22.36
CA ALA B 572 -41.31 -22.63 23.14
C ALA B 572 -42.70 -23.26 23.16
N ALA B 573 -43.75 -22.48 22.89
CA ALA B 573 -45.11 -23.01 22.87
C ALA B 573 -45.53 -23.57 21.50
N MET B 574 -44.67 -23.49 20.49
CA MET B 574 -45.00 -23.95 19.15
C MET B 574 -44.69 -25.43 18.99
N LYS B 575 -45.50 -26.10 18.17
CA LYS B 575 -45.23 -27.52 17.87
C LYS B 575 -44.15 -27.59 16.81
N TRP B 576 -42.94 -27.97 17.22
CA TRP B 576 -41.82 -28.12 16.31
C TRP B 576 -41.70 -29.57 15.84
N THR B 577 -41.67 -29.78 14.53
CA THR B 577 -41.56 -31.12 13.96
C THR B 577 -40.50 -31.13 12.86
N ALA B 578 -40.04 -32.34 12.56
CA ALA B 578 -39.15 -32.58 11.43
C ALA B 578 -39.51 -33.94 10.86
N LEU B 579 -39.78 -33.96 9.56
CA LEU B 579 -40.28 -35.11 8.83
C LEU B 579 -39.39 -35.38 7.64
N PRO B 580 -39.39 -36.59 7.11
CA PRO B 580 -38.81 -36.82 5.78
C PRO B 580 -39.65 -36.09 4.74
N GLN B 581 -39.20 -34.92 4.32
CA GLN B 581 -39.94 -34.11 3.36
C GLN B 581 -39.47 -34.46 1.96
N LEU B 582 -40.11 -35.45 1.35
CA LEU B 582 -39.78 -35.81 -0.01
C LEU B 582 -40.52 -34.90 -0.99
N ALA B 583 -40.18 -35.02 -2.28
CA ALA B 583 -40.80 -34.16 -3.30
C ALA B 583 -42.31 -34.30 -3.33
N THR B 584 -42.84 -35.49 -3.05
CA THR B 584 -44.28 -35.75 -3.08
C THR B 584 -44.96 -35.49 -1.75
N GLY B 585 -44.23 -35.08 -0.73
CA GLY B 585 -44.81 -34.81 0.56
C GLY B 585 -44.05 -35.52 1.65
N PRO B 586 -44.51 -35.35 2.90
CA PRO B 586 -43.82 -36.00 4.02
C PRO B 586 -44.09 -37.48 4.04
N ALA B 587 -43.06 -38.26 4.38
CA ALA B 587 -43.18 -39.72 4.43
C ALA B 587 -43.31 -40.16 5.87
N ALA B 588 -43.94 -41.33 6.05
CA ALA B 588 -44.01 -41.96 7.35
C ALA B 588 -42.65 -42.47 7.78
N GLY B 589 -42.47 -42.63 9.09
CA GLY B 589 -41.22 -43.15 9.60
C GLY B 589 -41.29 -43.31 11.10
N GLU B 590 -40.15 -43.67 11.70
CA GLU B 590 -40.07 -43.81 13.15
C GLU B 590 -39.96 -42.43 13.79
N THR B 591 -40.75 -42.19 14.82
CA THR B 591 -40.86 -40.87 15.45
C THR B 591 -40.33 -40.91 16.87
N ARG B 592 -39.46 -39.97 17.20
CA ARG B 592 -38.97 -39.83 18.57
C ARG B 592 -38.92 -38.36 18.94
N THR B 593 -38.71 -38.09 20.23
CA THR B 593 -38.72 -36.72 20.71
C THR B 593 -37.33 -36.11 20.69
N VAL B 594 -37.30 -34.81 20.51
CA VAL B 594 -36.07 -34.02 20.49
C VAL B 594 -35.99 -33.28 21.82
N LEU B 595 -34.87 -33.45 22.51
CA LEU B 595 -34.73 -32.96 23.88
C LEU B 595 -33.74 -31.81 23.96
N ASN B 596 -33.98 -30.92 24.90
CA ASN B 596 -33.04 -29.87 25.25
C ASN B 596 -31.79 -30.50 25.87
N PRO B 597 -30.60 -30.34 25.28
CA PRO B 597 -29.40 -30.90 25.93
C PRO B 597 -29.10 -30.27 27.26
N GLY B 598 -29.59 -29.05 27.53
CA GLY B 598 -29.39 -28.46 28.85
C GLY B 598 -30.36 -28.92 29.91
N ASP B 599 -31.38 -29.70 29.52
CA ASP B 599 -32.40 -30.18 30.44
C ASP B 599 -33.25 -31.18 29.68
N HIS B 600 -33.00 -32.48 29.87
CA HIS B 600 -33.74 -33.48 29.11
C HIS B 600 -35.21 -33.53 29.45
N ARG B 601 -35.65 -32.83 30.51
CA ARG B 601 -37.08 -32.71 30.79
C ARG B 601 -37.78 -31.76 29.82
N ASP B 602 -37.05 -30.86 29.17
CA ASP B 602 -37.64 -29.89 28.24
C ASP B 602 -37.71 -30.54 26.86
N VAL B 603 -38.92 -30.93 26.45
CA VAL B 603 -39.12 -31.58 25.16
C VAL B 603 -39.28 -30.49 24.11
N VAL B 604 -38.38 -30.46 23.14
CA VAL B 604 -38.36 -29.36 22.17
C VAL B 604 -39.31 -29.64 21.01
N GLY B 605 -39.41 -30.90 20.59
CA GLY B 605 -40.23 -31.22 19.44
C GLY B 605 -40.12 -32.70 19.13
N SER B 606 -40.53 -33.08 17.93
CA SER B 606 -40.54 -34.48 17.55
C SER B 606 -40.02 -34.62 16.12
N VAL B 607 -39.18 -35.63 15.90
CA VAL B 607 -38.62 -35.87 14.57
C VAL B 607 -39.10 -37.23 14.08
N THR B 608 -39.53 -37.27 12.82
CA THR B 608 -39.82 -38.53 12.14
C THR B 608 -38.66 -38.80 11.18
N GLU B 609 -38.01 -39.95 11.34
CA GLU B 609 -36.74 -40.20 10.68
C GLU B 609 -36.93 -41.03 9.41
N THR B 610 -35.97 -40.90 8.49
CA THR B 610 -36.12 -41.36 7.11
C THR B 610 -35.70 -42.81 6.96
N SER B 611 -36.55 -43.62 6.33
CA SER B 611 -36.15 -44.99 6.00
C SER B 611 -35.13 -44.95 4.87
N GLU B 612 -34.27 -45.98 4.83
CA GLU B 612 -33.27 -46.04 3.77
C GLU B 612 -33.92 -46.09 2.39
N GLU B 613 -35.03 -46.83 2.25
CA GLU B 613 -35.74 -46.85 0.98
C GLU B 613 -36.28 -45.47 0.61
N ASP B 614 -36.73 -44.71 1.59
CA ASP B 614 -37.19 -43.36 1.28
C ASP B 614 -36.03 -42.42 0.99
N ALA B 615 -34.87 -42.65 1.62
CA ALA B 615 -33.68 -41.89 1.25
C ALA B 615 -33.34 -42.10 -0.23
N ARG B 616 -33.34 -43.36 -0.67
CA ARG B 616 -33.08 -43.66 -2.07
C ARG B 616 -34.17 -43.07 -2.97
N ARG B 617 -35.43 -43.16 -2.54
CA ARG B 617 -36.53 -42.61 -3.32
C ARG B 617 -36.36 -41.11 -3.52
N ALA B 618 -35.97 -40.40 -2.46
CA ALA B 618 -35.76 -38.95 -2.58
C ALA B 618 -34.70 -38.64 -3.62
N VAL B 619 -33.63 -39.44 -3.68
CA VAL B 619 -32.57 -39.21 -4.65
C VAL B 619 -33.11 -39.38 -6.07
N ARG B 620 -33.90 -40.45 -6.30
CA ARG B 620 -34.55 -40.61 -7.60
C ARG B 620 -35.43 -39.41 -7.92
N LEU B 621 -36.22 -38.94 -6.95
CA LEU B 621 -37.08 -37.78 -7.16
C LEU B 621 -36.26 -36.53 -7.50
N ALA B 622 -35.13 -36.35 -6.80
CA ALA B 622 -34.27 -35.22 -7.12
C ALA B 622 -33.69 -35.34 -8.52
N ALA B 623 -33.28 -36.56 -8.91
CA ALA B 623 -32.78 -36.78 -10.26
C ALA B 623 -33.83 -36.42 -11.30
N ASP B 624 -35.07 -36.87 -11.10
CA ASP B 624 -36.13 -36.59 -12.07
C ASP B 624 -36.33 -35.09 -12.26
N ALA B 625 -36.22 -34.31 -11.20
CA ALA B 625 -36.43 -32.88 -11.27
C ALA B 625 -35.16 -32.08 -11.48
N ALA B 626 -34.00 -32.73 -11.58
CA ALA B 626 -32.77 -31.97 -11.80
C ALA B 626 -32.84 -31.06 -13.02
N PRO B 627 -33.32 -31.51 -14.20
CA PRO B 627 -33.38 -30.58 -15.35
C PRO B 627 -34.22 -29.33 -15.09
N ASP B 628 -35.39 -29.48 -14.45
CA ASP B 628 -36.26 -28.33 -14.24
C ASP B 628 -35.61 -27.28 -13.37
N TRP B 629 -34.90 -27.71 -12.31
CA TRP B 629 -34.25 -26.74 -11.45
C TRP B 629 -33.04 -26.12 -12.15
N ALA B 630 -32.26 -26.92 -12.87
CA ALA B 630 -31.13 -26.36 -13.60
C ALA B 630 -31.59 -25.32 -14.61
N ALA B 631 -32.81 -25.46 -15.14
CA ALA B 631 -33.33 -24.51 -16.12
C ALA B 631 -33.79 -23.20 -15.49
N VAL B 632 -33.95 -23.11 -14.18
CA VAL B 632 -34.24 -21.81 -13.57
C VAL B 632 -33.02 -20.91 -13.73
N PRO B 633 -33.17 -19.70 -14.24
CA PRO B 633 -32.00 -18.84 -14.47
C PRO B 633 -31.23 -18.62 -13.19
N PRO B 634 -29.90 -18.55 -13.27
CA PRO B 634 -29.08 -18.33 -12.06
C PRO B 634 -29.54 -17.15 -11.23
N SER B 635 -29.95 -16.07 -11.88
CA SER B 635 -30.37 -14.89 -11.11
C SER B 635 -31.68 -15.17 -10.38
N GLU B 636 -32.55 -16.00 -10.96
CA GLU B 636 -33.79 -16.37 -10.27
C GLU B 636 -33.50 -17.34 -9.12
N ARG B 637 -32.54 -18.25 -9.30
CA ARG B 637 -32.15 -19.09 -8.17
C ARG B 637 -31.54 -18.25 -7.05
N ALA B 638 -30.72 -17.25 -7.41
CA ALA B 638 -30.14 -16.38 -6.40
C ALA B 638 -31.22 -15.54 -5.70
N ALA B 639 -32.26 -15.15 -6.44
CA ALA B 639 -33.36 -14.43 -5.82
C ALA B 639 -34.05 -15.27 -4.74
N CYS B 640 -34.15 -16.59 -4.95
CA CYS B 640 -34.71 -17.46 -3.92
C CYS B 640 -33.88 -17.41 -2.65
N LEU B 641 -32.55 -17.50 -2.79
CA LEU B 641 -31.67 -17.38 -1.63
C LEU B 641 -31.89 -16.04 -0.93
N ASP B 642 -31.98 -14.95 -1.70
CA ASP B 642 -32.17 -13.63 -1.11
C ASP B 642 -33.50 -13.54 -0.37
N ARG B 643 -34.57 -14.12 -0.93
CA ARG B 643 -35.85 -14.07 -0.22
C ARG B 643 -35.77 -14.88 1.07
N ALA B 644 -35.11 -16.04 1.02
CA ALA B 644 -34.92 -16.83 2.22
C ALA B 644 -34.13 -16.07 3.27
N ALA B 645 -33.11 -15.30 2.84
CA ALA B 645 -32.39 -14.48 3.79
C ALA B 645 -33.32 -13.48 4.48
N GLU B 646 -34.21 -12.85 3.72
CA GLU B 646 -35.16 -11.89 4.29
C GLU B 646 -36.07 -12.56 5.32
N LEU B 647 -36.55 -13.76 5.01
CA LEU B 647 -37.40 -14.49 5.96
C LEU B 647 -36.65 -14.85 7.24
N MET B 648 -35.41 -15.33 7.12
CA MET B 648 -34.64 -15.64 8.32
C MET B 648 -34.35 -14.39 9.12
N GLN B 649 -34.05 -13.27 8.44
CA GLN B 649 -33.81 -12.02 9.15
C GLN B 649 -35.04 -11.61 9.96
N ALA B 650 -36.21 -11.66 9.32
CA ALA B 650 -37.45 -11.25 9.99
C ALA B 650 -37.84 -12.22 11.10
N ARG B 651 -37.55 -13.51 10.92
CA ARG B 651 -37.94 -14.54 11.87
C ARG B 651 -36.84 -14.90 12.85
N MET B 652 -35.75 -14.13 12.87
CA MET B 652 -34.63 -14.44 13.77
C MET B 652 -35.04 -14.65 15.24
N PRO B 653 -35.93 -13.85 15.83
CA PRO B 653 -36.29 -14.14 17.23
C PRO B 653 -36.83 -15.55 17.43
N THR B 654 -37.68 -16.05 16.53
CA THR B 654 -38.19 -17.40 16.69
C THR B 654 -37.12 -18.44 16.41
N LEU B 655 -36.32 -18.25 15.35
CA LEU B 655 -35.19 -19.14 15.10
C LEU B 655 -34.25 -19.22 16.29
N LEU B 656 -34.00 -18.09 16.96
CA LEU B 656 -33.18 -18.08 18.17
C LEU B 656 -33.72 -19.06 19.20
N GLY B 657 -35.01 -18.96 19.49
CA GLY B 657 -35.59 -19.78 20.53
C GLY B 657 -35.43 -21.26 20.25
N LEU B 658 -35.56 -21.66 18.98
CA LEU B 658 -35.40 -23.06 18.64
C LEU B 658 -33.94 -23.48 18.74
N ILE B 659 -33.01 -22.65 18.26
CA ILE B 659 -31.59 -22.97 18.32
C ILE B 659 -31.13 -23.07 19.77
N ILE B 660 -31.63 -22.16 20.61
CA ILE B 660 -31.27 -22.14 22.01
C ILE B 660 -31.64 -23.47 22.67
N ARG B 661 -32.86 -23.93 22.42
CA ARG B 661 -33.40 -25.08 23.14
C ARG B 661 -33.05 -26.41 22.48
N GLU B 662 -33.00 -26.49 21.14
CA GLU B 662 -32.66 -27.77 20.52
C GLU B 662 -31.16 -28.03 20.51
N ALA B 663 -30.35 -26.99 20.34
CA ALA B 663 -28.91 -27.16 20.17
C ALA B 663 -28.11 -26.75 21.40
N GLY B 664 -28.76 -26.25 22.46
CA GLY B 664 -28.06 -25.87 23.66
C GLY B 664 -27.24 -24.59 23.56
N LYS B 665 -27.58 -23.70 22.63
CA LYS B 665 -26.79 -22.49 22.42
C LYS B 665 -27.31 -21.34 23.27
N SER B 666 -26.40 -20.42 23.57
CA SER B 666 -26.81 -19.17 24.21
C SER B 666 -27.49 -18.27 23.18
N ALA B 667 -28.23 -17.28 23.68
CA ALA B 667 -28.89 -16.34 22.79
C ALA B 667 -27.88 -15.62 21.90
N LEU B 668 -26.75 -15.24 22.49
CA LEU B 668 -25.71 -14.55 21.74
C LEU B 668 -25.20 -15.40 20.58
N ASN B 669 -24.88 -16.67 20.86
CA ASN B 669 -24.40 -17.54 19.82
C ASN B 669 -25.50 -17.89 18.81
N ALA B 670 -26.76 -17.88 19.24
CA ALA B 670 -27.85 -18.19 18.31
C ALA B 670 -28.05 -17.06 17.32
N ILE B 671 -27.89 -15.81 17.77
CA ILE B 671 -27.96 -14.67 16.86
C ILE B 671 -26.85 -14.76 15.81
N ALA B 672 -25.63 -15.01 16.26
CA ALA B 672 -24.50 -15.14 15.34
C ALA B 672 -24.75 -16.24 14.31
N GLU B 673 -25.37 -17.35 14.74
CA GLU B 673 -25.62 -18.46 13.82
C GLU B 673 -26.68 -18.09 12.77
N VAL B 674 -27.75 -17.43 13.18
CA VAL B 674 -28.78 -17.02 12.22
C VAL B 674 -28.20 -15.99 11.26
N ARG B 675 -27.41 -15.04 11.78
CA ARG B 675 -26.72 -14.10 10.90
C ARG B 675 -25.88 -14.85 9.87
N GLU B 676 -25.12 -15.84 10.33
CA GLU B 676 -24.25 -16.56 9.39
C GLU B 676 -25.07 -17.24 8.30
N ALA B 677 -26.22 -17.82 8.68
CA ALA B 677 -27.11 -18.41 7.67
C ALA B 677 -27.57 -17.36 6.66
N ILE B 678 -27.99 -16.18 7.15
CA ILE B 678 -28.38 -15.09 6.27
C ILE B 678 -27.23 -14.71 5.35
N ASP B 679 -26.01 -14.59 5.89
CA ASP B 679 -24.88 -14.19 5.06
C ASP B 679 -24.55 -15.23 3.99
N PHE B 680 -24.57 -16.52 4.36
CA PHE B 680 -24.37 -17.56 3.34
C PHE B 680 -25.34 -17.38 2.19
N LEU B 681 -26.63 -17.22 2.50
CA LEU B 681 -27.64 -17.08 1.44
C LEU B 681 -27.33 -15.90 0.54
N ARG B 682 -27.09 -14.73 1.14
CA ARG B 682 -26.85 -13.54 0.36
C ARG B 682 -25.50 -13.59 -0.34
N TYR B 683 -24.49 -14.18 0.31
CA TYR B 683 -23.18 -14.26 -0.34
C TYR B 683 -23.24 -15.16 -1.56
N TYR B 684 -23.75 -16.38 -1.41
CA TYR B 684 -23.82 -17.29 -2.54
C TYR B 684 -24.73 -16.76 -3.63
N ALA B 685 -25.74 -15.96 -3.28
CA ALA B 685 -26.59 -15.34 -4.29
C ALA B 685 -25.80 -14.33 -5.10
N GLU B 686 -25.04 -13.46 -4.43
CA GLU B 686 -24.23 -12.49 -5.16
C GLU B 686 -23.15 -13.19 -5.98
N GLN B 687 -22.45 -14.17 -5.40
CA GLN B 687 -21.42 -14.87 -6.18
C GLN B 687 -22.02 -15.52 -7.42
N THR B 688 -23.24 -16.03 -7.31
CA THR B 688 -23.94 -16.53 -8.48
C THR B 688 -24.19 -15.43 -9.51
N ARG B 689 -24.75 -14.31 -9.06
CA ARG B 689 -25.00 -13.19 -9.96
C ARG B 689 -23.72 -12.70 -10.64
N ARG B 690 -22.57 -12.85 -9.98
CA ARG B 690 -21.30 -12.44 -10.58
C ARG B 690 -20.72 -13.47 -11.56
N THR B 691 -21.14 -14.74 -11.51
CA THR B 691 -20.36 -15.73 -12.22
C THR B 691 -21.15 -16.65 -13.15
N LEU B 692 -22.32 -17.15 -12.73
CA LEU B 692 -22.86 -18.34 -13.38
C LEU B 692 -23.59 -18.01 -14.68
N GLY B 693 -23.22 -18.71 -15.74
CA GLY B 693 -23.80 -18.55 -17.06
C GLY B 693 -24.21 -19.91 -17.59
N PRO B 694 -24.73 -19.95 -18.82
CA PRO B 694 -25.30 -21.22 -19.31
C PRO B 694 -24.29 -22.33 -19.50
N GLY B 695 -22.99 -22.01 -19.63
CA GLY B 695 -21.98 -23.05 -19.74
C GLY B 695 -21.52 -23.67 -18.45
N HIS B 696 -21.99 -23.16 -17.31
CA HIS B 696 -21.62 -23.70 -16.00
C HIS B 696 -22.73 -24.64 -15.53
N GLY B 697 -22.73 -25.84 -16.10
CA GLY B 697 -23.79 -26.80 -15.87
C GLY B 697 -23.74 -27.43 -14.49
N PRO B 698 -24.92 -27.81 -13.98
CA PRO B 698 -24.98 -28.39 -12.64
C PRO B 698 -24.44 -29.81 -12.62
N LEU B 699 -24.12 -30.27 -11.40
CA LEU B 699 -23.70 -31.65 -11.20
C LEU B 699 -24.89 -32.60 -11.25
N GLY B 700 -26.02 -32.20 -10.68
CA GLY B 700 -27.12 -33.10 -10.43
C GLY B 700 -27.40 -33.13 -8.93
N PRO B 701 -28.08 -34.17 -8.46
CA PRO B 701 -28.46 -34.24 -7.04
C PRO B 701 -27.25 -34.19 -6.12
N ILE B 702 -27.31 -33.30 -5.14
CA ILE B 702 -26.22 -33.14 -4.17
CA ILE B 702 -26.23 -33.11 -4.17
C ILE B 702 -26.73 -33.51 -2.79
N VAL B 703 -26.01 -34.41 -2.14
CA VAL B 703 -26.33 -34.83 -0.79
C VAL B 703 -25.59 -33.89 0.16
N CYS B 704 -26.35 -33.16 0.99
CA CYS B 704 -25.74 -32.21 1.93
C CYS B 704 -25.89 -32.82 3.31
N ILE B 705 -24.76 -33.14 3.93
CA ILE B 705 -24.75 -33.77 5.26
C ILE B 705 -24.15 -32.78 6.24
N SER B 706 -24.88 -32.46 7.30
CA SER B 706 -24.51 -31.34 8.14
C SER B 706 -24.38 -31.75 9.60
N PRO B 707 -23.68 -30.94 10.41
CA PRO B 707 -23.45 -31.30 11.82
C PRO B 707 -24.45 -30.67 12.78
N TRP B 708 -24.36 -31.03 14.07
CA TRP B 708 -25.27 -30.51 15.08
C TRP B 708 -24.78 -29.21 15.71
N ASN B 709 -23.52 -28.82 15.48
CA ASN B 709 -22.94 -27.70 16.22
C ASN B 709 -23.23 -26.35 15.59
N PHE B 710 -23.43 -26.30 14.28
CA PHE B 710 -24.01 -25.14 13.62
C PHE B 710 -25.20 -25.63 12.80
N PRO B 711 -26.27 -26.01 13.49
CA PRO B 711 -27.34 -26.77 12.84
C PRO B 711 -28.19 -25.94 11.89
N LEU B 712 -28.08 -24.61 11.92
CA LEU B 712 -28.69 -23.78 10.89
C LEU B 712 -27.67 -23.23 9.91
N ALA B 713 -26.54 -22.72 10.41
CA ALA B 713 -25.64 -21.96 9.54
C ALA B 713 -24.98 -22.87 8.51
N ILE B 714 -24.31 -23.93 8.99
CA ILE B 714 -23.64 -24.85 8.08
C ILE B 714 -24.66 -25.63 7.27
N PHE B 715 -25.77 -26.00 7.90
CA PHE B 715 -26.87 -26.62 7.19
C PHE B 715 -27.29 -25.75 6.00
N THR B 716 -27.52 -24.45 6.24
CA THR B 716 -27.99 -23.56 5.19
C THR B 716 -26.91 -23.29 4.17
N GLY B 717 -25.67 -23.06 4.62
CA GLY B 717 -24.61 -22.72 3.69
C GLY B 717 -24.42 -23.77 2.62
N GLN B 718 -24.27 -25.04 3.04
CA GLN B 718 -24.06 -26.10 2.05
C GLN B 718 -25.25 -26.18 1.09
N ILE B 719 -26.46 -26.11 1.64
CA ILE B 719 -27.66 -26.30 0.82
C ILE B 719 -27.84 -25.15 -0.15
N ALA B 720 -27.62 -23.92 0.33
CA ALA B 720 -27.80 -22.74 -0.52
C ALA B 720 -26.81 -22.75 -1.68
N ALA B 721 -25.56 -23.10 -1.40
CA ALA B 721 -24.55 -23.16 -2.45
C ALA B 721 -24.94 -24.18 -3.52
N ALA B 722 -25.28 -25.40 -3.09
CA ALA B 722 -25.62 -26.44 -4.04
C ALA B 722 -26.85 -26.04 -4.86
N LEU B 723 -27.86 -25.48 -4.21
CA LEU B 723 -29.08 -25.08 -4.91
C LEU B 723 -28.79 -23.98 -5.92
N VAL B 724 -28.10 -22.92 -5.49
CA VAL B 724 -27.94 -21.78 -6.38
C VAL B 724 -27.02 -22.14 -7.54
N ALA B 725 -26.15 -23.12 -7.36
CA ALA B 725 -25.36 -23.65 -8.47
C ALA B 725 -26.21 -24.45 -9.46
N GLY B 726 -27.51 -24.61 -9.20
CA GLY B 726 -28.39 -25.33 -10.10
C GLY B 726 -28.56 -26.80 -9.82
N ASN B 727 -28.24 -27.25 -8.60
CA ASN B 727 -28.39 -28.66 -8.22
C ASN B 727 -29.57 -28.83 -7.26
N PRO B 728 -30.36 -29.89 -7.42
CA PRO B 728 -31.34 -30.22 -6.38
C PRO B 728 -30.61 -30.87 -5.22
N VAL B 729 -31.18 -30.73 -4.03
CA VAL B 729 -30.48 -31.05 -2.79
C VAL B 729 -31.28 -32.08 -1.99
N LEU B 730 -30.57 -33.08 -1.47
CA LEU B 730 -31.06 -33.96 -0.41
C LEU B 730 -30.36 -33.52 0.87
N ALA B 731 -31.11 -32.97 1.80
CA ALA B 731 -30.54 -32.39 3.01
C ALA B 731 -30.70 -33.37 4.17
N LYS B 732 -29.57 -33.83 4.70
CA LYS B 732 -29.57 -34.79 5.81
C LYS B 732 -28.97 -34.11 7.03
N PRO B 733 -29.78 -33.61 7.96
CA PRO B 733 -29.23 -32.94 9.14
C PRO B 733 -28.77 -33.95 10.18
N ALA B 734 -27.94 -33.47 11.10
CA ALA B 734 -27.52 -34.28 12.23
C ALA B 734 -28.74 -34.79 12.99
N GLU B 735 -28.62 -36.00 13.55
CA GLU B 735 -29.78 -36.56 14.23
C GLU B 735 -30.11 -35.77 15.50
N GLU B 736 -29.13 -35.09 16.09
CA GLU B 736 -29.39 -34.32 17.31
C GLU B 736 -30.18 -33.04 17.05
N THR B 737 -30.15 -32.50 15.83
CA THR B 737 -30.70 -31.16 15.60
C THR B 737 -31.60 -31.09 14.35
N PRO B 738 -32.62 -31.97 14.24
CA PRO B 738 -33.43 -32.01 13.01
C PRO B 738 -34.42 -30.86 12.90
N LEU B 739 -34.85 -30.29 14.04
CA LEU B 739 -35.94 -29.33 14.02
C LEU B 739 -35.51 -28.03 13.36
N ILE B 740 -34.34 -27.49 13.73
CA ILE B 740 -33.94 -26.24 13.10
C ILE B 740 -33.67 -26.47 11.62
N ALA B 741 -33.20 -27.67 11.26
CA ALA B 741 -33.01 -28.00 9.85
C ALA B 741 -34.33 -28.00 9.10
N ALA B 742 -35.37 -28.62 9.68
CA ALA B 742 -36.69 -28.58 9.06
C ALA B 742 -37.16 -27.14 8.86
N GLU B 743 -36.87 -26.27 9.83
CA GLU B 743 -37.27 -24.88 9.72
C GLU B 743 -36.51 -24.18 8.60
N GLY B 744 -35.22 -24.47 8.45
CA GLY B 744 -34.47 -23.98 7.31
C GLY B 744 -35.09 -24.39 5.99
N VAL B 745 -35.49 -25.67 5.88
CA VAL B 745 -36.10 -26.15 4.64
C VAL B 745 -37.44 -25.48 4.41
N ARG B 746 -38.25 -25.29 5.46
CA ARG B 746 -39.49 -24.52 5.32
C ARG B 746 -39.23 -23.14 4.74
N ILE B 747 -38.19 -22.47 5.25
CA ILE B 747 -37.96 -21.09 4.82
C ILE B 747 -37.44 -21.06 3.39
N LEU B 748 -36.53 -21.98 3.03
CA LEU B 748 -36.06 -22.02 1.66
C LEU B 748 -37.19 -22.33 0.69
N ARG B 749 -38.07 -23.29 1.05
CA ARG B 749 -39.20 -23.60 0.19
C ARG B 749 -40.17 -22.43 0.08
N GLU B 750 -40.48 -21.79 1.20
CA GLU B 750 -41.32 -20.59 1.17
C GLU B 750 -40.71 -19.50 0.28
N ALA B 751 -39.39 -19.44 0.24
CA ALA B 751 -38.73 -18.41 -0.56
C ALA B 751 -38.71 -18.76 -2.04
N GLY B 752 -39.12 -19.97 -2.42
CA GLY B 752 -39.23 -20.27 -3.84
C GLY B 752 -38.50 -21.51 -4.31
N ILE B 753 -37.72 -22.15 -3.45
CA ILE B 753 -37.07 -23.40 -3.82
C ILE B 753 -38.16 -24.46 -3.94
N PRO B 754 -38.31 -25.09 -5.10
CA PRO B 754 -39.38 -26.10 -5.25
C PRO B 754 -39.10 -27.31 -4.38
N ALA B 755 -40.20 -27.94 -3.93
CA ALA B 755 -40.12 -29.10 -3.07
C ALA B 755 -39.26 -30.21 -3.68
N SER B 756 -39.31 -30.37 -5.01
CA SER B 756 -38.49 -31.40 -5.62
C SER B 756 -37.01 -31.02 -5.68
N ALA B 757 -36.68 -29.74 -5.49
CA ALA B 757 -35.29 -29.33 -5.49
C ALA B 757 -34.66 -29.35 -4.10
N LEU B 758 -35.47 -29.44 -3.05
CA LEU B 758 -34.91 -29.44 -1.69
C LEU B 758 -35.76 -30.38 -0.84
N GLN B 759 -35.20 -31.54 -0.54
CA GLN B 759 -35.85 -32.57 0.25
C GLN B 759 -35.07 -32.76 1.55
N LEU B 760 -35.80 -32.88 2.66
CA LEU B 760 -35.23 -33.05 4.00
C LEU B 760 -35.34 -34.50 4.40
N LEU B 761 -34.22 -35.10 4.81
CA LEU B 761 -34.18 -36.50 5.22
C LEU B 761 -33.57 -36.59 6.61
N PRO B 762 -34.38 -36.41 7.66
CA PRO B 762 -33.85 -36.57 9.02
C PRO B 762 -33.47 -38.01 9.34
N GLY B 763 -32.50 -38.16 10.22
CA GLY B 763 -32.11 -39.47 10.71
C GLY B 763 -30.63 -39.49 11.03
N ASP B 764 -30.10 -40.70 11.25
CA ASP B 764 -28.73 -40.85 11.73
C ASP B 764 -27.78 -41.10 10.56
N GLY B 765 -26.60 -41.65 10.86
CA GLY B 765 -25.57 -41.82 9.84
C GLY B 765 -25.94 -42.82 8.76
N ARG B 766 -26.82 -43.76 9.07
CA ARG B 766 -27.29 -44.69 8.05
C ARG B 766 -28.15 -43.98 7.01
N VAL B 767 -28.92 -42.97 7.40
CA VAL B 767 -29.63 -42.18 6.40
C VAL B 767 -28.64 -41.43 5.52
N GLY B 768 -27.61 -40.80 6.12
CA GLY B 768 -26.61 -40.16 5.30
C GLY B 768 -25.92 -41.13 4.36
N ALA B 769 -25.62 -42.33 4.86
CA ALA B 769 -24.92 -43.34 4.06
C ALA B 769 -25.75 -43.81 2.88
N ALA B 770 -27.05 -44.02 3.10
CA ALA B 770 -27.97 -44.41 2.04
C ALA B 770 -28.06 -43.34 0.97
N LEU B 771 -28.07 -42.06 1.37
CA LEU B 771 -28.07 -40.99 0.37
C LEU B 771 -26.76 -40.97 -0.42
N VAL B 772 -25.62 -41.03 0.27
CA VAL B 772 -24.32 -40.93 -0.41
C VAL B 772 -24.18 -42.04 -1.45
N ALA B 773 -24.66 -43.25 -1.12
CA ALA B 773 -24.51 -44.43 -1.95
C ALA B 773 -25.53 -44.51 -3.08
N ALA B 774 -26.57 -43.68 -3.06
CA ALA B 774 -27.61 -43.78 -4.08
C ALA B 774 -27.02 -43.52 -5.46
N ALA B 775 -27.60 -44.18 -6.47
CA ALA B 775 -27.02 -44.23 -7.81
C ALA B 775 -26.94 -42.84 -8.45
N GLU B 776 -27.96 -42.00 -8.26
CA GLU B 776 -28.01 -40.70 -8.92
C GLU B 776 -27.27 -39.61 -8.17
N THR B 777 -26.64 -39.92 -7.03
CA THR B 777 -25.91 -38.89 -6.29
C THR B 777 -24.74 -38.36 -7.12
N ALA B 778 -24.72 -37.05 -7.34
CA ALA B 778 -23.73 -36.41 -8.19
C ALA B 778 -22.69 -35.59 -7.41
N GLY B 779 -22.83 -35.46 -6.11
CA GLY B 779 -21.88 -34.69 -5.30
C GLY B 779 -22.29 -34.78 -3.86
N VAL B 780 -21.35 -34.63 -2.93
CA VAL B 780 -21.65 -34.65 -1.50
C VAL B 780 -21.00 -33.43 -0.86
N MET B 781 -21.74 -32.75 0.01
CA MET B 781 -21.17 -31.70 0.84
C MET B 781 -21.31 -32.15 2.28
N PHE B 782 -20.17 -32.25 2.96
CA PHE B 782 -20.14 -32.88 4.27
C PHE B 782 -19.37 -32.00 5.25
N THR B 783 -19.92 -31.85 6.44
CA THR B 783 -19.23 -31.22 7.55
C THR B 783 -19.43 -32.10 8.77
N GLY B 784 -18.31 -32.55 9.35
CA GLY B 784 -18.40 -33.44 10.48
C GLY B 784 -17.03 -33.99 10.79
N SER B 785 -16.98 -35.24 11.20
CA SER B 785 -15.73 -35.85 11.64
C SER B 785 -14.86 -36.24 10.47
N THR B 786 -13.55 -36.31 10.74
CA THR B 786 -12.61 -36.84 9.76
C THR B 786 -12.99 -38.26 9.36
N GLU B 787 -13.31 -39.12 10.33
CA GLU B 787 -13.55 -40.53 10.04
C GLU B 787 -14.71 -40.71 9.06
N VAL B 788 -15.82 -40.00 9.28
CA VAL B 788 -16.99 -40.21 8.43
C VAL B 788 -16.73 -39.66 7.03
N ALA B 789 -16.02 -38.54 6.93
CA ALA B 789 -15.66 -38.00 5.62
C ALA B 789 -14.85 -39.01 4.82
N ARG B 790 -13.95 -39.74 5.50
CA ARG B 790 -13.19 -40.78 4.82
C ARG B 790 -14.10 -41.90 4.33
N LEU B 791 -15.08 -42.30 5.16
CA LEU B 791 -16.03 -43.33 4.74
C LEU B 791 -16.83 -42.88 3.51
N ILE B 792 -17.25 -41.62 3.48
CA ILE B 792 -17.99 -41.10 2.34
C ILE B 792 -17.10 -41.05 1.10
N GLN B 793 -15.85 -40.63 1.26
CA GLN B 793 -14.94 -40.58 0.12
C GLN B 793 -14.75 -41.96 -0.48
N ALA B 794 -14.59 -43.00 0.34
CA ALA B 794 -14.40 -44.34 -0.20
C ALA B 794 -15.65 -44.81 -0.92
N GLN B 795 -16.84 -44.53 -0.36
CA GLN B 795 -18.08 -44.93 -1.00
C GLN B 795 -18.23 -44.25 -2.36
N LEU B 796 -17.93 -42.95 -2.42
CA LEU B 796 -18.08 -42.22 -3.68
C LEU B 796 -17.12 -42.74 -4.73
N ALA B 797 -15.91 -43.10 -4.32
CA ALA B 797 -14.89 -43.56 -5.25
C ALA B 797 -15.29 -44.83 -5.98
N ASP B 798 -16.35 -45.50 -5.56
CA ASP B 798 -16.80 -46.71 -6.23
C ASP B 798 -17.56 -46.39 -7.53
N ARG B 799 -17.99 -45.15 -7.70
CA ARG B 799 -18.82 -44.75 -8.83
C ARG B 799 -18.16 -43.62 -9.60
N LEU B 800 -18.68 -43.39 -10.80
CA LEU B 800 -18.34 -42.23 -11.60
C LEU B 800 -19.61 -41.47 -11.94
N SER B 801 -19.45 -40.18 -12.22
CA SER B 801 -20.55 -39.36 -12.71
C SER B 801 -20.96 -39.82 -14.09
N PRO B 802 -22.19 -39.49 -14.51
CA PRO B 802 -22.63 -39.87 -15.86
C PRO B 802 -21.62 -39.57 -16.97
N ALA B 803 -20.80 -38.53 -16.82
CA ALA B 803 -19.78 -38.21 -17.81
C ALA B 803 -18.46 -38.94 -17.59
N GLY B 804 -18.37 -39.80 -16.58
CA GLY B 804 -17.14 -40.54 -16.35
C GLY B 804 -16.12 -39.84 -15.50
N ARG B 805 -16.55 -39.03 -14.54
CA ARG B 805 -15.65 -38.23 -13.70
C ARG B 805 -15.92 -38.50 -12.23
N PRO B 806 -14.92 -38.34 -11.38
CA PRO B 806 -15.13 -38.58 -9.94
C PRO B 806 -16.24 -37.68 -9.41
N ILE B 807 -17.06 -38.24 -8.52
CA ILE B 807 -18.11 -37.50 -7.83
C ILE B 807 -17.47 -36.54 -6.83
N PRO B 808 -17.75 -35.24 -6.90
CA PRO B 808 -17.08 -34.31 -6.00
C PRO B 808 -17.52 -34.51 -4.56
N LEU B 809 -16.56 -34.36 -3.65
CA LEU B 809 -16.88 -34.29 -2.22
C LEU B 809 -16.24 -33.04 -1.66
N ILE B 810 -17.04 -32.20 -1.03
CA ILE B 810 -16.55 -31.06 -0.26
C ILE B 810 -16.74 -31.42 1.20
N ALA B 811 -15.64 -31.50 1.95
CA ALA B 811 -15.67 -31.92 3.34
C ALA B 811 -14.91 -30.92 4.20
N GLU B 812 -15.55 -30.44 5.26
CA GLU B 812 -14.87 -29.69 6.30
C GLU B 812 -14.87 -30.54 7.55
N THR B 813 -13.68 -30.82 8.09
CA THR B 813 -13.58 -31.89 9.08
C THR B 813 -12.85 -31.45 10.35
N GLY B 814 -12.93 -30.18 10.74
CA GLY B 814 -12.46 -29.82 12.06
C GLY B 814 -10.97 -29.54 12.15
N GLY B 815 -10.46 -29.52 13.38
CA GLY B 815 -9.09 -29.07 13.55
C GLY B 815 -8.56 -29.38 14.93
N GLN B 816 -7.27 -29.11 15.08
CA GLN B 816 -6.58 -29.18 16.37
C GLN B 816 -5.92 -27.83 16.57
N ASN B 817 -6.73 -26.82 16.86
CA ASN B 817 -6.38 -25.44 16.59
C ASN B 817 -5.59 -24.84 17.75
N ALA B 818 -4.49 -24.17 17.41
CA ALA B 818 -3.58 -23.60 18.39
C ALA B 818 -3.68 -22.08 18.38
N MET B 819 -3.25 -21.49 19.48
CA MET B 819 -2.98 -20.07 19.54
C MET B 819 -1.60 -19.90 20.17
N ILE B 820 -0.76 -19.07 19.58
CA ILE B 820 0.59 -18.82 20.08
C ILE B 820 0.64 -17.39 20.65
N VAL B 821 1.07 -17.28 21.90
CA VAL B 821 1.12 -16.02 22.64
C VAL B 821 2.55 -15.81 23.09
N ASP B 822 3.12 -14.65 22.77
CA ASP B 822 4.47 -14.33 23.22
C ASP B 822 4.42 -13.28 24.33
N SER B 823 5.60 -12.93 24.86
CA SER B 823 5.69 -12.02 25.99
C SER B 823 5.29 -10.59 25.65
N SER B 824 5.07 -10.26 24.37
CA SER B 824 4.62 -8.91 24.04
C SER B 824 3.10 -8.76 24.03
N ALA B 825 2.34 -9.85 24.15
CA ALA B 825 0.89 -9.73 24.07
C ALA B 825 0.32 -9.13 25.36
N LEU B 826 -0.82 -8.46 25.23
CA LEU B 826 -1.53 -7.93 26.39
C LEU B 826 -2.34 -9.04 27.04
N ALA B 827 -2.07 -9.32 28.32
CA ALA B 827 -2.64 -10.51 28.97
C ALA B 827 -4.18 -10.44 29.00
N GLU B 828 -4.75 -9.28 29.32
CA GLU B 828 -6.20 -9.16 29.39
C GLU B 828 -6.86 -9.47 28.06
N GLN B 829 -6.23 -9.03 26.95
CA GLN B 829 -6.77 -9.33 25.64
C GLN B 829 -6.64 -10.80 25.32
N VAL B 830 -5.50 -11.39 25.66
CA VAL B 830 -5.31 -12.81 25.42
C VAL B 830 -6.36 -13.63 26.15
N VAL B 831 -6.55 -13.35 27.44
CA VAL B 831 -7.50 -14.13 28.22
C VAL B 831 -8.90 -13.98 27.66
N GLY B 832 -9.31 -12.75 27.34
CA GLY B 832 -10.58 -12.55 26.68
C GLY B 832 -10.74 -13.41 25.44
N ASP B 833 -9.71 -13.44 24.59
CA ASP B 833 -9.80 -14.18 23.33
C ASP B 833 -9.68 -15.68 23.54
N VAL B 834 -8.95 -16.10 24.59
CA VAL B 834 -8.85 -17.52 24.89
C VAL B 834 -10.17 -18.06 25.43
N ILE B 835 -10.77 -17.35 26.39
CA ILE B 835 -12.03 -17.81 26.99
C ILE B 835 -13.09 -17.95 25.91
N THR B 836 -13.22 -16.93 25.06
CA THR B 836 -14.11 -17.01 23.91
C THR B 836 -13.73 -18.18 22.99
N SER B 837 -12.46 -18.27 22.59
CA SER B 837 -12.13 -19.23 21.54
C SER B 837 -12.27 -20.67 22.04
N ALA B 838 -11.95 -20.90 23.31
CA ALA B 838 -11.95 -22.26 23.84
C ALA B 838 -13.29 -22.70 24.40
N PHE B 839 -14.06 -21.79 24.99
CA PHE B 839 -15.20 -22.26 25.77
C PHE B 839 -16.55 -21.75 25.28
N ASP B 840 -16.60 -20.67 24.48
CA ASP B 840 -17.81 -20.31 23.76
C ASP B 840 -18.38 -21.54 23.07
N SER B 841 -19.70 -21.71 23.17
CA SER B 841 -20.42 -22.84 22.60
C SER B 841 -19.94 -24.17 23.18
N ALA B 842 -19.46 -24.12 24.42
CA ALA B 842 -18.89 -25.29 25.10
C ALA B 842 -17.80 -25.94 24.26
N GLY B 843 -17.00 -25.11 23.58
CA GLY B 843 -15.95 -25.64 22.74
C GLY B 843 -16.42 -26.48 21.57
N GLN B 844 -17.70 -26.38 21.21
CA GLN B 844 -18.23 -27.21 20.12
C GLN B 844 -18.17 -26.49 18.78
N ARG B 845 -17.09 -25.76 18.53
CA ARG B 845 -16.85 -25.16 17.23
C ARG B 845 -15.68 -25.88 16.58
N CYS B 846 -15.76 -26.13 15.28
CA CYS B 846 -14.59 -26.72 14.60
C CYS B 846 -13.36 -25.81 14.73
N SER B 847 -13.57 -24.50 14.78
CA SER B 847 -12.55 -23.47 14.95
C SER B 847 -12.03 -23.32 16.38
N ALA B 848 -12.62 -24.00 17.37
CA ALA B 848 -12.37 -23.68 18.77
C ALA B 848 -10.90 -23.87 19.14
N LEU B 849 -10.44 -23.08 20.10
CA LEU B 849 -9.05 -23.15 20.54
C LEU B 849 -8.83 -24.41 21.37
N ARG B 850 -7.92 -25.27 20.91
CA ARG B 850 -7.62 -26.53 21.59
C ARG B 850 -6.31 -26.50 22.36
N VAL B 851 -5.32 -25.72 21.89
CA VAL B 851 -3.97 -25.71 22.46
C VAL B 851 -3.53 -24.26 22.56
N LEU B 852 -3.48 -23.72 23.77
CA LEU B 852 -2.89 -22.42 24.04
C LEU B 852 -1.39 -22.58 24.29
N CYS B 853 -0.57 -21.83 23.55
CA CYS B 853 0.89 -21.91 23.65
C CYS B 853 1.43 -20.59 24.17
N LEU B 854 1.99 -20.63 25.38
CA LEU B 854 2.38 -19.43 26.12
C LEU B 854 3.89 -19.39 26.27
N GLN B 855 4.48 -18.26 25.89
CA GLN B 855 5.90 -18.08 26.11
C GLN B 855 6.19 -18.22 27.60
N GLU B 856 7.26 -18.96 27.92
CA GLU B 856 7.53 -19.35 29.30
C GLU B 856 7.52 -18.15 30.24
N ASP B 857 8.02 -17.01 29.78
CA ASP B 857 8.18 -15.84 30.63
C ASP B 857 6.85 -15.29 31.12
N VAL B 858 5.77 -15.50 30.38
CA VAL B 858 4.47 -14.95 30.72
C VAL B 858 3.44 -16.00 31.06
N ALA B 859 3.81 -17.28 31.04
CA ALA B 859 2.82 -18.36 31.16
C ALA B 859 2.09 -18.31 32.48
N ASP B 860 2.82 -18.17 33.59
CA ASP B 860 2.21 -18.17 34.92
C ASP B 860 1.20 -17.04 35.07
N ARG B 861 1.58 -15.82 34.71
CA ARG B 861 0.68 -14.69 34.87
C ARG B 861 -0.59 -14.85 34.02
N ILE B 862 -0.44 -15.33 32.79
CA ILE B 862 -1.61 -15.47 31.93
C ILE B 862 -2.49 -16.62 32.40
N LEU B 863 -1.88 -17.71 32.88
CA LEU B 863 -2.68 -18.81 33.38
C LEU B 863 -3.46 -18.40 34.64
N THR B 864 -2.81 -17.66 35.54
CA THR B 864 -3.51 -17.16 36.72
C THR B 864 -4.74 -16.36 36.33
N MET B 865 -4.57 -15.38 35.43
CA MET B 865 -5.68 -14.55 34.98
C MET B 865 -6.74 -15.38 34.26
N LEU B 866 -6.30 -16.31 33.40
CA LEU B 866 -7.22 -17.19 32.70
C LEU B 866 -8.07 -18.00 33.67
N LYS B 867 -7.43 -18.58 34.70
CA LYS B 867 -8.17 -19.37 35.67
C LYS B 867 -9.14 -18.50 36.46
N GLY B 868 -8.71 -17.30 36.84
CA GLY B 868 -9.62 -16.35 37.47
C GLY B 868 -10.80 -16.02 36.58
N ALA B 869 -10.55 -15.85 35.29
CA ALA B 869 -11.65 -15.53 34.38
C ALA B 869 -12.60 -16.70 34.24
N LEU B 870 -12.06 -17.93 34.23
CA LEU B 870 -12.90 -19.12 34.12
C LEU B 870 -13.92 -19.19 35.25
N HIS B 871 -13.51 -18.82 36.45
CA HIS B 871 -14.41 -18.99 37.57
C HIS B 871 -15.51 -17.95 37.60
N GLU B 872 -15.50 -16.98 36.69
CA GLU B 872 -16.56 -16.01 36.55
C GLU B 872 -17.62 -16.43 35.54
N LEU B 873 -17.46 -17.58 34.89
CA LEU B 873 -18.40 -18.01 33.86
C LEU B 873 -19.63 -18.65 34.49
N HIS B 874 -20.76 -18.49 33.83
CA HIS B 874 -22.02 -19.06 34.31
C HIS B 874 -22.40 -20.18 33.35
N ILE B 875 -22.39 -21.43 33.83
CA ILE B 875 -22.76 -22.60 33.04
C ILE B 875 -24.15 -23.07 33.43
N GLY B 876 -25.00 -23.32 32.44
CA GLY B 876 -26.32 -23.84 32.73
C GLY B 876 -27.20 -23.83 31.49
N ARG B 877 -28.49 -24.06 31.73
CA ARG B 877 -29.45 -24.11 30.63
C ARG B 877 -29.55 -22.74 29.98
N THR B 878 -29.49 -22.70 28.66
CA THR B 878 -29.16 -21.49 27.93
C THR B 878 -30.34 -20.55 27.68
N ASP B 879 -31.50 -20.79 28.30
CA ASP B 879 -32.60 -19.85 28.16
C ASP B 879 -32.57 -18.74 29.22
N ARG B 880 -31.39 -18.39 29.71
CA ARG B 880 -31.16 -17.19 30.52
C ARG B 880 -30.05 -16.38 29.88
N LEU B 881 -30.26 -15.06 29.75
CA LEU B 881 -29.22 -14.18 29.21
C LEU B 881 -27.92 -14.32 29.98
N SER B 882 -28.01 -14.52 31.30
CA SER B 882 -26.81 -14.59 32.13
C SER B 882 -25.95 -15.82 31.88
N VAL B 883 -26.41 -16.79 31.08
CA VAL B 883 -25.63 -18.01 30.89
C VAL B 883 -24.56 -17.74 29.83
N ASP B 884 -23.32 -18.06 30.17
CA ASP B 884 -22.21 -17.94 29.25
C ASP B 884 -21.95 -19.23 28.46
N VAL B 885 -22.01 -20.37 29.13
CA VAL B 885 -21.64 -21.66 28.53
C VAL B 885 -22.75 -22.64 28.77
N GLY B 886 -23.24 -23.28 27.71
CA GLY B 886 -24.30 -24.24 27.80
C GLY B 886 -23.79 -25.67 27.82
N PRO B 887 -24.69 -26.62 27.60
CA PRO B 887 -24.33 -28.04 27.65
C PRO B 887 -23.57 -28.48 26.40
N VAL B 888 -23.00 -29.68 26.49
CA VAL B 888 -22.56 -30.35 25.25
C VAL B 888 -23.76 -31.10 24.69
N ILE B 889 -23.66 -31.56 23.45
CA ILE B 889 -24.88 -31.85 22.70
C ILE B 889 -25.57 -33.12 23.22
N THR B 890 -24.80 -34.11 23.69
CA THR B 890 -25.36 -35.40 24.10
C THR B 890 -24.57 -35.96 25.27
N SER B 891 -25.11 -37.02 25.89
CA SER B 891 -24.38 -37.76 26.92
CA SER B 891 -24.36 -37.72 26.93
C SER B 891 -23.15 -38.43 26.34
N GLU B 892 -23.29 -38.98 25.13
CA GLU B 892 -22.17 -39.61 24.43
C GLU B 892 -21.02 -38.63 24.25
N ALA B 893 -21.31 -37.40 23.79
CA ALA B 893 -20.28 -36.38 23.69
C ALA B 893 -19.66 -36.09 25.05
N LYS B 894 -20.50 -35.95 26.08
CA LYS B 894 -20.00 -35.70 27.42
C LYS B 894 -19.09 -36.83 27.91
N ASP B 895 -19.53 -38.08 27.72
CA ASP B 895 -18.68 -39.20 28.13
C ASP B 895 -17.35 -39.20 27.37
N ASN B 896 -17.41 -38.91 26.07
CA ASN B 896 -16.21 -38.89 25.25
C ASN B 896 -15.23 -37.85 25.74
N ILE B 897 -15.73 -36.64 26.02
CA ILE B 897 -14.88 -35.55 26.52
C ILE B 897 -14.33 -35.92 27.90
N GLU B 898 -15.20 -36.41 28.79
CA GLU B 898 -14.76 -36.77 30.14
C GLU B 898 -13.72 -37.88 30.12
N LYS B 899 -13.83 -38.82 29.17
CA LYS B 899 -12.84 -39.89 29.07
C LYS B 899 -11.46 -39.34 28.78
N HIS B 900 -11.37 -38.39 27.85
CA HIS B 900 -10.10 -37.73 27.58
C HIS B 900 -9.57 -37.03 28.84
N ILE B 901 -10.45 -36.29 29.53
CA ILE B 901 -10.03 -35.55 30.71
C ILE B 901 -9.48 -36.50 31.77
N GLU B 902 -10.19 -37.62 32.00
CA GLU B 902 -9.72 -38.56 33.02
C GLU B 902 -8.41 -39.21 32.61
N ARG B 903 -8.28 -39.60 31.34
CA ARG B 903 -7.01 -40.09 30.83
C ARG B 903 -5.89 -39.11 31.12
N MET B 904 -6.11 -37.82 30.86
CA MET B 904 -5.08 -36.82 31.12
C MET B 904 -4.79 -36.70 32.62
N ARG B 905 -5.81 -36.79 33.47
CA ARG B 905 -5.55 -36.82 34.91
C ARG B 905 -4.79 -38.09 35.29
N GLY B 906 -5.18 -39.24 34.72
CA GLY B 906 -4.51 -40.48 35.03
C GLY B 906 -3.09 -40.56 34.49
N LEU B 907 -2.76 -39.74 33.50
CA LEU B 907 -1.40 -39.66 32.97
C LEU B 907 -0.53 -38.67 33.73
N GLY B 908 -1.08 -37.96 34.72
CA GLY B 908 -0.33 -37.06 35.57
C GLY B 908 -0.62 -35.59 35.32
N ARG B 909 -1.08 -35.23 34.12
CA ARG B 909 -1.22 -33.83 33.74
C ARG B 909 -2.16 -33.09 34.68
N LYS B 910 -1.93 -31.79 34.82
CA LYS B 910 -2.68 -30.92 35.72
C LYS B 910 -3.98 -30.44 35.08
N VAL B 911 -5.09 -30.46 35.84
CA VAL B 911 -6.44 -30.26 35.30
C VAL B 911 -7.24 -29.32 36.20
N GLU B 912 -7.49 -28.10 35.72
CA GLU B 912 -8.37 -27.14 36.38
C GLU B 912 -9.77 -27.20 35.78
N GLN B 913 -10.79 -27.29 36.64
CA GLN B 913 -12.18 -27.21 36.21
C GLN B 913 -12.94 -26.30 37.17
N ILE B 914 -14.04 -25.75 36.68
CA ILE B 914 -14.91 -24.95 37.51
C ILE B 914 -16.13 -25.77 37.93
N GLY B 915 -16.73 -25.37 39.05
CA GLY B 915 -17.84 -26.13 39.61
C GLY B 915 -19.13 -25.86 38.87
N LEU B 916 -19.89 -26.93 38.65
CA LEU B 916 -21.18 -26.83 37.97
C LEU B 916 -22.31 -26.79 39.00
N ALA B 917 -23.32 -25.97 38.73
CA ALA B 917 -24.48 -25.91 39.61
C ALA B 917 -25.23 -27.25 39.56
N SER B 918 -25.97 -27.54 40.63
CA SER B 918 -26.76 -28.76 40.68
C SER B 918 -27.81 -28.79 39.56
N GLU B 919 -28.25 -27.61 39.11
CA GLU B 919 -29.24 -27.54 38.04
C GLU B 919 -28.76 -28.17 36.75
N THR B 920 -27.43 -28.25 36.54
CA THR B 920 -26.91 -28.90 35.34
C THR B 920 -27.18 -30.40 35.33
N GLY B 921 -27.59 -30.99 36.45
CA GLY B 921 -27.77 -32.44 36.53
C GLY B 921 -28.79 -32.98 35.56
N VAL B 922 -29.78 -32.17 35.17
CA VAL B 922 -30.81 -32.64 34.24
C VAL B 922 -30.37 -32.57 32.80
N GLY B 923 -29.20 -31.98 32.52
CA GLY B 923 -28.70 -31.94 31.16
C GLY B 923 -27.34 -32.60 31.06
N THR B 924 -26.69 -32.46 29.92
CA THR B 924 -25.35 -33.01 29.70
C THR B 924 -24.36 -31.84 29.63
N PHE B 925 -23.68 -31.57 30.74
CA PHE B 925 -22.74 -30.47 30.81
C PHE B 925 -21.33 -30.98 31.09
N VAL B 926 -20.36 -30.33 30.46
CA VAL B 926 -18.95 -30.46 30.83
C VAL B 926 -18.47 -29.08 31.28
N PRO B 927 -17.81 -28.96 32.43
CA PRO B 927 -17.33 -27.65 32.84
C PRO B 927 -16.12 -27.24 32.03
N PRO B 928 -15.95 -25.95 31.77
CA PRO B 928 -14.74 -25.47 31.12
C PRO B 928 -13.51 -25.98 31.86
N THR B 929 -12.60 -26.58 31.11
CA THR B 929 -11.48 -27.33 31.66
C THR B 929 -10.20 -26.81 31.04
N ILE B 930 -9.17 -26.66 31.87
CA ILE B 930 -7.81 -26.34 31.42
C ILE B 930 -6.91 -27.49 31.79
N ILE B 931 -6.16 -27.97 30.80
CA ILE B 931 -5.25 -29.10 30.99
C ILE B 931 -3.86 -28.65 30.55
N GLU B 932 -2.89 -28.76 31.44
CA GLU B 932 -1.51 -28.36 31.16
C GLU B 932 -0.74 -29.56 30.65
N LEU B 933 -0.18 -29.43 29.45
CA LEU B 933 0.49 -30.54 28.78
C LEU B 933 2.01 -30.39 28.89
N GLU B 934 2.69 -31.51 28.65
CA GLU B 934 4.15 -31.48 28.48
C GLU B 934 4.51 -31.14 27.05
N LYS B 935 4.12 -31.99 26.10
CA LYS B 935 4.32 -31.77 24.68
C LYS B 935 2.98 -31.76 23.97
N LEU B 936 2.95 -31.13 22.78
CA LEU B 936 1.71 -31.10 22.01
C LEU B 936 1.32 -32.49 21.53
N SER B 937 2.29 -33.36 21.27
CA SER B 937 2.00 -34.72 20.86
C SER B 937 1.36 -35.54 21.98
N ASP B 938 1.24 -34.99 23.20
CA ASP B 938 0.40 -35.61 24.21
C ASP B 938 -1.07 -35.61 23.81
N LEU B 939 -1.44 -34.72 22.88
CA LEU B 939 -2.79 -34.63 22.37
C LEU B 939 -2.87 -35.48 21.10
N GLN B 940 -3.72 -36.50 21.12
CA GLN B 940 -3.81 -37.47 20.05
C GLN B 940 -5.06 -37.34 19.19
N ARG B 941 -6.05 -36.56 19.62
CA ARG B 941 -7.29 -36.52 18.88
C ARG B 941 -8.03 -35.22 19.20
N GLU B 942 -8.88 -34.81 18.26
CA GLU B 942 -9.77 -33.68 18.51
C GLU B 942 -10.70 -34.04 19.66
N VAL B 943 -10.66 -33.26 20.72
CA VAL B 943 -11.58 -33.40 21.84
C VAL B 943 -12.58 -32.25 21.73
N PHE B 944 -13.78 -32.59 21.27
CA PHE B 944 -14.77 -31.60 20.80
C PHE B 944 -15.61 -31.13 21.99
N GLY B 945 -14.94 -30.43 22.89
CA GLY B 945 -15.58 -29.98 24.10
C GLY B 945 -14.88 -28.78 24.68
N PRO B 946 -15.31 -28.33 25.84
CA PRO B 946 -14.73 -27.11 26.42
C PRO B 946 -13.46 -27.43 27.20
N VAL B 947 -12.47 -27.91 26.47
CA VAL B 947 -11.25 -28.46 27.06
C VAL B 947 -10.06 -27.75 26.40
N LEU B 948 -9.47 -26.81 27.14
CA LEU B 948 -8.31 -26.05 26.66
C LEU B 948 -7.03 -26.71 27.15
N HIS B 949 -6.15 -27.05 26.23
CA HIS B 949 -4.83 -27.55 26.57
C HIS B 949 -3.85 -26.39 26.53
N VAL B 950 -2.93 -26.36 27.50
CA VAL B 950 -1.96 -25.27 27.62
C VAL B 950 -0.55 -25.85 27.56
N ILE B 951 0.29 -25.18 26.80
CA ILE B 951 1.68 -25.58 26.57
C ILE B 951 2.57 -24.36 26.76
N ARG B 952 3.76 -24.57 27.33
CA ARG B 952 4.73 -23.51 27.53
C ARG B 952 5.89 -23.72 26.58
N TYR B 953 6.45 -22.63 26.07
CA TYR B 953 7.54 -22.74 25.13
C TYR B 953 8.57 -21.64 25.38
N ARG B 954 9.80 -21.94 25.01
CA ARG B 954 10.88 -20.97 24.94
C ARG B 954 10.86 -20.25 23.60
N ARG B 955 11.07 -18.93 23.63
CA ARG B 955 11.05 -18.14 22.40
C ARG B 955 12.03 -18.70 21.36
N ASP B 956 13.15 -19.25 21.81
CA ASP B 956 14.09 -19.90 20.90
C ASP B 956 13.47 -21.08 20.17
N ASP B 957 12.42 -21.68 20.74
CA ASP B 957 11.80 -22.87 20.17
C ASP B 957 10.55 -22.55 19.37
N LEU B 958 10.34 -21.27 19.02
CA LEU B 958 9.15 -20.88 18.29
C LEU B 958 8.99 -21.65 17.00
N ASP B 959 10.06 -21.79 16.22
CA ASP B 959 9.93 -22.46 14.94
C ASP B 959 9.61 -23.95 15.14
N ARG B 960 10.21 -24.60 16.15
CA ARG B 960 9.87 -25.99 16.42
C ARG B 960 8.44 -26.11 16.92
N LEU B 961 7.98 -25.13 17.69
CA LEU B 961 6.61 -25.15 18.15
C LEU B 961 5.63 -25.05 16.97
N VAL B 962 5.94 -24.23 15.97
CA VAL B 962 5.08 -24.17 14.80
C VAL B 962 5.08 -25.52 14.09
N ASP B 963 6.25 -26.16 14.00
CA ASP B 963 6.31 -27.53 13.48
C ASP B 963 5.37 -28.45 14.24
N ASP B 964 5.41 -28.41 15.57
CA ASP B 964 4.57 -29.28 16.37
C ASP B 964 3.09 -29.04 16.09
N VAL B 965 2.72 -27.77 15.90
CA VAL B 965 1.32 -27.47 15.58
C VAL B 965 0.95 -28.06 14.23
N ASN B 966 1.82 -27.90 13.23
CA ASN B 966 1.54 -28.45 11.90
C ASN B 966 1.54 -29.96 11.91
N ALA B 967 2.29 -30.56 12.84
CA ALA B 967 2.51 -32.00 12.83
C ALA B 967 1.26 -32.82 13.15
N THR B 968 0.22 -32.20 13.72
CA THR B 968 -1.03 -32.94 13.93
C THR B 968 -1.68 -33.34 12.61
N GLY B 969 -1.32 -32.69 11.52
CA GLY B 969 -1.94 -32.95 10.24
C GLY B 969 -3.17 -32.13 9.97
N TYR B 970 -3.71 -31.44 10.97
CA TYR B 970 -4.84 -30.53 10.80
C TYR B 970 -4.33 -29.15 10.42
N GLY B 971 -5.27 -28.28 10.04
CA GLY B 971 -4.91 -26.94 9.59
C GLY B 971 -6.13 -26.08 9.36
N LEU B 972 -6.95 -25.92 10.38
CA LEU B 972 -8.16 -25.14 10.24
C LEU B 972 -7.91 -23.70 10.75
N THR B 973 -8.10 -23.44 12.03
CA THR B 973 -7.86 -22.10 12.54
C THR B 973 -6.58 -22.03 13.38
N PHE B 974 -6.04 -20.82 13.49
CA PHE B 974 -4.78 -20.60 14.19
C PHE B 974 -4.74 -19.15 14.64
N GLY B 975 -4.34 -18.94 15.88
CA GLY B 975 -4.26 -17.60 16.44
C GLY B 975 -2.85 -17.24 16.87
N LEU B 976 -2.50 -15.99 16.71
CA LEU B 976 -1.21 -15.50 17.20
C LEU B 976 -1.44 -14.18 17.91
N HIS B 977 -0.95 -14.08 19.13
CA HIS B 977 -1.00 -12.84 19.89
C HIS B 977 0.42 -12.34 20.08
N THR B 978 0.74 -11.21 19.46
CA THR B 978 2.06 -10.59 19.53
C THR B 978 1.91 -9.18 19.02
N ARG B 979 2.83 -8.32 19.43
CA ARG B 979 2.91 -7.00 18.85
C ARG B 979 4.11 -6.85 17.93
N LEU B 980 4.90 -7.90 17.75
CA LEU B 980 6.17 -7.85 17.05
C LEU B 980 5.99 -8.32 15.62
N ASP B 981 6.23 -7.41 14.66
CA ASP B 981 6.11 -7.74 13.24
C ASP B 981 6.99 -8.92 12.83
N GLU B 982 8.21 -9.03 13.38
CA GLU B 982 9.06 -10.17 12.99
C GLU B 982 8.39 -11.48 13.35
N THR B 983 7.74 -11.54 14.52
CA THR B 983 7.08 -12.76 14.97
C THR B 983 5.84 -13.05 14.12
N ILE B 984 5.10 -12.02 13.76
CA ILE B 984 3.97 -12.17 12.84
C ILE B 984 4.45 -12.78 11.52
N ALA B 985 5.49 -12.20 10.92
CA ALA B 985 5.94 -12.69 9.62
C ALA B 985 6.47 -14.11 9.72
N HIS B 986 7.28 -14.38 10.76
CA HIS B 986 7.80 -15.73 10.97
C HIS B 986 6.66 -16.72 11.10
N VAL B 987 5.76 -16.49 12.05
CA VAL B 987 4.75 -17.48 12.36
C VAL B 987 3.77 -17.66 11.20
N THR B 988 3.32 -16.56 10.58
CA THR B 988 2.32 -16.72 9.53
C THR B 988 2.92 -17.29 8.24
N SER B 989 4.23 -17.17 8.05
CA SER B 989 4.85 -17.81 6.89
C SER B 989 5.08 -19.31 7.11
N ARG B 990 5.06 -19.80 8.35
CA ARG B 990 5.42 -21.19 8.61
C ARG B 990 4.24 -22.05 9.03
N ILE B 991 3.20 -21.46 9.61
CA ILE B 991 2.03 -22.22 10.01
C ILE B 991 1.25 -22.60 8.75
N LYS B 992 0.64 -23.78 8.78
CA LYS B 992 -0.10 -24.30 7.62
C LYS B 992 -1.56 -24.49 8.04
N ALA B 993 -2.29 -23.38 8.15
CA ALA B 993 -3.69 -23.40 8.51
C ALA B 993 -4.45 -22.48 7.56
N GLY B 994 -5.72 -22.81 7.33
CA GLY B 994 -6.48 -22.04 6.35
C GLY B 994 -7.01 -20.72 6.88
N ASN B 995 -7.16 -20.60 8.19
CA ASN B 995 -7.74 -19.41 8.80
C ASN B 995 -6.83 -18.92 9.93
N LEU B 996 -6.21 -17.77 9.71
CA LEU B 996 -5.27 -17.18 10.64
C LEU B 996 -5.90 -15.96 11.29
N TYR B 997 -5.59 -15.73 12.57
CA TYR B 997 -6.17 -14.63 13.31
C TYR B 997 -5.06 -14.00 14.13
N ILE B 998 -4.86 -12.70 13.96
CA ILE B 998 -3.77 -11.99 14.63
C ILE B 998 -4.38 -11.03 15.65
N ASN B 999 -4.12 -11.29 16.93
CA ASN B 999 -4.47 -10.38 18.02
C ASN B 999 -5.98 -10.28 18.21
N ARG B 1000 -6.67 -11.43 18.09
CA ARG B 1000 -8.11 -11.51 18.25
C ARG B 1000 -8.44 -12.99 18.49
N ASN B 1001 -9.72 -13.28 18.68
CA ASN B 1001 -10.09 -14.68 18.87
C ASN B 1001 -9.99 -15.42 17.52
N ILE B 1002 -10.15 -16.73 17.56
CA ILE B 1002 -9.97 -17.53 16.35
C ILE B 1002 -11.27 -18.17 15.88
N ILE B 1003 -12.43 -17.66 16.30
CA ILE B 1003 -13.72 -18.27 16.00
C ILE B 1003 -14.60 -17.27 15.26
N GLY B 1004 -15.74 -17.77 14.79
CA GLY B 1004 -16.79 -16.94 14.24
C GLY B 1004 -16.40 -16.28 12.93
N ALA B 1005 -15.81 -17.07 12.03
CA ALA B 1005 -15.44 -16.58 10.71
C ALA B 1005 -16.66 -16.01 10.00
N VAL B 1006 -16.48 -14.85 9.38
CA VAL B 1006 -17.55 -14.11 8.75
C VAL B 1006 -17.55 -14.39 7.25
N VAL B 1007 -18.72 -14.77 6.73
CA VAL B 1007 -18.88 -15.09 5.32
C VAL B 1007 -18.34 -13.95 4.45
N GLY B 1008 -17.52 -14.31 3.47
CA GLY B 1008 -16.98 -13.35 2.52
C GLY B 1008 -15.97 -12.38 3.10
N VAL B 1009 -15.63 -12.52 4.38
CA VAL B 1009 -14.66 -11.66 5.04
C VAL B 1009 -13.50 -12.49 5.59
N GLN B 1010 -13.82 -13.57 6.30
CA GLN B 1010 -12.90 -14.69 6.52
C GLN B 1010 -13.51 -15.93 5.87
N PRO B 1011 -13.34 -16.11 4.56
CA PRO B 1011 -13.71 -17.38 3.94
C PRO B 1011 -13.09 -18.53 4.73
N PHE B 1012 -13.89 -19.53 5.03
CA PHE B 1012 -13.57 -20.45 6.10
C PHE B 1012 -13.30 -21.85 5.59
N GLY B 1013 -12.16 -22.41 5.97
CA GLY B 1013 -11.80 -23.77 5.65
C GLY B 1013 -10.30 -23.92 5.61
N GLY B 1014 -9.84 -25.14 5.82
CA GLY B 1014 -8.42 -25.43 5.90
C GLY B 1014 -8.01 -26.56 4.98
N ARG B 1015 -6.92 -27.22 5.36
CA ARG B 1015 -6.21 -28.20 4.55
C ARG B 1015 -5.88 -29.41 5.41
N GLY B 1016 -5.19 -30.38 4.83
CA GLY B 1016 -4.80 -31.54 5.61
C GLY B 1016 -6.03 -32.30 6.09
N LEU B 1017 -5.99 -32.71 7.37
CA LEU B 1017 -7.12 -33.41 7.96
C LEU B 1017 -8.31 -32.50 8.24
N SER B 1018 -8.17 -31.19 8.01
CA SER B 1018 -9.26 -30.24 8.23
C SER B 1018 -10.21 -30.12 7.04
N GLY B 1019 -9.91 -30.72 5.90
CA GLY B 1019 -10.89 -30.84 4.85
C GLY B 1019 -10.26 -30.72 3.49
N THR B 1020 -11.14 -30.68 2.49
CA THR B 1020 -10.75 -30.65 1.08
C THR B 1020 -10.65 -29.24 0.50
N GLY B 1021 -11.37 -28.28 1.06
CA GLY B 1021 -11.65 -27.07 0.31
C GLY B 1021 -12.70 -27.36 -0.76
N PRO B 1022 -13.12 -26.32 -1.49
CA PRO B 1022 -12.71 -24.93 -1.27
C PRO B 1022 -13.40 -24.32 -0.05
N LYS B 1023 -12.95 -23.14 0.39
CA LYS B 1023 -13.49 -22.51 1.58
C LYS B 1023 -14.98 -22.18 1.42
N ALA B 1024 -15.76 -22.50 2.45
CA ALA B 1024 -17.11 -21.99 2.55
C ALA B 1024 -17.10 -20.48 2.77
N GLY B 1025 -18.12 -19.82 2.22
CA GLY B 1025 -18.14 -18.37 2.31
C GLY B 1025 -17.00 -17.72 1.55
N GLY B 1026 -16.50 -18.38 0.52
CA GLY B 1026 -15.43 -17.87 -0.29
C GLY B 1026 -15.74 -18.04 -1.77
N PRO B 1027 -14.95 -17.38 -2.63
CA PRO B 1027 -15.34 -17.24 -4.03
C PRO B 1027 -15.04 -18.45 -4.88
N LEU B 1028 -14.39 -19.49 -4.34
CA LEU B 1028 -14.15 -20.71 -5.09
C LEU B 1028 -15.21 -21.77 -4.83
N TYR B 1029 -16.10 -21.54 -3.86
CA TYR B 1029 -17.02 -22.57 -3.41
C TYR B 1029 -17.97 -23.03 -4.51
N LEU B 1030 -18.63 -22.08 -5.18
CA LEU B 1030 -19.68 -22.47 -6.15
C LEU B 1030 -19.09 -23.23 -7.32
N GLY B 1031 -17.87 -22.86 -7.74
CA GLY B 1031 -17.21 -23.49 -8.86
C GLY B 1031 -17.01 -24.99 -8.71
N ARG B 1032 -16.98 -25.49 -7.47
CA ARG B 1032 -16.90 -26.92 -7.26
C ARG B 1032 -18.25 -27.61 -7.48
N LEU B 1033 -19.36 -26.86 -7.49
CA LEU B 1033 -20.69 -27.45 -7.55
C LEU B 1033 -21.29 -27.38 -8.96
N VAL B 1034 -20.45 -27.11 -9.96
CA VAL B 1034 -20.85 -27.11 -11.35
C VAL B 1034 -19.82 -27.92 -12.12
N THR B 1035 -20.18 -28.36 -13.33
CA THR B 1035 -19.25 -29.22 -14.05
C THR B 1035 -18.14 -28.43 -14.74
N THR B 1036 -18.36 -27.15 -15.00
CA THR B 1036 -17.34 -26.25 -15.55
C THR B 1036 -17.29 -25.03 -14.66
N ALA B 1037 -16.18 -24.81 -13.98
CA ALA B 1037 -16.17 -23.77 -12.98
C ALA B 1037 -16.02 -22.40 -13.63
N PRO B 1038 -16.72 -21.40 -13.14
CA PRO B 1038 -16.55 -20.04 -13.67
C PRO B 1038 -15.28 -19.42 -13.11
N VAL B 1039 -14.97 -18.24 -13.62
CA VAL B 1039 -13.88 -17.43 -13.10
C VAL B 1039 -14.43 -16.59 -11.94
N PRO B 1040 -14.02 -16.84 -10.71
CA PRO B 1040 -14.56 -16.07 -9.58
C PRO B 1040 -14.23 -14.59 -9.70
N PRO B 1041 -15.01 -13.73 -9.05
CA PRO B 1041 -14.62 -12.31 -8.95
C PRO B 1041 -13.21 -12.15 -8.42
N GLN B 1042 -12.48 -11.21 -9.03
CA GLN B 1042 -11.13 -10.81 -8.59
C GLN B 1042 -10.11 -11.94 -8.62
N HIS B 1043 -10.39 -13.01 -9.33
CA HIS B 1043 -9.59 -14.23 -9.28
C HIS B 1043 -8.60 -14.22 -10.43
N SER B 1044 -7.40 -13.72 -10.18
CA SER B 1044 -6.34 -13.63 -11.16
C SER B 1044 -5.07 -13.22 -10.40
N SER B 1045 -3.95 -13.35 -11.08
CA SER B 1045 -2.66 -12.99 -10.49
C SER B 1045 -1.72 -12.62 -11.61
N VAL B 1046 -0.90 -11.58 -11.40
CA VAL B 1046 0.06 -11.17 -12.42
C VAL B 1046 1.38 -11.93 -12.29
N HIS B 1047 1.51 -12.80 -11.31
CA HIS B 1047 2.73 -13.57 -11.06
CA HIS B 1047 2.75 -13.52 -11.12
C HIS B 1047 2.75 -14.82 -11.92
N THR B 1048 3.91 -15.16 -12.46
CA THR B 1048 4.08 -16.39 -13.22
C THR B 1048 5.12 -17.26 -12.52
N ASP B 1049 4.75 -18.49 -12.22
CA ASP B 1049 5.65 -19.38 -11.51
C ASP B 1049 6.93 -19.55 -12.33
N PRO B 1050 8.11 -19.34 -11.75
CA PRO B 1050 9.34 -19.39 -12.56
C PRO B 1050 9.67 -20.80 -13.03
N VAL B 1051 9.29 -21.83 -12.29
CA VAL B 1051 9.56 -23.19 -12.71
C VAL B 1051 8.66 -23.58 -13.89
N LEU B 1052 7.40 -23.14 -13.85
CA LEU B 1052 6.54 -23.29 -15.03
C LEU B 1052 7.22 -22.67 -16.25
N LEU B 1053 7.75 -21.47 -16.11
CA LEU B 1053 8.44 -20.82 -17.22
C LEU B 1053 9.60 -21.67 -17.73
N ASP B 1054 10.40 -22.23 -16.81
CA ASP B 1054 11.53 -23.08 -17.23
C ASP B 1054 11.03 -24.35 -17.90
N PHE B 1055 9.92 -24.90 -17.42
CA PHE B 1055 9.32 -26.07 -18.03
C PHE B 1055 8.85 -25.76 -19.45
N ALA B 1056 8.23 -24.59 -19.65
CA ALA B 1056 7.75 -24.24 -20.99
C ALA B 1056 8.91 -24.10 -21.97
N LYS B 1057 10.03 -23.52 -21.53
CA LYS B 1057 11.19 -23.39 -22.41
C LYS B 1057 11.75 -24.75 -22.78
N TRP B 1058 11.79 -25.66 -21.81
CA TRP B 1058 12.22 -27.03 -22.05
C TRP B 1058 11.30 -27.70 -23.07
N LEU B 1059 9.99 -27.50 -22.96
CA LEU B 1059 9.07 -28.11 -23.91
C LEU B 1059 9.28 -27.55 -25.31
N ASP B 1060 9.57 -26.26 -25.42
CA ASP B 1060 9.89 -25.68 -26.72
C ASP B 1060 11.20 -26.26 -27.26
N GLY B 1061 12.16 -26.51 -26.37
CA GLY B 1061 13.40 -27.15 -26.78
C GLY B 1061 13.16 -28.42 -27.58
N LYS B 1062 12.29 -29.29 -27.08
CA LYS B 1062 12.02 -30.57 -27.73
C LYS B 1062 10.88 -30.50 -28.76
N GLY B 1063 10.48 -29.30 -29.17
CA GLY B 1063 9.46 -29.19 -30.19
C GLY B 1063 8.07 -29.59 -29.76
N ALA B 1064 7.82 -29.74 -28.45
CA ALA B 1064 6.49 -30.08 -27.96
C ALA B 1064 5.64 -28.82 -27.95
N ARG B 1065 5.26 -28.39 -29.17
CA ARG B 1065 4.74 -27.04 -29.35
C ARG B 1065 3.38 -26.85 -28.71
N ALA B 1066 2.47 -27.83 -28.87
CA ALA B 1066 1.17 -27.71 -28.23
C ALA B 1066 1.30 -27.70 -26.71
N GLU B 1067 2.19 -28.52 -26.16
CA GLU B 1067 2.34 -28.57 -24.71
C GLU B 1067 2.98 -27.29 -24.18
N ALA B 1068 4.00 -26.77 -24.87
CA ALA B 1068 4.60 -25.51 -24.46
C ALA B 1068 3.56 -24.38 -24.44
N GLU B 1069 2.70 -24.35 -25.45
CA GLU B 1069 1.60 -23.39 -25.48
C GLU B 1069 0.66 -23.58 -24.30
N ALA B 1070 0.28 -24.83 -24.03
CA ALA B 1070 -0.54 -25.12 -22.86
C ALA B 1070 0.14 -24.68 -21.58
N ALA B 1071 1.46 -24.87 -21.49
CA ALA B 1071 2.17 -24.50 -20.28
C ALA B 1071 2.11 -22.99 -20.04
N ARG B 1072 2.45 -22.21 -21.07
CA ARG B 1072 2.39 -20.75 -20.97
C ARG B 1072 0.98 -20.28 -20.61
N ASN B 1073 -0.03 -20.88 -21.22
CA ASN B 1073 -1.41 -20.53 -20.90
C ASN B 1073 -1.75 -20.88 -19.46
N ALA B 1074 -1.24 -22.01 -18.96
CA ALA B 1074 -1.44 -22.33 -17.56
C ALA B 1074 -0.78 -21.28 -16.67
N GLY B 1075 0.48 -20.92 -16.98
CA GLY B 1075 1.18 -19.93 -16.18
C GLY B 1075 0.40 -18.63 -16.05
N SER B 1076 -0.19 -18.18 -17.15
CA SER B 1076 -1.00 -16.96 -17.13
C SER B 1076 -2.31 -17.17 -16.39
N SER B 1077 -3.02 -18.28 -16.67
CA SER B 1077 -4.34 -18.48 -16.08
C SER B 1077 -4.27 -18.70 -14.58
N SER B 1078 -3.14 -19.19 -14.09
CA SER B 1078 -3.01 -19.48 -12.66
C SER B 1078 -3.24 -18.22 -11.84
N ALA B 1079 -4.01 -18.37 -10.76
CA ALA B 1079 -4.18 -17.30 -9.81
C ALA B 1079 -3.26 -17.44 -8.60
N LEU B 1080 -2.23 -18.26 -8.70
CA LEU B 1080 -1.20 -18.31 -7.65
C LEU B 1080 -0.61 -16.92 -7.41
N GLY B 1081 -0.56 -16.52 -6.14
CA GLY B 1081 -0.03 -15.22 -5.79
C GLY B 1081 -1.10 -14.16 -5.61
N LEU B 1082 -2.36 -14.50 -5.87
CA LEU B 1082 -3.47 -13.59 -5.56
CA LEU B 1082 -3.46 -13.58 -5.56
C LEU B 1082 -3.35 -13.09 -4.12
N ASP B 1083 -3.55 -11.80 -3.93
CA ASP B 1083 -3.34 -11.19 -2.62
C ASP B 1083 -4.33 -10.03 -2.46
N LEU B 1084 -5.47 -10.31 -1.84
CA LEU B 1084 -6.58 -9.37 -1.75
C LEU B 1084 -6.85 -8.98 -0.31
N GLU B 1085 -7.22 -7.72 -0.08
CA GLU B 1085 -7.90 -7.34 1.15
C GLU B 1085 -9.40 -7.34 0.90
N LEU B 1086 -10.16 -8.07 1.76
CA LEU B 1086 -11.61 -8.14 1.59
C LEU B 1086 -12.31 -7.03 2.38
N PRO B 1087 -13.45 -6.53 1.91
CA PRO B 1087 -14.20 -5.53 2.68
C PRO B 1087 -14.71 -6.12 3.99
N GLY B 1088 -14.61 -5.32 5.06
CA GLY B 1088 -15.14 -5.73 6.34
C GLY B 1088 -15.24 -4.56 7.32
N PRO B 1089 -15.24 -4.88 8.61
CA PRO B 1089 -15.36 -3.83 9.62
C PRO B 1089 -14.09 -3.02 9.75
N VAL B 1090 -14.25 -1.77 10.19
CA VAL B 1090 -13.10 -0.97 10.53
C VAL B 1090 -12.34 -1.65 11.66
N GLY B 1091 -11.07 -1.25 11.83
CA GLY B 1091 -10.27 -1.79 12.91
C GLY B 1091 -9.85 -3.22 12.70
N GLU B 1092 -9.96 -3.71 11.48
CA GLU B 1092 -9.61 -5.09 11.13
C GLU B 1092 -9.15 -5.10 9.68
N ARG B 1093 -8.12 -5.89 9.39
CA ARG B 1093 -7.71 -6.12 8.00
C ARG B 1093 -7.93 -7.59 7.67
N ASN B 1094 -8.75 -7.86 6.66
CA ASN B 1094 -9.11 -9.24 6.33
C ASN B 1094 -8.54 -9.57 4.96
N LEU B 1095 -7.55 -10.47 4.95
CA LEU B 1095 -6.74 -10.78 3.77
C LEU B 1095 -7.08 -12.16 3.24
N TYR B 1096 -6.89 -12.32 1.92
CA TYR B 1096 -7.24 -13.56 1.23
C TYR B 1096 -6.19 -13.79 0.18
N THR B 1097 -5.51 -14.93 0.24
CA THR B 1097 -4.35 -15.17 -0.60
C THR B 1097 -4.40 -16.58 -1.15
N LEU B 1098 -3.84 -16.76 -2.33
CA LEU B 1098 -3.75 -18.09 -2.95
C LEU B 1098 -2.29 -18.50 -3.05
N HIS B 1099 -1.98 -19.67 -2.47
CA HIS B 1099 -0.64 -20.24 -2.42
C HIS B 1099 -0.62 -21.58 -3.14
N ALA B 1100 0.59 -22.11 -3.33
CA ALA B 1100 0.71 -23.49 -3.79
C ALA B 1100 0.07 -24.43 -2.77
N ARG B 1101 -0.48 -25.56 -3.26
CA ARG B 1101 -1.09 -26.54 -2.38
C ARG B 1101 -0.06 -27.44 -1.69
N GLY B 1102 1.05 -27.75 -2.38
CA GLY B 1102 2.02 -28.71 -1.88
C GLY B 1102 2.57 -29.61 -2.99
N ARG B 1103 2.49 -30.93 -2.81
CA ARG B 1103 2.93 -31.88 -3.83
C ARG B 1103 1.70 -32.54 -4.42
N ILE B 1104 1.53 -32.42 -5.71
CA ILE B 1104 0.38 -32.97 -6.40
C ILE B 1104 0.75 -34.35 -6.94
N LEU B 1105 -0.09 -35.34 -6.66
CA LEU B 1105 0.11 -36.66 -7.22
C LEU B 1105 -0.35 -36.65 -8.67
N LEU B 1106 0.54 -37.01 -9.58
CA LEU B 1106 0.22 -37.08 -11.00
C LEU B 1106 0.10 -38.55 -11.41
N VAL B 1107 -1.03 -38.88 -12.04
CA VAL B 1107 -1.21 -40.23 -12.57
C VAL B 1107 -1.47 -40.10 -14.06
N PRO B 1108 -0.42 -39.90 -14.87
CA PRO B 1108 -0.62 -39.79 -16.32
C PRO B 1108 -0.84 -41.16 -16.96
N ALA B 1109 -1.36 -41.11 -18.18
CA ALA B 1109 -1.36 -42.25 -19.08
C ALA B 1109 -0.35 -42.10 -20.21
N THR B 1110 -0.20 -40.90 -20.74
CA THR B 1110 0.59 -40.65 -21.93
C THR B 1110 1.64 -39.58 -21.65
N GLU B 1111 2.62 -39.48 -22.56
CA GLU B 1111 3.64 -38.46 -22.39
C GLU B 1111 3.03 -37.06 -22.44
N SER B 1112 2.18 -36.81 -23.44
CA SER B 1112 1.55 -35.50 -23.57
C SER B 1112 0.69 -35.19 -22.36
N GLY B 1113 -0.07 -36.18 -21.88
CA GLY B 1113 -0.86 -35.97 -20.68
C GLY B 1113 -0.01 -35.61 -19.49
N LEU B 1114 1.15 -36.27 -19.35
CA LEU B 1114 2.09 -35.92 -18.28
C LEU B 1114 2.53 -34.47 -18.40
N TYR B 1115 2.87 -34.03 -19.61
CA TYR B 1115 3.30 -32.65 -19.79
C TYR B 1115 2.21 -31.68 -19.42
N HIS B 1116 0.96 -31.99 -19.78
CA HIS B 1116 -0.15 -31.11 -19.42
C HIS B 1116 -0.38 -31.11 -17.91
N GLN B 1117 -0.32 -32.29 -17.26
CA GLN B 1117 -0.48 -32.32 -15.80
C GLN B 1117 0.64 -31.55 -15.12
N LEU B 1118 1.86 -31.75 -15.58
CA LEU B 1118 2.99 -31.05 -14.97
C LEU B 1118 2.84 -29.54 -15.12
N ALA B 1119 2.43 -29.08 -16.30
CA ALA B 1119 2.23 -27.64 -16.49
C ALA B 1119 1.15 -27.10 -15.56
N ALA B 1120 0.07 -27.86 -15.34
CA ALA B 1120 -0.97 -27.40 -14.42
C ALA B 1120 -0.44 -27.30 -13.01
N ALA B 1121 0.31 -28.32 -12.55
CA ALA B 1121 0.80 -28.31 -11.18
C ALA B 1121 1.89 -27.28 -10.98
N LEU B 1122 2.77 -27.11 -11.96
CA LEU B 1122 3.86 -26.15 -11.83
C LEU B 1122 3.34 -24.72 -11.91
N ALA B 1123 2.37 -24.46 -12.79
CA ALA B 1123 1.81 -23.11 -12.92
C ALA B 1123 1.18 -22.63 -11.62
N THR B 1124 0.71 -23.54 -10.78
CA THR B 1124 0.13 -23.18 -9.50
C THR B 1124 1.10 -23.40 -8.34
N GLY B 1125 2.39 -23.50 -8.63
CA GLY B 1125 3.42 -23.43 -7.61
C GLY B 1125 3.74 -24.72 -6.92
N ASN B 1126 3.15 -25.83 -7.35
CA ASN B 1126 3.30 -27.11 -6.66
C ASN B 1126 4.53 -27.88 -7.14
N SER B 1127 4.98 -28.80 -6.30
CA SER B 1127 5.82 -29.91 -6.72
C SER B 1127 4.92 -31.08 -7.07
N VAL B 1128 5.53 -32.16 -7.58
CA VAL B 1128 4.74 -33.28 -8.07
C VAL B 1128 5.38 -34.60 -7.65
N ALA B 1129 4.51 -35.61 -7.48
CA ALA B 1129 4.91 -37.00 -7.40
C ALA B 1129 4.22 -37.70 -8.57
N ILE B 1130 5.01 -38.19 -9.51
CA ILE B 1130 4.47 -38.84 -10.70
C ILE B 1130 4.37 -40.34 -10.43
N ASP B 1131 3.24 -40.92 -10.78
CA ASP B 1131 3.06 -42.36 -10.65
C ASP B 1131 4.13 -43.12 -11.44
N ALA B 1132 5.02 -43.83 -10.73
CA ALA B 1132 6.09 -44.54 -11.43
C ALA B 1132 5.53 -45.64 -12.32
N ALA B 1133 4.35 -46.17 -12.00
CA ALA B 1133 3.76 -47.23 -12.79
C ALA B 1133 3.35 -46.76 -14.17
N SER B 1134 3.24 -45.45 -14.37
CA SER B 1134 2.94 -44.90 -15.70
C SER B 1134 3.99 -45.33 -16.72
N GLY B 1135 5.21 -45.59 -16.27
CA GLY B 1135 6.28 -45.97 -17.17
C GLY B 1135 6.75 -44.85 -18.08
N LEU B 1136 6.61 -43.59 -17.66
CA LEU B 1136 6.92 -42.46 -18.52
C LEU B 1136 8.22 -41.76 -18.12
N GLN B 1137 9.10 -42.46 -17.38
CA GLN B 1137 10.31 -41.84 -16.86
C GLN B 1137 11.16 -41.24 -17.97
N ALA B 1138 11.22 -41.90 -19.13
CA ALA B 1138 12.04 -41.41 -20.24
C ALA B 1138 11.54 -40.09 -20.80
N SER B 1139 10.30 -39.70 -20.51
CA SER B 1139 9.75 -38.47 -21.05
C SER B 1139 10.37 -37.21 -20.43
N LEU B 1140 11.09 -37.33 -19.33
CA LEU B 1140 11.66 -36.18 -18.63
C LEU B 1140 13.17 -36.17 -18.74
N LYS B 1141 13.69 -36.56 -19.90
CA LYS B 1141 15.12 -36.60 -20.14
C LYS B 1141 15.66 -35.18 -20.29
N ASN B 1142 16.61 -34.81 -19.44
CA ASN B 1142 17.30 -33.51 -19.49
C ASN B 1142 16.38 -32.37 -19.07
N LEU B 1143 15.57 -32.59 -18.03
CA LEU B 1143 14.83 -31.51 -17.41
C LEU B 1143 15.81 -30.53 -16.77
N PRO B 1144 15.54 -29.23 -16.84
CA PRO B 1144 16.35 -28.28 -16.06
C PRO B 1144 16.26 -28.63 -14.57
N GLN B 1145 17.37 -28.41 -13.87
CA GLN B 1145 17.39 -28.70 -12.44
C GLN B 1145 16.29 -27.96 -11.70
N THR B 1146 15.93 -26.75 -12.14
CA THR B 1146 14.85 -26.03 -11.47
C THR B 1146 13.55 -26.81 -11.55
N VAL B 1147 13.25 -27.41 -12.70
CA VAL B 1147 12.05 -28.23 -12.79
C VAL B 1147 12.25 -29.57 -12.10
N GLY B 1148 13.42 -30.19 -12.30
CA GLY B 1148 13.68 -31.49 -11.68
C GLY B 1148 13.54 -31.45 -10.17
N LEU B 1149 14.04 -30.39 -9.53
CA LEU B 1149 13.91 -30.26 -8.08
C LEU B 1149 12.47 -30.35 -7.62
N ARG B 1150 11.51 -30.07 -8.50
CA ARG B 1150 10.10 -30.16 -8.13
C ARG B 1150 9.49 -31.52 -8.41
N VAL B 1151 10.21 -32.41 -9.07
CA VAL B 1151 9.67 -33.65 -9.62
C VAL B 1151 10.22 -34.82 -8.82
N SER B 1152 9.34 -35.68 -8.33
CA SER B 1152 9.71 -36.96 -7.77
C SER B 1152 8.86 -38.03 -8.44
N TRP B 1153 9.29 -39.28 -8.33
CA TRP B 1153 8.56 -40.40 -8.86
C TRP B 1153 8.18 -41.31 -7.71
N SER B 1154 6.94 -41.77 -7.68
CA SER B 1154 6.44 -42.55 -6.56
C SER B 1154 6.01 -43.94 -7.02
N LYS B 1155 6.59 -44.97 -6.41
CA LYS B 1155 6.16 -46.35 -6.55
C LYS B 1155 5.27 -46.79 -5.38
N ASP B 1156 4.87 -45.85 -4.52
CA ASP B 1156 4.21 -46.18 -3.27
C ASP B 1156 3.53 -44.89 -2.81
N TRP B 1157 2.31 -44.67 -3.32
CA TRP B 1157 1.60 -43.41 -3.07
C TRP B 1157 1.33 -43.21 -1.59
N ALA B 1158 0.92 -44.28 -0.89
CA ALA B 1158 0.62 -44.14 0.53
C ALA B 1158 1.84 -43.75 1.33
N ALA B 1159 2.99 -44.34 1.01
CA ALA B 1159 4.20 -44.03 1.77
C ALA B 1159 4.81 -42.69 1.40
N ASP B 1160 4.56 -42.20 0.20
CA ASP B 1160 5.25 -41.02 -0.28
C ASP B 1160 4.45 -39.74 -0.07
N GLY B 1161 3.20 -39.84 0.37
CA GLY B 1161 2.40 -38.69 0.71
C GLY B 1161 2.79 -38.10 2.06
N PRO B 1162 1.95 -37.19 2.59
CA PRO B 1162 0.67 -36.80 2.02
C PRO B 1162 0.80 -35.89 0.83
N PHE B 1163 -0.08 -36.08 -0.13
CA PHE B 1163 -0.16 -35.18 -1.26
C PHE B 1163 -1.22 -34.12 -0.96
N ALA B 1164 -1.29 -33.12 -1.85
CA ALA B 1164 -2.21 -32.00 -1.70
C ALA B 1164 -3.26 -31.99 -2.79
N GLY B 1165 -3.32 -33.01 -3.63
CA GLY B 1165 -4.23 -33.05 -4.76
C GLY B 1165 -3.76 -34.07 -5.77
N ALA B 1166 -4.60 -34.33 -6.77
CA ALA B 1166 -4.26 -35.35 -7.75
C ALA B 1166 -4.83 -35.02 -9.12
N LEU B 1167 -4.04 -35.31 -10.15
CA LEU B 1167 -4.46 -35.20 -11.54
C LEU B 1167 -4.35 -36.59 -12.16
N VAL B 1168 -5.42 -37.04 -12.79
CA VAL B 1168 -5.47 -38.37 -13.39
C VAL B 1168 -5.82 -38.24 -14.87
N GLU B 1169 -5.15 -39.04 -15.70
CA GLU B 1169 -5.45 -39.18 -17.11
C GLU B 1169 -5.78 -40.65 -17.38
N GLY B 1170 -6.91 -40.91 -18.04
CA GLY B 1170 -7.24 -42.29 -18.37
C GLY B 1170 -8.68 -42.39 -18.83
N ASP B 1171 -9.04 -43.61 -19.24
CA ASP B 1171 -10.43 -43.86 -19.58
C ASP B 1171 -11.24 -44.06 -18.31
N ALA B 1172 -12.53 -44.36 -18.48
CA ALA B 1172 -13.45 -44.47 -17.36
C ALA B 1172 -12.97 -45.51 -16.35
N GLU B 1173 -12.55 -46.69 -16.84
CA GLU B 1173 -12.11 -47.75 -15.95
C GLU B 1173 -10.85 -47.35 -15.21
N ARG B 1174 -9.89 -46.77 -15.93
CA ARG B 1174 -8.67 -46.28 -15.28
C ARG B 1174 -9.01 -45.24 -14.22
N ILE B 1175 -9.89 -44.31 -14.55
CA ILE B 1175 -10.21 -43.24 -13.61
C ILE B 1175 -10.86 -43.81 -12.35
N ARG B 1176 -11.80 -44.73 -12.51
CA ARG B 1176 -12.43 -45.33 -11.33
C ARG B 1176 -11.39 -46.05 -10.47
N ALA B 1177 -10.49 -46.81 -11.11
CA ALA B 1177 -9.51 -47.58 -10.37
C ALA B 1177 -8.53 -46.68 -9.62
N VAL B 1178 -8.12 -45.59 -10.26
CA VAL B 1178 -7.20 -44.65 -9.61
C VAL B 1178 -7.91 -43.91 -8.49
N ASN B 1179 -9.16 -43.52 -8.73
CA ASN B 1179 -9.92 -42.79 -7.72
C ASN B 1179 -10.13 -43.63 -6.46
N LYS B 1180 -10.41 -44.93 -6.63
CA LYS B 1180 -10.53 -45.82 -5.48
C LYS B 1180 -9.22 -45.93 -4.71
N ALA B 1181 -8.09 -46.05 -5.42
CA ALA B 1181 -6.81 -46.12 -4.73
C ALA B 1181 -6.51 -44.84 -3.96
N ILE B 1182 -6.83 -43.68 -4.55
CA ILE B 1182 -6.54 -42.42 -3.88
C ILE B 1182 -7.41 -42.26 -2.66
N ALA B 1183 -8.67 -42.70 -2.75
CA ALA B 1183 -9.55 -42.69 -1.58
C ALA B 1183 -9.02 -43.57 -0.45
N ALA B 1184 -8.22 -44.58 -0.75
CA ALA B 1184 -7.67 -45.43 0.31
C ALA B 1184 -6.34 -44.90 0.86
N LEU B 1185 -5.84 -43.78 0.34
CA LEU B 1185 -4.61 -43.23 0.86
C LEU B 1185 -4.85 -42.66 2.26
N PRO B 1186 -3.90 -42.84 3.18
CA PRO B 1186 -4.08 -42.29 4.53
C PRO B 1186 -3.95 -40.78 4.54
N GLY B 1187 -4.52 -40.17 5.57
CA GLY B 1187 -4.33 -38.76 5.82
C GLY B 1187 -5.38 -37.91 5.13
N PRO B 1188 -4.96 -36.82 4.48
CA PRO B 1188 -5.94 -35.89 3.90
C PRO B 1188 -6.72 -36.51 2.76
N LEU B 1189 -7.97 -36.04 2.60
CA LEU B 1189 -8.77 -36.39 1.43
C LEU B 1189 -8.29 -35.55 0.27
N LEU B 1190 -7.86 -36.21 -0.81
CA LEU B 1190 -7.37 -35.48 -1.97
C LEU B 1190 -8.51 -35.03 -2.87
N LEU B 1191 -8.38 -33.82 -3.40
CA LEU B 1191 -9.23 -33.35 -4.48
C LEU B 1191 -8.70 -33.94 -5.77
N VAL B 1192 -9.45 -34.86 -6.38
CA VAL B 1192 -9.01 -35.56 -7.59
C VAL B 1192 -9.63 -34.89 -8.81
N GLN B 1193 -8.81 -34.64 -9.83
CA GLN B 1193 -9.31 -34.22 -11.13
C GLN B 1193 -8.88 -35.23 -12.17
N ALA B 1194 -9.82 -35.63 -13.03
CA ALA B 1194 -9.54 -36.63 -14.05
C ALA B 1194 -9.91 -36.10 -15.43
N ALA B 1195 -9.23 -36.63 -16.43
CA ALA B 1195 -9.60 -36.34 -17.81
C ALA B 1195 -9.10 -37.49 -18.67
N SER B 1196 -9.73 -37.66 -19.82
CA SER B 1196 -9.23 -38.61 -20.80
C SER B 1196 -8.12 -37.96 -21.62
N SER B 1197 -7.30 -38.81 -22.25
CA SER B 1197 -6.31 -38.26 -23.17
C SER B 1197 -6.96 -37.43 -24.25
N GLY B 1198 -8.17 -37.80 -24.68
CA GLY B 1198 -8.88 -37.00 -25.67
C GLY B 1198 -9.26 -35.64 -25.14
N GLU B 1199 -9.80 -35.61 -23.90
CA GLU B 1199 -10.15 -34.32 -23.30
C GLU B 1199 -8.93 -33.44 -23.14
N ILE B 1200 -7.81 -34.02 -22.73
CA ILE B 1200 -6.59 -33.23 -22.53
C ILE B 1200 -6.16 -32.59 -23.85
N ALA B 1201 -6.33 -33.33 -24.95
CA ALA B 1201 -5.94 -32.82 -26.26
C ALA B 1201 -6.91 -31.76 -26.78
N ARG B 1202 -8.19 -31.86 -26.43
CA ARG B 1202 -9.21 -31.00 -27.03
C ARG B 1202 -9.60 -29.82 -26.15
N ASN B 1203 -9.54 -29.96 -24.82
CA ASN B 1203 -10.01 -28.92 -23.91
C ASN B 1203 -8.85 -28.30 -23.14
N PRO B 1204 -8.59 -27.00 -23.31
CA PRO B 1204 -7.51 -26.36 -22.55
C PRO B 1204 -7.76 -26.36 -21.05
N ASP B 1205 -9.01 -26.44 -20.62
CA ASP B 1205 -9.36 -26.49 -19.20
C ASP B 1205 -9.72 -27.90 -18.75
N ALA B 1206 -9.06 -28.91 -19.31
CA ALA B 1206 -9.29 -30.28 -18.86
C ALA B 1206 -9.05 -30.41 -17.36
N TYR B 1207 -8.01 -29.75 -16.85
CA TYR B 1207 -7.71 -29.69 -15.42
C TYR B 1207 -7.89 -28.25 -14.94
N CYS B 1208 -8.69 -28.07 -13.89
CA CYS B 1208 -9.03 -26.73 -13.44
C CYS B 1208 -7.99 -26.24 -12.42
N LEU B 1209 -7.36 -25.11 -12.72
CA LEU B 1209 -6.34 -24.58 -11.83
C LEU B 1209 -6.94 -24.01 -10.54
N ASN B 1210 -8.25 -23.87 -10.45
CA ASN B 1210 -8.87 -23.41 -9.20
C ASN B 1210 -8.52 -24.34 -8.05
N TRP B 1211 -8.43 -25.64 -8.32
CA TRP B 1211 -8.30 -26.64 -7.27
C TRP B 1211 -6.86 -27.01 -6.96
N LEU B 1212 -5.89 -26.34 -7.60
CA LEU B 1212 -4.47 -26.63 -7.40
C LEU B 1212 -3.75 -25.54 -6.60
N VAL B 1213 -4.49 -24.59 -6.05
CA VAL B 1213 -3.91 -23.60 -5.16
C VAL B 1213 -4.59 -23.76 -3.80
N GLU B 1214 -3.96 -23.23 -2.77
CA GLU B 1214 -4.51 -23.25 -1.42
C GLU B 1214 -4.97 -21.85 -1.02
N GLU B 1215 -6.20 -21.77 -0.53
CA GLU B 1215 -6.73 -20.50 -0.01
C GLU B 1215 -6.29 -20.30 1.42
N VAL B 1216 -5.93 -19.07 1.76
CA VAL B 1216 -5.57 -18.73 3.13
C VAL B 1216 -6.26 -17.43 3.48
N SER B 1217 -7.02 -17.44 4.57
CA SER B 1217 -7.62 -16.24 5.14
C SER B 1217 -6.81 -15.82 6.36
N ALA B 1218 -6.57 -14.51 6.47
CA ALA B 1218 -5.90 -13.93 7.63
C ALA B 1218 -6.68 -12.70 8.10
N SER B 1219 -7.02 -12.68 9.38
CA SER B 1219 -7.77 -11.57 9.97
C SER B 1219 -6.92 -10.95 11.05
N ILE B 1220 -6.54 -9.68 10.85
CA ILE B 1220 -5.66 -8.95 11.77
C ILE B 1220 -6.51 -7.88 12.46
N ASN B 1221 -6.56 -7.94 13.79
CA ASN B 1221 -7.17 -6.89 14.61
C ASN B 1221 -6.21 -5.70 14.67
N THR B 1222 -6.50 -4.67 13.88
CA THR B 1222 -5.66 -3.46 13.83
C THR B 1222 -6.03 -2.42 14.88
N ALA B 1223 -7.04 -2.68 15.70
CA ALA B 1223 -7.27 -1.86 16.87
C ALA B 1223 -6.52 -2.37 18.10
N ALA B 1224 -5.71 -3.43 17.95
CA ALA B 1224 -5.22 -4.19 19.09
C ALA B 1224 -4.22 -3.44 19.97
N ALA B 1225 -3.51 -2.44 19.44
CA ALA B 1225 -2.62 -1.64 20.28
C ALA B 1225 -3.36 -0.58 21.08
N GLY B 1226 -4.68 -0.50 20.94
CA GLY B 1226 -5.47 0.43 21.74
C GLY B 1226 -6.27 1.42 20.93
N GLY B 1227 -6.28 1.27 19.60
CA GLY B 1227 -7.04 2.19 18.79
C GLY B 1227 -6.81 1.97 17.32
N ASN B 1228 -7.45 2.82 16.53
CA ASN B 1228 -7.55 2.66 15.08
C ASN B 1228 -6.93 3.89 14.43
N ALA B 1229 -5.73 3.72 13.87
CA ALA B 1229 -5.07 4.83 13.17
C ALA B 1229 -5.88 5.29 11.97
N SER B 1230 -6.47 4.35 11.22
CA SER B 1230 -7.15 4.70 9.97
C SER B 1230 -8.37 5.59 10.22
N LEU B 1231 -9.15 5.29 11.26
CA LEU B 1231 -10.33 6.09 11.55
C LEU B 1231 -9.99 7.42 12.21
N MET B 1232 -8.84 7.50 12.90
CA MET B 1232 -8.42 8.77 13.48
C MET B 1232 -8.25 9.85 12.40
N ALA B 1233 -7.99 9.45 11.16
CA ALA B 1233 -7.87 10.37 10.04
C ALA B 1233 -9.17 10.49 9.24
N ILE B 1234 -10.28 10.03 9.79
CA ILE B 1234 -11.57 10.04 9.09
C ILE B 1234 -12.53 11.06 9.70
#